data_8AW2
#
_entry.id   8AW2
#
_cell.length_a   1.00
_cell.length_b   1.00
_cell.length_c   1.00
_cell.angle_alpha   90.00
_cell.angle_beta   90.00
_cell.angle_gamma   90.00
#
_symmetry.space_group_name_H-M   'P 1'
#
loop_
_entity.id
_entity.type
_entity.pdbx_description
1 polymer '5-hydroxytryptamine receptor 3A'
2 branched beta-D-mannopyranose-(1-4)-2-acetamido-2-deoxy-beta-D-glucopyranose-(1-4)-2-acetamido-2-deoxy-beta-D-glucopyranose
3 branched 2-acetamido-2-deoxy-beta-D-glucopyranose-(1-4)-2-acetamido-2-deoxy-beta-D-glucopyranose
4 non-polymer 2-acetamido-2-deoxy-beta-D-glucopyranose
5 non-polymer 'CHLORIDE ION'
6 non-polymer Vortioxetine
#
_entity_poly.entity_id   1
_entity_poly.type   'polypeptide(L)'
_entity_poly.pdbx_seq_one_letter_code
;MRLCIPQVLLALFLSMLTGPGEGSRRRWSHPQFEKGGGSGGGSGGGSWSHPQFEKGGGSGGGSGGGSWSHPQFEKGGGSG
GGSGGGSWSHPQFEKENLYFQGSGATQARDTTQPALLRLSDHLLANYKKGVRPVRDWRKPTTVSIDVIMYAILNVDEKNQ
VLTTYIWYRQYWTDEFLQWTPEDFDNVTKLSIPTDSIWVPDILINEFVDVGKSPNIPYVYVHHRGEVQNYKPLQLVTACS
LDIYNFPFDVQNCSLTFTSWLHTIQDINITLWRSPEEVRSDKSIFINQGEWELLEVFPQFKEFSIDISNSYAEMKFYVII
RRRPLFYAVSLLLPSIFLMVVDIVGFCLPPDSGERVSFKITLLLGYSVFLIIVSDTLPATAIGTPLIGVYFVVCMALLVI
SLAETIFIVRLVHKQDLQRPVPDWLRHLVLDRAAWILCLGEQPMAHRPPATFQANKTDDCSGSDLLPAMGNHCSHVGGPQ
DLEKTPRGRGSPLPPPREASLAVRGLLQELSSIRHFLEKRDEMREVARDWLRVGYVLDRLLFRIYLLAVLAYSITLVTLW
SIWHLW
;
_entity_poly.pdbx_strand_id   A,B,C,D,E
#
loop_
_chem_comp.id
_chem_comp.type
_chem_comp.name
_chem_comp.formula
BMA D-saccharide, beta linking beta-D-mannopyranose 'C6 H12 O6'
CL non-polymer 'CHLORIDE ION' 'Cl -1'
NAG D-saccharide, beta linking 2-acetamido-2-deoxy-beta-D-glucopyranose 'C8 H15 N O6'
VTX non-polymer Vortioxetine 'C18 H22 N2 S'
#
# COMPACT_ATOMS: atom_id res chain seq x y z
N THR A 112 12.66 -58.67 -28.73
CA THR A 112 11.36 -58.04 -28.54
C THR A 112 11.51 -56.60 -28.06
N GLN A 113 10.39 -55.89 -27.99
CA GLN A 113 10.42 -54.49 -27.56
C GLN A 113 10.67 -54.40 -26.05
N PRO A 114 11.10 -53.24 -25.57
CA PRO A 114 11.29 -53.06 -24.13
C PRO A 114 9.98 -53.24 -23.37
N ALA A 115 10.10 -53.67 -22.11
CA ALA A 115 8.93 -53.99 -21.31
C ALA A 115 8.04 -52.78 -21.11
N LEU A 116 8.63 -51.61 -20.82
CA LEU A 116 7.82 -50.42 -20.56
C LEU A 116 7.06 -50.00 -21.81
N LEU A 117 7.69 -50.10 -22.98
CA LEU A 117 6.98 -49.77 -24.22
C LEU A 117 5.84 -50.74 -24.47
N ARG A 118 6.09 -52.03 -24.34
CA ARG A 118 5.04 -53.01 -24.54
C ARG A 118 3.92 -52.84 -23.53
N LEU A 119 4.28 -52.64 -22.26
CA LEU A 119 3.26 -52.51 -21.22
C LEU A 119 2.41 -51.26 -21.43
N SER A 120 3.05 -50.14 -21.71
CA SER A 120 2.29 -48.90 -21.93
C SER A 120 1.43 -48.99 -23.17
N ASP A 121 1.95 -49.59 -24.24
CA ASP A 121 1.16 -49.76 -25.45
C ASP A 121 -0.03 -50.67 -25.20
N HIS A 122 0.15 -51.72 -24.42
CA HIS A 122 -0.95 -52.63 -24.10
C HIS A 122 -2.00 -51.94 -23.25
N LEU A 123 -1.57 -51.17 -22.24
CA LEU A 123 -2.53 -50.54 -21.34
C LEU A 123 -3.29 -49.41 -22.02
N LEU A 124 -2.58 -48.52 -22.70
CA LEU A 124 -3.18 -47.30 -23.21
C LEU A 124 -3.82 -47.47 -24.58
N ALA A 125 -3.68 -48.62 -25.22
CA ALA A 125 -4.42 -48.88 -26.45
C ALA A 125 -5.90 -48.99 -26.16
N ASN A 126 -6.71 -48.31 -26.96
CA ASN A 126 -8.17 -48.25 -26.80
C ASN A 126 -8.58 -48.00 -25.35
N TYR A 127 -7.79 -47.21 -24.63
CA TYR A 127 -8.14 -46.78 -23.29
C TYR A 127 -8.89 -45.46 -23.36
N LYS A 128 -10.00 -45.36 -22.64
CA LYS A 128 -10.84 -44.18 -22.65
C LYS A 128 -10.71 -43.44 -21.33
N LYS A 129 -10.36 -42.16 -21.40
CA LYS A 129 -10.23 -41.36 -20.18
C LYS A 129 -11.57 -40.97 -19.58
N GLY A 130 -12.60 -40.83 -20.42
CA GLY A 130 -13.87 -40.32 -19.93
C GLY A 130 -14.62 -41.30 -19.07
N VAL A 131 -14.42 -42.59 -19.27
CA VAL A 131 -15.16 -43.60 -18.53
C VAL A 131 -14.56 -43.76 -17.14
N ARG A 132 -15.42 -43.90 -16.15
CA ARG A 132 -14.96 -44.22 -14.81
C ARG A 132 -14.46 -45.66 -14.81
N PRO A 133 -13.23 -45.92 -14.40
CA PRO A 133 -12.65 -47.24 -14.63
C PRO A 133 -13.18 -48.33 -13.70
N VAL A 134 -14.38 -48.82 -14.00
CA VAL A 134 -14.95 -49.97 -13.30
C VAL A 134 -15.57 -50.89 -14.33
N ARG A 135 -15.31 -52.19 -14.19
CA ARG A 135 -15.94 -53.16 -15.07
C ARG A 135 -17.42 -53.32 -14.76
N ASP A 136 -17.81 -53.15 -13.50
CA ASP A 136 -19.20 -53.12 -13.08
C ASP A 136 -19.53 -51.72 -12.62
N TRP A 137 -20.49 -51.07 -13.29
CA TRP A 137 -20.75 -49.66 -13.03
C TRP A 137 -21.39 -49.43 -11.66
N ARG A 138 -21.88 -50.47 -11.00
CA ARG A 138 -22.42 -50.30 -9.66
C ARG A 138 -21.34 -50.09 -8.61
N LYS A 139 -20.12 -50.51 -8.88
CA LYS A 139 -19.04 -50.39 -7.90
C LYS A 139 -18.46 -48.98 -7.94
N PRO A 140 -18.52 -48.21 -6.86
CA PRO A 140 -17.86 -46.90 -6.84
C PRO A 140 -16.36 -47.03 -6.77
N THR A 141 -15.67 -46.04 -7.31
CA THR A 141 -14.22 -45.97 -7.21
C THR A 141 -13.85 -45.33 -5.88
N THR A 142 -13.42 -46.14 -4.93
CA THR A 142 -13.04 -45.63 -3.62
C THR A 142 -11.67 -44.98 -3.73
N VAL A 143 -11.62 -43.67 -3.52
CA VAL A 143 -10.39 -42.89 -3.60
C VAL A 143 -9.90 -42.62 -2.18
N SER A 144 -8.65 -42.95 -1.92
CA SER A 144 -8.05 -42.75 -0.60
C SER A 144 -7.27 -41.44 -0.60
N ILE A 145 -7.58 -40.58 0.37
CA ILE A 145 -7.06 -39.22 0.43
C ILE A 145 -6.03 -39.12 1.54
N ASP A 146 -4.95 -38.40 1.28
CA ASP A 146 -3.97 -38.07 2.31
C ASP A 146 -3.50 -36.65 2.08
N VAL A 147 -3.46 -35.86 3.17
CA VAL A 147 -3.09 -34.46 3.10
C VAL A 147 -1.97 -34.21 4.09
N ILE A 148 -0.90 -33.55 3.65
CA ILE A 148 0.24 -33.22 4.49
C ILE A 148 0.44 -31.71 4.38
N MET A 149 0.23 -31.00 5.48
CA MET A 149 0.38 -29.55 5.46
C MET A 149 1.85 -29.18 5.32
N TYR A 150 2.17 -28.26 4.41
CA TYR A 150 3.54 -27.83 4.21
C TYR A 150 3.80 -26.43 4.75
N ALA A 151 2.86 -25.50 4.57
CA ALA A 151 3.06 -24.14 5.05
C ALA A 151 1.71 -23.44 5.14
N ILE A 152 1.61 -22.53 6.10
CA ILE A 152 0.47 -21.61 6.20
C ILE A 152 0.92 -20.32 5.54
N LEU A 153 0.56 -20.13 4.27
CA LEU A 153 1.08 -19.00 3.53
C LEU A 153 0.49 -17.68 4.02
N ASN A 154 -0.81 -17.66 4.30
CA ASN A 154 -1.44 -16.41 4.71
C ASN A 154 -2.75 -16.70 5.42
N VAL A 155 -3.07 -15.86 6.40
CA VAL A 155 -4.37 -15.87 7.07
C VAL A 155 -4.89 -14.45 7.05
N ASP A 156 -5.84 -14.17 6.16
CA ASP A 156 -6.40 -12.83 6.01
C ASP A 156 -7.69 -12.76 6.81
N GLU A 157 -7.62 -12.08 7.95
CA GLU A 157 -8.79 -11.97 8.82
C GLU A 157 -9.82 -10.99 8.27
N LYS A 158 -9.37 -9.97 7.53
CA LYS A 158 -10.31 -9.03 6.94
C LYS A 158 -11.24 -9.71 5.96
N ASN A 159 -10.68 -10.47 5.01
CA ASN A 159 -11.47 -11.22 4.06
C ASN A 159 -11.81 -12.63 4.53
N GLN A 160 -11.25 -13.06 5.66
CA GLN A 160 -11.53 -14.38 6.24
C GLN A 160 -11.15 -15.50 5.27
N VAL A 161 -9.94 -15.42 4.71
CA VAL A 161 -9.46 -16.43 3.77
C VAL A 161 -8.11 -16.97 4.25
N LEU A 162 -7.91 -18.26 4.05
CA LEU A 162 -6.70 -18.95 4.48
C LEU A 162 -6.02 -19.52 3.25
N THR A 163 -4.77 -19.13 3.02
CA THR A 163 -3.96 -19.63 1.92
C THR A 163 -2.89 -20.55 2.50
N THR A 164 -2.98 -21.83 2.14
CA THR A 164 -2.04 -22.84 2.61
C THR A 164 -1.43 -23.56 1.41
N TYR A 165 -0.42 -24.37 1.70
CA TYR A 165 0.20 -25.25 0.73
C TYR A 165 0.16 -26.66 1.30
N ILE A 166 -0.28 -27.63 0.51
CA ILE A 166 -0.31 -29.00 1.00
C ILE A 166 0.32 -29.92 -0.04
N TRP A 167 0.84 -31.03 0.43
CA TRP A 167 1.20 -32.17 -0.40
C TRP A 167 0.07 -33.18 -0.27
N TYR A 168 -0.65 -33.42 -1.36
CA TYR A 168 -1.84 -34.25 -1.35
C TYR A 168 -1.61 -35.44 -2.25
N ARG A 169 -1.78 -36.63 -1.70
CA ARG A 169 -1.63 -37.86 -2.45
C ARG A 169 -2.90 -38.67 -2.36
N GLN A 170 -3.31 -39.24 -3.48
CA GLN A 170 -4.54 -40.01 -3.56
C GLN A 170 -4.26 -41.29 -4.33
N TYR A 171 -5.08 -42.31 -4.08
CA TYR A 171 -4.95 -43.52 -4.87
C TYR A 171 -6.29 -44.20 -5.01
N TRP A 172 -6.53 -44.74 -6.21
CA TRP A 172 -7.77 -45.42 -6.54
C TRP A 172 -7.44 -46.60 -7.44
N THR A 173 -8.34 -47.57 -7.48
CA THR A 173 -8.12 -48.78 -8.27
C THR A 173 -8.74 -48.58 -9.65
N ASP A 174 -7.88 -48.53 -10.67
CA ASP A 174 -8.32 -48.46 -12.06
C ASP A 174 -8.39 -49.88 -12.59
N GLU A 175 -9.60 -50.35 -12.89
CA GLU A 175 -9.79 -51.73 -13.29
C GLU A 175 -9.40 -52.00 -14.73
N PHE A 176 -9.01 -50.97 -15.48
CA PHE A 176 -8.54 -51.14 -16.85
C PHE A 176 -7.02 -51.14 -16.96
N LEU A 177 -6.33 -50.55 -15.99
CA LEU A 177 -4.86 -50.52 -15.98
C LEU A 177 -4.30 -51.67 -15.17
N GLN A 178 -4.65 -52.89 -15.57
CA GLN A 178 -4.21 -54.10 -14.89
C GLN A 178 -3.48 -54.99 -15.87
N TRP A 179 -2.43 -55.67 -15.39
CA TRP A 179 -1.65 -56.56 -16.22
C TRP A 179 -0.98 -57.61 -15.35
N THR A 180 -0.53 -58.68 -16.00
CA THR A 180 0.23 -59.70 -15.31
C THR A 180 1.72 -59.41 -15.47
N PRO A 181 2.45 -59.14 -14.39
CA PRO A 181 3.86 -58.75 -14.54
C PRO A 181 4.72 -59.79 -15.24
N GLU A 182 4.42 -61.08 -15.06
CA GLU A 182 5.25 -62.12 -15.65
C GLU A 182 5.24 -62.08 -17.17
N ASP A 183 4.23 -61.43 -17.78
CA ASP A 183 4.17 -61.28 -19.22
C ASP A 183 4.92 -60.05 -19.73
N PHE A 184 5.36 -59.17 -18.83
CA PHE A 184 6.04 -57.96 -19.24
C PHE A 184 7.39 -57.81 -18.53
N ASP A 185 8.17 -58.88 -18.50
CA ASP A 185 9.51 -58.86 -17.91
C ASP A 185 9.47 -58.47 -16.44
N ASN A 186 8.47 -58.99 -15.72
CA ASN A 186 8.35 -58.81 -14.28
C ASN A 186 8.31 -57.35 -13.86
N VAL A 187 7.69 -56.48 -14.65
CA VAL A 187 7.48 -55.11 -14.23
C VAL A 187 6.21 -55.04 -13.38
N THR A 188 6.33 -54.49 -12.18
CA THR A 188 5.22 -54.46 -11.25
C THR A 188 4.52 -53.12 -11.19
N LYS A 189 5.23 -52.02 -11.46
CA LYS A 189 4.59 -50.72 -11.51
C LYS A 189 5.28 -49.86 -12.55
N LEU A 190 4.55 -48.90 -13.08
CA LEU A 190 5.11 -48.00 -14.08
C LEU A 190 4.42 -46.64 -13.96
N SER A 191 5.13 -45.61 -14.40
CA SER A 191 4.59 -44.26 -14.39
C SER A 191 4.03 -43.93 -15.76
N ILE A 192 2.80 -43.42 -15.78
CA ILE A 192 2.19 -43.00 -17.04
C ILE A 192 1.66 -41.59 -16.87
N PRO A 193 1.52 -40.82 -17.95
CA PRO A 193 1.12 -39.41 -17.81
C PRO A 193 -0.23 -39.27 -17.13
N THR A 194 -0.37 -38.22 -16.34
CA THR A 194 -1.63 -37.97 -15.64
C THR A 194 -2.76 -37.72 -16.62
N ASP A 195 -2.47 -37.02 -17.71
CA ASP A 195 -3.49 -36.65 -18.69
C ASP A 195 -3.84 -37.78 -19.63
N SER A 196 -3.30 -38.98 -19.43
CA SER A 196 -3.64 -40.13 -20.27
C SER A 196 -4.66 -41.05 -19.63
N ILE A 197 -4.97 -40.87 -18.35
CA ILE A 197 -5.85 -41.79 -17.62
C ILE A 197 -6.91 -40.99 -16.88
N TRP A 198 -7.96 -41.71 -16.48
CA TRP A 198 -9.05 -41.10 -15.74
C TRP A 198 -8.58 -40.66 -14.35
N VAL A 199 -8.92 -39.44 -13.97
CA VAL A 199 -8.54 -38.90 -12.67
C VAL A 199 -9.79 -38.34 -12.00
N PRO A 200 -10.08 -38.70 -10.76
CA PRO A 200 -11.30 -38.21 -10.11
C PRO A 200 -11.25 -36.70 -9.88
N ASP A 201 -12.43 -36.08 -9.95
CA ASP A 201 -12.57 -34.65 -9.80
C ASP A 201 -12.73 -34.24 -8.34
N ILE A 202 -11.80 -34.66 -7.50
CA ILE A 202 -11.86 -34.37 -6.07
C ILE A 202 -11.21 -33.02 -5.81
N LEU A 203 -11.97 -32.11 -5.22
CA LEU A 203 -11.45 -30.79 -4.89
C LEU A 203 -12.09 -30.30 -3.60
N ILE A 204 -11.68 -29.12 -3.17
CA ILE A 204 -12.06 -28.58 -1.87
C ILE A 204 -13.30 -27.71 -2.03
N ASN A 205 -14.28 -27.93 -1.16
CA ASN A 205 -15.50 -27.12 -1.22
C ASN A 205 -15.22 -25.66 -0.89
N GLU A 206 -14.35 -25.40 0.07
CA GLU A 206 -14.14 -24.05 0.57
C GLU A 206 -13.34 -23.18 -0.35
N PHE A 207 -13.09 -23.55 -1.61
CA PHE A 207 -12.35 -22.68 -2.51
C PHE A 207 -13.01 -21.33 -2.66
N VAL A 208 -12.21 -20.27 -2.62
CA VAL A 208 -12.61 -18.95 -3.07
C VAL A 208 -11.69 -18.41 -4.14
N ASP A 209 -10.79 -19.23 -4.65
CA ASP A 209 -9.84 -18.86 -5.69
C ASP A 209 -9.25 -20.16 -6.22
N VAL A 210 -8.31 -20.03 -7.16
CA VAL A 210 -7.51 -21.16 -7.61
C VAL A 210 -6.07 -20.89 -7.20
N GLY A 211 -5.39 -21.91 -6.71
CA GLY A 211 -4.01 -21.76 -6.28
C GLY A 211 -3.05 -22.11 -7.40
N LYS A 212 -1.99 -21.32 -7.50
CA LYS A 212 -0.94 -21.59 -8.47
C LYS A 212 -0.01 -22.65 -7.90
N SER A 213 -0.03 -23.83 -8.49
CA SER A 213 0.76 -24.97 -8.02
C SER A 213 1.35 -25.69 -9.23
N PRO A 214 2.50 -26.34 -9.05
CA PRO A 214 3.10 -27.09 -10.15
C PRO A 214 2.16 -28.19 -10.65
N ASN A 215 2.17 -28.40 -11.96
CA ASN A 215 1.43 -29.50 -12.55
C ASN A 215 2.30 -30.75 -12.57
N ILE A 216 1.78 -31.83 -12.00
CA ILE A 216 2.51 -33.09 -11.92
C ILE A 216 2.15 -33.93 -13.14
N PRO A 217 3.09 -34.23 -14.03
CA PRO A 217 2.73 -34.89 -15.30
C PRO A 217 2.51 -36.38 -15.20
N TYR A 218 3.09 -37.07 -14.22
CA TYR A 218 3.06 -38.53 -14.18
C TYR A 218 2.35 -39.02 -12.93
N VAL A 219 1.82 -40.24 -13.02
CA VAL A 219 1.23 -40.95 -11.90
C VAL A 219 1.73 -42.39 -11.95
N TYR A 220 1.92 -42.98 -10.78
CA TYR A 220 2.34 -44.37 -10.67
C TYR A 220 1.14 -45.29 -10.74
N VAL A 221 1.29 -46.40 -11.44
CA VAL A 221 0.24 -47.40 -11.58
C VAL A 221 0.86 -48.76 -11.30
N HIS A 222 0.25 -49.50 -10.38
CA HIS A 222 0.72 -50.84 -10.03
C HIS A 222 -0.05 -51.87 -10.85
N HIS A 223 0.45 -53.11 -10.83
CA HIS A 223 -0.11 -54.13 -11.71
C HIS A 223 -1.53 -54.52 -11.34
N ARG A 224 -1.99 -54.19 -10.13
CA ARG A 224 -3.38 -54.40 -9.76
C ARG A 224 -4.27 -53.23 -10.14
N GLY A 225 -3.72 -52.19 -10.76
CA GLY A 225 -4.47 -51.02 -11.14
C GLY A 225 -4.41 -49.88 -10.16
N GLU A 226 -3.68 -50.02 -9.05
CA GLU A 226 -3.66 -49.01 -8.01
C GLU A 226 -2.90 -47.77 -8.47
N VAL A 227 -3.63 -46.79 -9.01
CA VAL A 227 -3.02 -45.54 -9.46
C VAL A 227 -2.70 -44.68 -8.26
N GLN A 228 -1.49 -44.14 -8.21
CA GLN A 228 -1.05 -43.26 -7.13
C GLN A 228 -0.75 -41.89 -7.71
N ASN A 229 -1.46 -40.87 -7.23
CA ASN A 229 -1.33 -39.51 -7.72
C ASN A 229 -0.82 -38.64 -6.58
N TYR A 230 0.43 -38.20 -6.68
CA TYR A 230 1.04 -37.27 -5.74
C TYR A 230 1.06 -35.89 -6.37
N LYS A 231 0.64 -34.88 -5.62
CA LYS A 231 0.72 -33.54 -6.19
C LYS A 231 0.72 -32.49 -5.10
N PRO A 232 1.48 -31.40 -5.26
CA PRO A 232 1.39 -30.29 -4.33
C PRO A 232 0.37 -29.28 -4.84
N LEU A 233 -0.38 -28.70 -3.91
CA LEU A 233 -1.35 -27.69 -4.33
C LEU A 233 -1.53 -26.62 -3.27
N GLN A 234 -1.62 -25.38 -3.75
CA GLN A 234 -1.89 -24.23 -2.92
C GLN A 234 -3.39 -23.98 -2.88
N LEU A 235 -3.93 -23.81 -1.67
CA LEU A 235 -5.36 -23.67 -1.48
C LEU A 235 -5.68 -22.33 -0.84
N VAL A 236 -6.53 -21.56 -1.50
CA VAL A 236 -7.13 -20.37 -0.93
C VAL A 236 -8.57 -20.74 -0.57
N THR A 237 -8.86 -20.82 0.72
CA THR A 237 -10.13 -21.35 1.19
C THR A 237 -10.79 -20.39 2.16
N ALA A 238 -12.10 -20.29 2.08
CA ALA A 238 -12.84 -19.48 3.05
C ALA A 238 -12.91 -20.20 4.38
N CYS A 239 -12.58 -19.49 5.45
CA CYS A 239 -12.55 -20.06 6.78
C CYS A 239 -13.11 -19.06 7.79
N SER A 240 -13.60 -19.58 8.90
CA SER A 240 -14.14 -18.75 9.98
C SER A 240 -13.04 -18.49 11.00
N LEU A 241 -12.68 -17.22 11.18
CA LEU A 241 -11.60 -16.82 12.05
C LEU A 241 -12.16 -16.12 13.28
N ASP A 242 -11.90 -16.69 14.45
CA ASP A 242 -12.34 -16.14 15.73
C ASP A 242 -11.23 -15.24 16.26
N ILE A 243 -11.43 -13.93 16.19
CA ILE A 243 -10.42 -12.96 16.54
C ILE A 243 -10.66 -12.40 17.95
N TYR A 244 -11.41 -13.13 18.77
CA TYR A 244 -11.75 -12.65 20.11
C TYR A 244 -10.50 -12.44 20.96
N ASN A 245 -9.55 -13.36 20.87
CA ASN A 245 -8.31 -13.27 21.63
C ASN A 245 -7.11 -13.20 20.69
N PHE A 246 -7.16 -12.24 19.76
CA PHE A 246 -6.31 -12.10 18.58
C PHE A 246 -4.86 -12.53 18.76
N PRO A 247 -4.09 -12.00 19.71
CA PRO A 247 -2.68 -12.41 19.79
C PRO A 247 -2.50 -13.86 20.18
N PHE A 248 -3.50 -14.49 20.79
CA PHE A 248 -3.38 -15.85 21.28
C PHE A 248 -4.45 -16.76 20.69
N ASP A 249 -5.05 -16.38 19.57
CA ASP A 249 -6.18 -17.11 19.03
C ASP A 249 -5.74 -18.45 18.44
N VAL A 250 -6.64 -19.42 18.51
CA VAL A 250 -6.46 -20.73 17.89
C VAL A 250 -7.55 -20.88 16.84
N GLN A 251 -7.14 -20.93 15.56
CA GLN A 251 -8.07 -20.96 14.45
C GLN A 251 -8.28 -22.40 14.00
N ASN A 252 -9.52 -22.71 13.64
CA ASN A 252 -9.94 -24.07 13.32
C ASN A 252 -10.63 -24.02 11.97
N CYS A 253 -9.86 -24.27 10.91
CA CYS A 253 -10.31 -24.05 9.54
C CYS A 253 -10.52 -25.38 8.84
N SER A 254 -11.63 -25.51 8.12
CA SER A 254 -12.01 -26.77 7.51
C SER A 254 -11.62 -26.78 6.04
N LEU A 255 -10.94 -27.85 5.62
CA LEU A 255 -10.68 -28.13 4.21
C LEU A 255 -11.50 -29.36 3.85
N THR A 256 -12.45 -29.21 2.94
CA THR A 256 -13.42 -30.26 2.65
C THR A 256 -13.13 -30.85 1.28
N PHE A 257 -12.46 -32.00 1.25
CA PHE A 257 -12.19 -32.69 0.01
C PHE A 257 -13.40 -33.54 -0.37
N THR A 258 -13.95 -33.30 -1.55
CA THR A 258 -15.08 -34.08 -2.03
C THR A 258 -15.06 -34.09 -3.54
N SER A 259 -15.72 -35.09 -4.11
CA SER A 259 -15.91 -35.14 -5.55
C SER A 259 -16.95 -34.12 -5.93
N TRP A 260 -16.59 -33.20 -6.82
CA TRP A 260 -17.48 -32.09 -7.15
C TRP A 260 -18.76 -32.57 -7.81
N LEU A 261 -18.67 -33.57 -8.67
CA LEU A 261 -19.82 -34.02 -9.44
C LEU A 261 -20.33 -35.39 -9.00
N HIS A 262 -19.43 -36.37 -8.86
CA HIS A 262 -19.86 -37.74 -8.65
C HIS A 262 -20.43 -37.93 -7.24
N THR A 263 -21.50 -38.72 -7.15
CA THR A 263 -22.17 -38.96 -5.88
C THR A 263 -21.51 -40.11 -5.15
N ILE A 264 -22.12 -40.55 -4.05
CA ILE A 264 -21.60 -41.71 -3.31
C ILE A 264 -21.66 -42.96 -4.15
N GLN A 265 -22.54 -43.00 -5.16
CA GLN A 265 -22.71 -44.19 -5.97
C GLN A 265 -21.65 -44.31 -7.07
N ASP A 266 -20.83 -43.28 -7.26
CA ASP A 266 -19.77 -43.31 -8.26
C ASP A 266 -18.39 -43.14 -7.66
N ILE A 267 -18.20 -42.17 -6.76
CA ILE A 267 -16.92 -41.94 -6.11
C ILE A 267 -17.15 -41.84 -4.61
N ASN A 268 -16.53 -42.74 -3.86
CA ASN A 268 -16.49 -42.65 -2.40
C ASN A 268 -15.07 -42.30 -1.96
N ILE A 269 -14.96 -41.63 -0.84
CA ILE A 269 -13.67 -41.13 -0.34
C ILE A 269 -13.36 -41.80 0.99
N THR A 270 -12.20 -42.42 1.08
CA THR A 270 -11.66 -42.94 2.32
C THR A 270 -10.35 -42.23 2.64
N LEU A 271 -9.71 -42.65 3.71
CA LEU A 271 -8.47 -42.04 4.17
C LEU A 271 -7.33 -43.03 3.96
N TRP A 272 -6.21 -42.54 3.44
CA TRP A 272 -5.07 -43.40 3.15
C TRP A 272 -4.46 -43.95 4.43
N ARG A 273 -4.04 -43.06 5.32
CA ARG A 273 -3.46 -43.45 6.59
C ARG A 273 -4.54 -43.45 7.68
N SER A 274 -4.18 -44.03 8.83
CA SER A 274 -5.08 -43.98 9.97
C SER A 274 -5.23 -42.54 10.45
N PRO A 275 -6.39 -42.18 11.00
CA PRO A 275 -6.59 -40.79 11.44
C PRO A 275 -5.58 -40.33 12.46
N GLU A 276 -5.09 -41.22 13.32
CA GLU A 276 -4.08 -40.83 14.29
C GLU A 276 -2.76 -40.45 13.62
N GLU A 277 -2.42 -41.11 12.52
CA GLU A 277 -1.17 -40.78 11.83
C GLU A 277 -1.25 -39.41 11.18
N VAL A 278 -2.37 -39.10 10.53
CA VAL A 278 -2.49 -37.81 9.86
C VAL A 278 -2.70 -36.70 10.89
N ARG A 279 -3.26 -37.03 12.06
CA ARG A 279 -3.45 -36.01 13.09
C ARG A 279 -2.13 -35.45 13.58
N SER A 280 -1.13 -36.31 13.76
CA SER A 280 0.15 -35.92 14.33
C SER A 280 1.23 -35.73 13.29
N ASP A 281 0.86 -35.43 12.05
CA ASP A 281 1.83 -35.31 10.96
C ASP A 281 2.36 -33.89 10.89
N LYS A 282 3.66 -33.73 11.17
CA LYS A 282 4.35 -32.45 11.04
C LYS A 282 5.72 -32.63 10.41
N SER A 283 5.85 -33.60 9.51
CA SER A 283 7.15 -33.98 8.99
C SER A 283 7.74 -32.90 8.09
N ILE A 284 6.91 -32.18 7.34
CA ILE A 284 7.39 -31.22 6.36
C ILE A 284 6.91 -29.81 6.64
N PHE A 285 6.12 -29.60 7.68
CA PHE A 285 5.55 -28.28 7.93
C PHE A 285 6.64 -27.26 8.21
N ILE A 286 6.53 -26.10 7.57
CA ILE A 286 7.45 -24.98 7.77
C ILE A 286 7.04 -24.31 9.08
N ASN A 287 7.83 -24.52 10.13
CA ASN A 287 7.37 -24.20 11.48
C ASN A 287 7.64 -22.76 11.87
N GLN A 288 8.68 -22.13 11.33
CA GLN A 288 9.13 -20.83 11.80
C GLN A 288 8.29 -19.67 11.29
N GLY A 289 7.08 -19.93 10.80
CA GLY A 289 6.17 -18.87 10.41
C GLY A 289 5.42 -18.31 11.60
N GLU A 290 4.45 -17.46 11.28
CA GLU A 290 3.62 -16.86 12.32
C GLU A 290 2.69 -17.88 12.96
N TRP A 291 2.31 -18.92 12.23
CA TRP A 291 1.31 -19.88 12.67
C TRP A 291 1.95 -21.23 12.96
N GLU A 292 1.55 -21.83 14.06
CA GLU A 292 2.02 -23.15 14.47
C GLU A 292 0.89 -24.15 14.24
N LEU A 293 1.18 -25.19 13.46
CA LEU A 293 0.19 -26.22 13.18
C LEU A 293 0.05 -27.14 14.39
N LEU A 294 -1.13 -27.14 15.00
CA LEU A 294 -1.38 -28.03 16.12
C LEU A 294 -1.69 -29.44 15.64
N GLU A 295 -2.62 -29.56 14.70
CA GLU A 295 -3.00 -30.85 14.13
C GLU A 295 -3.90 -30.60 12.93
N VAL A 296 -4.09 -31.65 12.13
CA VAL A 296 -5.14 -31.72 11.13
C VAL A 296 -5.99 -32.94 11.43
N PHE A 297 -7.30 -32.77 11.46
CA PHE A 297 -8.20 -33.81 11.93
C PHE A 297 -9.14 -34.25 10.82
N PRO A 298 -9.05 -35.50 10.35
CA PRO A 298 -9.94 -35.97 9.29
C PRO A 298 -11.23 -36.55 9.83
N GLN A 299 -12.33 -36.27 9.13
CA GLN A 299 -13.62 -36.82 9.49
C GLN A 299 -14.45 -37.02 8.23
N PHE A 300 -15.08 -38.19 8.12
CA PHE A 300 -15.88 -38.54 6.95
C PHE A 300 -17.36 -38.30 7.22
N LYS A 301 -18.04 -37.73 6.23
CA LYS A 301 -19.48 -37.53 6.30
C LYS A 301 -20.03 -37.51 4.89
N GLU A 302 -21.36 -37.59 4.79
CA GLU A 302 -22.05 -37.57 3.51
C GLU A 302 -22.84 -36.28 3.40
N PHE A 303 -22.53 -35.48 2.39
CA PHE A 303 -23.39 -34.36 2.03
C PHE A 303 -24.63 -34.95 1.37
N SER A 304 -25.77 -34.28 1.53
CA SER A 304 -27.00 -34.80 0.93
C SER A 304 -27.83 -33.64 0.40
N ILE A 305 -28.14 -33.68 -0.89
CA ILE A 305 -29.15 -32.77 -1.45
C ILE A 305 -30.54 -33.37 -1.27
N ASP A 306 -30.65 -34.67 -1.49
CA ASP A 306 -31.90 -35.40 -1.31
C ASP A 306 -31.55 -36.81 -0.84
N ILE A 307 -32.52 -37.73 -0.95
CA ILE A 307 -32.27 -39.11 -0.54
C ILE A 307 -31.27 -39.77 -1.47
N SER A 308 -31.37 -39.50 -2.77
CA SER A 308 -30.53 -40.16 -3.75
C SER A 308 -29.20 -39.44 -3.98
N ASN A 309 -29.20 -38.10 -3.95
CA ASN A 309 -28.00 -37.32 -4.27
C ASN A 309 -27.20 -37.09 -3.01
N SER A 310 -26.42 -38.10 -2.64
CA SER A 310 -25.51 -38.03 -1.50
C SER A 310 -24.08 -38.09 -2.00
N TYR A 311 -23.22 -37.27 -1.41
CA TYR A 311 -21.85 -37.09 -1.86
C TYR A 311 -20.87 -37.44 -0.75
N ALA A 312 -19.80 -38.13 -1.13
CA ALA A 312 -18.70 -38.39 -0.20
C ALA A 312 -18.03 -37.08 0.18
N GLU A 313 -17.47 -37.05 1.38
CA GLU A 313 -16.92 -35.83 1.92
C GLU A 313 -15.88 -36.19 2.96
N MET A 314 -14.76 -35.48 2.96
CA MET A 314 -13.73 -35.71 3.97
C MET A 314 -13.24 -34.34 4.44
N LYS A 315 -13.52 -34.01 5.69
CA LYS A 315 -13.17 -32.71 6.24
C LYS A 315 -11.92 -32.83 7.07
N PHE A 316 -10.88 -32.09 6.71
CA PHE A 316 -9.67 -31.97 7.49
C PHE A 316 -9.73 -30.66 8.27
N TYR A 317 -9.71 -30.76 9.59
CA TYR A 317 -9.80 -29.57 10.44
C TYR A 317 -8.39 -29.12 10.78
N VAL A 318 -7.85 -28.24 9.94
CA VAL A 318 -6.54 -27.68 10.18
C VAL A 318 -6.63 -26.72 11.36
N ILE A 319 -5.86 -26.97 12.40
CA ILE A 319 -5.88 -26.17 13.63
C ILE A 319 -4.55 -25.46 13.72
N ILE A 320 -4.58 -24.14 13.80
CA ILE A 320 -3.37 -23.33 13.79
C ILE A 320 -3.42 -22.32 14.92
N ARG A 321 -2.33 -22.23 15.68
CA ARG A 321 -2.22 -21.30 16.79
C ARG A 321 -1.26 -20.19 16.41
N ARG A 322 -1.67 -18.94 16.62
CA ARG A 322 -0.81 -17.81 16.33
C ARG A 322 0.27 -17.69 17.37
N ARG A 323 1.48 -17.35 16.93
CA ARG A 323 2.59 -17.13 17.86
C ARG A 323 2.57 -15.68 18.31
N PRO A 324 2.33 -15.40 19.60
CA PRO A 324 2.22 -14.01 20.06
C PRO A 324 3.53 -13.25 20.07
N LEU A 325 4.68 -13.92 19.98
CA LEU A 325 5.95 -13.22 19.99
C LEU A 325 6.14 -12.32 18.78
N PHE A 326 5.37 -12.56 17.71
CA PHE A 326 5.36 -11.63 16.59
C PHE A 326 4.82 -10.26 17.01
N TYR A 327 3.85 -10.25 17.92
CA TYR A 327 3.06 -9.06 18.21
C TYR A 327 3.32 -8.45 19.58
N ALA A 328 4.05 -9.14 20.46
CA ALA A 328 4.30 -8.59 21.78
C ALA A 328 4.96 -7.21 21.69
N VAL A 329 6.04 -7.13 20.91
CA VAL A 329 6.69 -5.84 20.69
C VAL A 329 5.74 -4.86 20.02
N SER A 330 4.93 -5.36 19.07
CA SER A 330 4.14 -4.47 18.24
C SER A 330 3.06 -3.74 19.03
N LEU A 331 2.40 -4.44 19.96
CA LEU A 331 1.35 -3.81 20.76
C LEU A 331 1.84 -3.38 22.14
N LEU A 332 2.38 -4.32 22.92
CA LEU A 332 2.54 -4.07 24.36
C LEU A 332 3.62 -3.02 24.64
N LEU A 333 4.73 -3.09 23.91
CA LEU A 333 5.86 -2.21 24.24
C LEU A 333 5.54 -0.73 24.11
N PRO A 334 4.97 -0.24 23.00
CA PRO A 334 4.69 1.21 22.94
C PRO A 334 3.71 1.67 23.99
N SER A 335 2.66 0.89 24.25
CA SER A 335 1.69 1.29 25.27
C SER A 335 2.36 1.38 26.64
N ILE A 336 3.21 0.41 26.96
CA ILE A 336 3.93 0.46 28.24
C ILE A 336 4.79 1.72 28.29
N PHE A 337 5.50 2.03 27.19
CA PHE A 337 6.25 3.27 27.13
C PHE A 337 5.36 4.47 27.44
N LEU A 338 4.19 4.53 26.79
CA LEU A 338 3.33 5.68 26.98
C LEU A 338 2.89 5.81 28.42
N MET A 339 2.55 4.69 29.06
CA MET A 339 2.18 4.75 30.46
C MET A 339 3.34 5.20 31.32
N VAL A 340 4.55 4.74 31.01
CA VAL A 340 5.72 5.14 31.79
C VAL A 340 5.90 6.66 31.70
N VAL A 341 5.79 7.21 30.49
CA VAL A 341 5.98 8.65 30.34
C VAL A 341 4.87 9.40 31.05
N ASP A 342 3.65 8.86 31.01
CA ASP A 342 2.55 9.48 31.72
C ASP A 342 2.84 9.55 33.20
N ILE A 343 3.38 8.46 33.75
CA ILE A 343 3.71 8.41 35.17
C ILE A 343 4.82 9.41 35.48
N VAL A 344 5.75 9.57 34.53
CA VAL A 344 6.83 10.55 34.70
C VAL A 344 6.25 11.96 34.70
N GLY A 345 5.18 12.20 33.94
CA GLY A 345 4.65 13.54 33.77
C GLY A 345 4.08 14.16 35.03
N PHE A 346 3.68 13.34 36.00
CA PHE A 346 3.13 13.88 37.24
C PHE A 346 4.18 14.63 38.06
N CYS A 347 5.46 14.35 37.84
CA CYS A 347 6.50 15.01 38.63
C CYS A 347 6.62 16.49 38.31
N LEU A 348 6.08 16.93 37.17
CA LEU A 348 6.06 18.35 36.86
C LEU A 348 5.14 19.08 37.85
N PRO A 349 5.51 20.27 38.30
CA PRO A 349 4.66 21.01 39.23
C PRO A 349 3.35 21.40 38.56
N PRO A 350 2.24 21.38 39.31
CA PRO A 350 0.95 21.74 38.71
C PRO A 350 0.89 23.17 38.20
N ASP A 351 1.60 24.10 38.82
CA ASP A 351 1.56 25.50 38.44
C ASP A 351 2.50 25.83 37.28
N SER A 352 3.24 24.84 36.76
CA SER A 352 4.18 25.11 35.68
C SER A 352 3.47 25.55 34.41
N GLY A 353 2.27 25.05 34.17
CA GLY A 353 1.53 25.40 32.97
C GLY A 353 1.92 24.54 31.79
N GLU A 354 3.14 24.00 31.80
CA GLU A 354 3.56 23.08 30.76
C GLU A 354 3.05 21.66 30.99
N ARG A 355 2.67 21.32 32.23
CA ARG A 355 2.26 19.96 32.53
C ARG A 355 1.04 19.55 31.71
N VAL A 356 0.08 20.45 31.55
CA VAL A 356 -1.11 20.12 30.76
C VAL A 356 -0.74 19.98 29.29
N SER A 357 0.17 20.82 28.80
CA SER A 357 0.66 20.66 27.43
C SER A 357 1.38 19.34 27.27
N PHE A 358 2.19 18.96 28.26
CA PHE A 358 2.84 17.66 28.26
C PHE A 358 1.81 16.54 28.13
N LYS A 359 0.76 16.59 28.96
CA LYS A 359 -0.24 15.53 28.97
C LYS A 359 -1.00 15.46 27.65
N ILE A 360 -1.36 16.61 27.09
CA ILE A 360 -2.12 16.59 25.84
C ILE A 360 -1.24 16.13 24.68
N THR A 361 0.05 16.51 24.69
CA THR A 361 0.96 16.01 23.66
C THR A 361 1.12 14.50 23.76
N LEU A 362 1.23 13.98 24.99
CA LEU A 362 1.33 12.54 25.18
C LEU A 362 0.07 11.83 24.71
N LEU A 363 -1.09 12.42 25.00
CA LEU A 363 -2.35 11.82 24.55
C LEU A 363 -2.44 11.80 23.03
N LEU A 364 -2.01 12.88 22.39
CA LEU A 364 -2.00 12.91 20.92
C LEU A 364 -1.05 11.85 20.37
N GLY A 365 0.12 11.70 20.98
CA GLY A 365 1.04 10.67 20.54
C GLY A 365 0.46 9.27 20.67
N TYR A 366 -0.20 8.99 21.80
CA TYR A 366 -0.72 7.64 21.97
C TYR A 366 -1.92 7.41 21.06
N SER A 367 -2.67 8.47 20.75
CA SER A 367 -3.75 8.36 19.78
C SER A 367 -3.21 8.06 18.39
N VAL A 368 -2.11 8.69 18.01
CA VAL A 368 -1.46 8.36 16.74
C VAL A 368 -1.00 6.91 16.76
N PHE A 369 -0.50 6.45 17.90
CA PHE A 369 -0.14 5.04 18.05
C PHE A 369 -1.33 4.12 17.81
N LEU A 370 -2.48 4.46 18.43
CA LEU A 370 -3.69 3.67 18.22
C LEU A 370 -4.11 3.66 16.76
N ILE A 371 -4.04 4.81 16.11
CA ILE A 371 -4.45 4.92 14.71
C ILE A 371 -3.56 4.05 13.82
N ILE A 372 -2.24 4.14 14.01
CA ILE A 372 -1.33 3.39 13.15
C ILE A 372 -1.40 1.90 13.44
N VAL A 373 -1.63 1.52 14.70
CA VAL A 373 -1.71 0.10 15.03
C VAL A 373 -2.95 -0.54 14.44
N SER A 374 -4.05 0.22 14.30
CA SER A 374 -5.31 -0.35 13.84
C SER A 374 -5.23 -0.91 12.43
N ASP A 375 -4.20 -0.57 11.66
CA ASP A 375 -4.02 -1.21 10.35
C ASP A 375 -3.60 -2.66 10.45
N THR A 376 -3.14 -3.11 11.62
CA THR A 376 -2.71 -4.48 11.84
C THR A 376 -3.71 -5.26 12.68
N LEU A 377 -4.19 -4.68 13.77
CA LEU A 377 -5.18 -5.32 14.63
C LEU A 377 -6.49 -5.49 13.88
N PRO A 378 -6.91 -6.71 13.57
CA PRO A 378 -8.09 -6.92 12.72
C PRO A 378 -9.38 -6.83 13.54
N ALA A 379 -10.50 -6.96 12.84
CA ALA A 379 -11.81 -6.91 13.47
C ALA A 379 -12.75 -7.84 12.73
N THR A 380 -13.87 -8.16 13.37
CA THR A 380 -14.87 -9.04 12.79
C THR A 380 -16.23 -8.68 13.35
N ALA A 381 -17.28 -9.20 12.71
CA ALA A 381 -18.65 -8.88 13.10
C ALA A 381 -18.99 -9.43 14.48
N ILE A 382 -18.36 -10.55 14.87
CA ILE A 382 -18.65 -11.14 16.17
C ILE A 382 -18.23 -10.21 17.29
N GLY A 383 -17.11 -9.51 17.10
CA GLY A 383 -16.63 -8.58 18.10
C GLY A 383 -15.15 -8.27 17.99
N THR A 384 -14.74 -7.12 18.49
CA THR A 384 -13.34 -6.75 18.47
C THR A 384 -12.55 -7.61 19.46
N PRO A 385 -11.25 -7.81 19.21
CA PRO A 385 -10.44 -8.55 20.17
C PRO A 385 -10.34 -7.83 21.50
N LEU A 386 -10.10 -8.61 22.55
CA LEU A 386 -9.94 -8.04 23.89
C LEU A 386 -8.76 -7.08 23.98
N ILE A 387 -7.82 -7.19 23.05
CA ILE A 387 -6.75 -6.19 22.97
C ILE A 387 -7.34 -4.81 22.72
N GLY A 388 -8.41 -4.74 21.92
CA GLY A 388 -9.09 -3.47 21.75
C GLY A 388 -9.67 -2.95 23.05
N VAL A 389 -10.23 -3.83 23.87
CA VAL A 389 -10.79 -3.41 25.16
C VAL A 389 -9.69 -2.90 26.07
N TYR A 390 -8.55 -3.59 26.11
CA TYR A 390 -7.46 -3.13 26.95
C TYR A 390 -6.84 -1.83 26.44
N PHE A 391 -6.81 -1.63 25.12
CA PHE A 391 -6.38 -0.35 24.58
C PHE A 391 -7.34 0.76 24.97
N VAL A 392 -8.64 0.47 24.98
CA VAL A 392 -9.63 1.45 25.41
C VAL A 392 -9.48 1.76 26.89
N VAL A 393 -9.13 0.76 27.69
CA VAL A 393 -8.91 1.00 29.11
C VAL A 393 -7.66 1.86 29.33
N CYS A 394 -6.60 1.59 28.57
CA CYS A 394 -5.44 2.47 28.60
C CYS A 394 -5.81 3.89 28.19
N MET A 395 -6.71 4.02 27.21
CA MET A 395 -7.18 5.33 26.78
C MET A 395 -7.90 6.03 27.91
N ALA A 396 -8.76 5.30 28.63
CA ALA A 396 -9.46 5.89 29.76
C ALA A 396 -8.48 6.30 30.85
N LEU A 397 -7.43 5.51 31.08
CA LEU A 397 -6.43 5.88 32.07
C LEU A 397 -5.71 7.17 31.69
N LEU A 398 -5.31 7.30 30.42
CA LEU A 398 -4.65 8.53 29.98
C LEU A 398 -5.59 9.73 30.07
N VAL A 399 -6.86 9.54 29.70
CA VAL A 399 -7.82 10.64 29.79
C VAL A 399 -8.05 11.03 31.24
N ILE A 400 -8.07 10.05 32.14
CA ILE A 400 -8.23 10.33 33.56
C ILE A 400 -7.03 11.12 34.08
N SER A 401 -5.82 10.75 33.67
CA SER A 401 -4.64 11.50 34.08
C SER A 401 -4.69 12.92 33.55
N LEU A 402 -5.11 13.10 32.29
CA LEU A 402 -5.23 14.44 31.73
C LEU A 402 -6.26 15.26 32.47
N ALA A 403 -7.39 14.65 32.82
CA ALA A 403 -8.44 15.35 33.56
C ALA A 403 -7.96 15.73 34.95
N GLU A 404 -7.20 14.86 35.61
CA GLU A 404 -6.63 15.20 36.90
C GLU A 404 -5.67 16.37 36.78
N THR A 405 -4.83 16.37 35.74
CA THR A 405 -3.93 17.49 35.52
C THR A 405 -4.68 18.79 35.31
N ILE A 406 -5.74 18.75 34.49
CA ILE A 406 -6.51 19.96 34.21
C ILE A 406 -7.24 20.43 35.46
N PHE A 407 -7.78 19.51 36.25
CA PHE A 407 -8.44 19.90 37.49
C PHE A 407 -7.47 20.54 38.47
N ILE A 408 -6.29 19.95 38.63
CA ILE A 408 -5.33 20.53 39.57
C ILE A 408 -4.83 21.88 39.06
N VAL A 409 -4.68 22.03 37.74
CA VAL A 409 -4.27 23.32 37.18
C VAL A 409 -5.35 24.37 37.46
N ARG A 410 -6.62 23.99 37.27
CA ARG A 410 -7.71 24.88 37.63
C ARG A 410 -7.70 25.22 39.12
N LEU A 411 -7.21 24.30 39.95
CA LEU A 411 -7.26 24.52 41.39
C LEU A 411 -6.21 25.53 41.85
N VAL A 412 -4.98 25.44 41.32
CA VAL A 412 -3.86 26.20 41.88
C VAL A 412 -3.55 27.46 41.11
N HIS A 413 -4.39 27.85 40.15
CA HIS A 413 -4.02 28.93 39.24
C HIS A 413 -3.83 30.25 39.97
N LYS A 414 -2.86 31.03 39.50
CA LYS A 414 -2.58 32.37 40.01
C LYS A 414 -3.53 33.39 39.36
N GLN A 415 -4.82 33.15 39.54
CA GLN A 415 -5.84 33.90 38.82
C GLN A 415 -6.16 35.26 39.44
N ASP A 416 -5.49 35.64 40.53
CA ASP A 416 -5.67 36.96 41.14
C ASP A 416 -7.13 37.26 41.49
N LEU A 417 -7.93 36.22 41.66
CA LEU A 417 -9.35 36.38 41.95
C LEU A 417 -9.84 35.44 43.04
N GLN A 418 -8.99 34.57 43.56
CA GLN A 418 -9.42 33.50 44.43
C GLN A 418 -9.89 34.04 45.77
N ARG A 419 -11.09 33.63 46.19
CA ARG A 419 -11.46 33.70 47.58
C ARG A 419 -10.58 32.72 48.36
N PRO A 420 -10.38 32.92 49.66
CA PRO A 420 -9.44 32.06 50.36
C PRO A 420 -9.99 30.66 50.66
N VAL A 421 -9.07 29.75 50.96
CA VAL A 421 -9.46 28.34 51.08
C VAL A 421 -10.45 28.18 52.23
N PRO A 422 -11.53 27.42 52.05
CA PRO A 422 -12.49 27.24 53.15
C PRO A 422 -11.87 26.45 54.30
N ASP A 423 -12.43 26.69 55.49
CA ASP A 423 -11.85 26.12 56.71
C ASP A 423 -11.83 24.59 56.67
N TRP A 424 -12.93 23.98 56.21
CA TRP A 424 -12.97 22.53 56.11
C TRP A 424 -11.91 22.01 55.15
N LEU A 425 -11.76 22.65 53.99
CA LEU A 425 -10.77 22.22 53.01
C LEU A 425 -9.36 22.40 53.57
N ARG A 426 -9.11 23.55 54.20
CA ARG A 426 -7.80 23.82 54.78
C ARG A 426 -7.42 22.75 55.81
N HIS A 427 -8.32 22.48 56.76
CA HIS A 427 -8.00 21.51 57.80
C HIS A 427 -7.86 20.10 57.24
N LEU A 428 -8.78 19.70 56.34
CA LEU A 428 -8.72 18.36 55.78
C LEU A 428 -7.42 18.12 55.02
N VAL A 429 -6.99 19.12 54.24
CA VAL A 429 -5.74 18.98 53.50
C VAL A 429 -4.53 19.03 54.43
N LEU A 430 -4.48 19.99 55.35
CA LEU A 430 -3.30 20.16 56.17
C LEU A 430 -3.16 19.10 57.26
N ASP A 431 -4.20 18.31 57.52
CA ASP A 431 -4.05 17.19 58.43
C ASP A 431 -3.25 16.05 57.82
N ARG A 432 -3.10 16.02 56.49
CA ARG A 432 -2.40 14.95 55.81
C ARG A 432 -1.33 15.49 54.86
N ALA A 433 -0.81 16.68 55.14
CA ALA A 433 0.22 17.28 54.30
C ALA A 433 1.51 16.48 54.36
N VAL A 503 1.18 66.62 60.77
CA VAL A 503 1.81 65.37 60.32
C VAL A 503 0.75 64.32 60.03
N ARG A 504 -0.52 64.68 60.25
CA ARG A 504 -1.61 63.75 59.99
C ARG A 504 -1.69 63.39 58.51
N GLY A 505 -1.45 64.37 57.63
CA GLY A 505 -1.42 64.08 56.21
C GLY A 505 -0.32 63.09 55.84
N LEU A 506 0.85 63.22 56.49
CA LEU A 506 1.92 62.27 56.24
C LEU A 506 1.59 60.89 56.81
N LEU A 507 1.01 60.85 58.00
CA LEU A 507 0.69 59.56 58.62
C LEU A 507 -0.36 58.80 57.82
N GLN A 508 -1.41 59.49 57.38
CA GLN A 508 -2.47 58.82 56.63
C GLN A 508 -2.01 58.44 55.22
N GLU A 509 -1.10 59.21 54.64
CA GLU A 509 -0.65 58.93 53.29
C GLU A 509 0.33 57.76 53.25
N LEU A 510 1.20 57.63 54.26
CA LEU A 510 2.02 56.44 54.38
C LEU A 510 1.16 55.20 54.64
N SER A 511 0.01 55.38 55.30
CA SER A 511 -0.88 54.25 55.54
C SER A 511 -1.41 53.65 54.25
N SER A 512 -1.65 54.49 53.24
CA SER A 512 -2.09 53.97 51.95
C SER A 512 -1.00 53.10 51.33
N ILE A 513 0.27 53.47 51.52
CA ILE A 513 1.36 52.70 50.94
C ILE A 513 1.44 51.32 51.57
N ARG A 514 1.33 51.24 52.91
CA ARG A 514 1.37 49.94 53.56
C ARG A 514 0.08 49.15 53.30
N HIS A 515 -1.04 49.84 53.10
CA HIS A 515 -2.28 49.15 52.79
C HIS A 515 -2.21 48.47 51.43
N PHE A 516 -1.65 49.15 50.44
CA PHE A 516 -1.54 48.56 49.10
C PHE A 516 -0.59 47.37 49.11
N LEU A 517 0.51 47.46 49.85
CA LEU A 517 1.39 46.31 50.01
C LEU A 517 0.69 45.18 50.76
N GLU A 518 -0.07 45.53 51.80
CA GLU A 518 -0.84 44.51 52.53
C GLU A 518 -1.89 43.88 51.64
N LYS A 519 -2.55 44.69 50.81
CA LYS A 519 -3.55 44.15 49.89
C LYS A 519 -2.92 43.17 48.91
N ARG A 520 -1.73 43.49 48.40
CA ARG A 520 -1.03 42.57 47.51
C ARG A 520 -0.53 41.34 48.26
N ASP A 521 -0.01 41.54 49.46
CA ASP A 521 0.51 40.40 50.22
C ASP A 521 -0.59 39.43 50.62
N GLU A 522 -1.73 39.95 51.09
CA GLU A 522 -2.84 39.09 51.46
C GLU A 522 -3.36 38.31 50.26
N MET A 523 -3.44 38.97 49.10
CA MET A 523 -3.83 38.27 47.88
C MET A 523 -2.79 37.22 47.49
N ARG A 524 -1.50 37.55 47.65
CA ARG A 524 -0.44 36.61 47.31
C ARG A 524 -0.45 35.42 48.27
N GLU A 525 -0.71 35.66 49.56
CA GLU A 525 -0.78 34.57 50.51
C GLU A 525 -1.95 33.65 50.22
N VAL A 526 -3.08 34.21 49.79
CA VAL A 526 -4.24 33.39 49.43
C VAL A 526 -3.90 32.46 48.28
N ALA A 527 -3.19 32.97 47.28
CA ALA A 527 -2.77 32.12 46.16
C ALA A 527 -1.83 31.02 46.64
N ARG A 528 -0.99 31.32 47.62
CA ARG A 528 -0.11 30.29 48.18
C ARG A 528 -0.92 29.20 48.88
N ASP A 529 -1.96 29.59 49.63
CA ASP A 529 -2.77 28.60 50.34
C ASP A 529 -3.44 27.66 49.37
N TRP A 530 -3.96 28.18 48.25
CA TRP A 530 -4.51 27.31 47.22
C TRP A 530 -3.42 26.41 46.62
N LEU A 531 -2.23 26.96 46.44
CA LEU A 531 -1.12 26.16 45.90
C LEU A 531 -0.72 25.06 46.87
N ARG A 532 -0.69 25.37 48.17
CA ARG A 532 -0.37 24.35 49.17
C ARG A 532 -1.39 23.21 49.14
N VAL A 533 -2.67 23.54 48.99
CA VAL A 533 -3.70 22.52 48.89
C VAL A 533 -3.52 21.71 47.61
N GLY A 534 -3.27 22.38 46.49
CA GLY A 534 -3.18 21.69 45.22
C GLY A 534 -1.94 20.84 45.08
N TYR A 535 -0.85 21.20 45.77
CA TYR A 535 0.37 20.40 45.70
C TYR A 535 0.17 19.01 46.28
N VAL A 536 -0.32 18.93 47.52
CA VAL A 536 -0.44 17.64 48.17
C VAL A 536 -1.57 16.82 47.54
N LEU A 537 -2.64 17.49 47.10
CA LEU A 537 -3.69 16.78 46.39
C LEU A 537 -3.17 16.20 45.07
N ASP A 538 -2.25 16.90 44.42
CA ASP A 538 -1.56 16.33 43.27
C ASP A 538 -0.75 15.10 43.68
N ARG A 539 -0.07 15.17 44.82
CA ARG A 539 0.65 14.01 45.33
C ARG A 539 -0.33 12.88 45.68
N LEU A 540 -1.43 13.22 46.35
CA LEU A 540 -2.39 12.21 46.77
C LEU A 540 -3.03 11.53 45.57
N LEU A 541 -3.44 12.31 44.58
CA LEU A 541 -4.02 11.73 43.38
C LEU A 541 -2.97 11.06 42.51
N PHE A 542 -1.69 11.35 42.73
CA PHE A 542 -0.64 10.62 42.04
C PHE A 542 -0.48 9.22 42.61
N ARG A 543 -0.58 9.08 43.94
CA ARG A 543 -0.47 7.75 44.55
C ARG A 543 -1.62 6.86 44.12
N ILE A 544 -2.85 7.41 44.09
CA ILE A 544 -4.01 6.62 43.69
C ILE A 544 -3.87 6.17 42.24
N TYR A 545 -3.46 7.09 41.36
CA TYR A 545 -3.23 6.73 39.97
C TYR A 545 -2.07 5.75 39.83
N LEU A 546 -1.04 5.91 40.68
CA LEU A 546 0.06 4.97 40.68
C LEU A 546 -0.40 3.57 41.07
N LEU A 547 -1.30 3.49 42.06
CA LEU A 547 -1.82 2.19 42.48
C LEU A 547 -2.80 1.65 41.44
N ALA A 548 -3.59 2.52 40.82
CA ALA A 548 -4.56 2.07 39.82
C ALA A 548 -3.86 1.46 38.61
N VAL A 549 -2.79 2.08 38.14
CA VAL A 549 -2.04 1.51 37.03
C VAL A 549 -1.29 0.27 37.49
N LEU A 550 -0.87 0.22 38.76
CA LEU A 550 -0.20 -0.97 39.27
C LEU A 550 -1.16 -2.15 39.34
N ALA A 551 -2.38 -1.92 39.83
CA ALA A 551 -3.38 -2.97 39.84
C ALA A 551 -3.74 -3.41 38.43
N TYR A 552 -3.85 -2.46 37.51
CA TYR A 552 -4.16 -2.79 36.12
C TYR A 552 -3.03 -3.60 35.48
N SER A 553 -1.78 -3.23 35.75
CA SER A 553 -0.65 -3.95 35.16
C SER A 553 -0.54 -5.37 35.73
N ILE A 554 -0.74 -5.52 37.03
CA ILE A 554 -0.69 -6.85 37.64
C ILE A 554 -1.86 -7.71 37.14
N THR A 555 -3.03 -7.11 36.93
CA THR A 555 -4.14 -7.85 36.36
C THR A 555 -3.81 -8.35 34.95
N LEU A 556 -3.13 -7.52 34.15
CA LEU A 556 -2.78 -7.92 32.80
C LEU A 556 -1.77 -9.06 32.79
N VAL A 557 -0.74 -8.97 33.63
CA VAL A 557 0.27 -10.03 33.66
C VAL A 557 -0.32 -11.33 34.20
N THR A 558 -1.34 -11.24 35.06
CA THR A 558 -1.99 -12.45 35.55
C THR A 558 -2.78 -13.14 34.44
N LEU A 559 -3.58 -12.37 33.69
CA LEU A 559 -4.32 -12.96 32.58
C LEU A 559 -3.41 -13.45 31.48
N TRP A 560 -2.27 -12.79 31.27
CA TRP A 560 -1.31 -13.24 30.26
C TRP A 560 -0.77 -14.62 30.61
N SER A 561 -0.53 -14.89 31.89
CA SER A 561 -0.06 -16.21 32.29
C SER A 561 -1.07 -17.30 31.97
N ILE A 562 -2.37 -16.97 32.05
CA ILE A 562 -3.40 -17.94 31.69
C ILE A 562 -3.40 -18.19 30.19
N TRP A 563 -3.32 -17.11 29.40
CA TRP A 563 -3.25 -17.28 27.95
C TRP A 563 -1.95 -17.94 27.51
N HIS A 564 -0.88 -17.76 28.28
CA HIS A 564 0.39 -18.39 27.96
C HIS A 564 0.42 -19.84 28.40
N THR B 112 17.69 -37.41 -52.11
CA THR B 112 17.04 -37.85 -50.88
C THR B 112 16.60 -36.65 -50.04
N GLN B 113 15.86 -36.94 -48.96
CA GLN B 113 15.36 -35.90 -48.10
C GLN B 113 16.49 -35.30 -47.27
N PRO B 114 16.29 -34.09 -46.73
CA PRO B 114 17.32 -33.50 -45.86
C PRO B 114 17.57 -34.35 -44.63
N ALA B 115 18.80 -34.25 -44.10
CA ALA B 115 19.21 -35.10 -42.99
C ALA B 115 18.34 -34.86 -41.76
N LEU B 116 18.06 -33.60 -41.44
CA LEU B 116 17.28 -33.30 -40.25
C LEU B 116 15.87 -33.84 -40.34
N LEU B 117 15.26 -33.76 -41.53
CA LEU B 117 13.93 -34.32 -41.72
C LEU B 117 13.95 -35.84 -41.56
N ARG B 118 14.90 -36.49 -42.22
CA ARG B 118 15.01 -37.95 -42.11
C ARG B 118 15.30 -38.37 -40.68
N LEU B 119 16.23 -37.68 -40.01
CA LEU B 119 16.59 -38.06 -38.66
C LEU B 119 15.43 -37.87 -37.70
N SER B 120 14.75 -36.73 -37.78
CA SER B 120 13.62 -36.48 -36.88
C SER B 120 12.49 -37.45 -37.16
N ASP B 121 12.22 -37.74 -38.44
CA ASP B 121 11.17 -38.69 -38.77
C ASP B 121 11.52 -40.08 -38.24
N HIS B 122 12.78 -40.48 -38.34
CA HIS B 122 13.20 -41.78 -37.83
C HIS B 122 13.10 -41.85 -36.32
N LEU B 123 13.52 -40.80 -35.63
CA LEU B 123 13.51 -40.81 -34.17
C LEU B 123 12.09 -40.76 -33.62
N LEU B 124 11.28 -39.83 -34.10
CA LEU B 124 9.99 -39.56 -33.49
C LEU B 124 8.87 -40.44 -34.02
N ALA B 125 9.14 -41.27 -35.03
CA ALA B 125 8.15 -42.25 -35.45
C ALA B 125 7.97 -43.30 -34.36
N ASN B 126 6.70 -43.62 -34.05
CA ASN B 126 6.33 -44.56 -32.99
C ASN B 126 7.12 -44.33 -31.70
N TYR B 127 7.42 -43.07 -31.40
CA TYR B 127 8.05 -42.70 -30.15
C TYR B 127 6.98 -42.35 -29.13
N LYS B 128 7.10 -42.89 -27.92
CA LYS B 128 6.12 -42.70 -26.87
C LYS B 128 6.70 -41.79 -25.80
N LYS B 129 5.99 -40.70 -25.49
CA LYS B 129 6.47 -39.78 -24.46
C LYS B 129 6.24 -40.32 -23.06
N GLY B 130 5.22 -41.15 -22.86
CA GLY B 130 4.87 -41.58 -21.52
C GLY B 130 5.85 -42.55 -20.92
N VAL B 131 6.54 -43.32 -21.75
CA VAL B 131 7.45 -44.35 -21.25
C VAL B 131 8.76 -43.69 -20.83
N ARG B 132 9.31 -44.16 -19.72
CA ARG B 132 10.64 -43.72 -19.32
C ARG B 132 11.65 -44.34 -20.27
N PRO B 133 12.50 -43.56 -20.91
CA PRO B 133 13.31 -44.09 -22.01
C PRO B 133 14.46 -44.98 -21.57
N VAL B 134 14.16 -46.22 -21.21
CA VAL B 134 15.17 -47.22 -20.91
C VAL B 134 14.77 -48.52 -21.58
N ARG B 135 15.73 -49.17 -22.23
CA ARG B 135 15.45 -50.48 -22.81
C ARG B 135 15.31 -51.55 -21.74
N ASP B 136 16.02 -51.40 -20.62
CA ASP B 136 15.86 -52.26 -19.47
C ASP B 136 15.27 -51.43 -18.33
N TRP B 137 14.09 -51.84 -17.86
CA TRP B 137 13.36 -51.01 -16.90
C TRP B 137 14.02 -50.98 -15.53
N ARG B 138 14.99 -51.86 -15.26
CA ARG B 138 15.69 -51.80 -13.98
C ARG B 138 16.69 -50.65 -13.93
N LYS B 139 17.12 -50.14 -15.07
CA LYS B 139 18.11 -49.07 -15.08
C LYS B 139 17.43 -47.72 -14.86
N PRO B 140 17.76 -47.00 -13.81
CA PRO B 140 17.20 -45.65 -13.64
C PRO B 140 17.81 -44.66 -14.61
N THR B 141 17.03 -43.64 -14.94
CA THR B 141 17.53 -42.56 -15.78
C THR B 141 18.23 -41.55 -14.90
N THR B 142 19.57 -41.57 -14.92
CA THR B 142 20.35 -40.64 -14.12
C THR B 142 20.31 -39.27 -14.78
N VAL B 143 19.70 -38.31 -14.10
CA VAL B 143 19.57 -36.94 -14.59
C VAL B 143 20.61 -36.08 -13.89
N SER B 144 21.40 -35.35 -14.67
CA SER B 144 22.44 -34.49 -14.14
C SER B 144 21.91 -33.06 -14.05
N ILE B 145 22.02 -32.46 -12.86
CA ILE B 145 21.42 -31.18 -12.56
C ILE B 145 22.51 -30.12 -12.47
N ASP B 146 22.23 -28.94 -13.02
CA ASP B 146 23.11 -27.79 -12.85
C ASP B 146 22.25 -26.55 -12.65
N VAL B 147 22.58 -25.74 -11.65
CA VAL B 147 21.81 -24.55 -11.30
C VAL B 147 22.76 -23.36 -11.28
N ILE B 148 22.38 -22.28 -11.96
CA ILE B 148 23.16 -21.05 -12.00
C ILE B 148 22.25 -19.93 -11.54
N MET B 149 22.57 -19.33 -10.41
CA MET B 149 21.73 -18.26 -9.88
C MET B 149 21.88 -17.01 -10.73
N TYR B 150 20.76 -16.39 -11.10
CA TYR B 150 20.78 -15.18 -11.91
C TYR B 150 20.44 -13.94 -11.12
N ALA B 151 19.45 -14.01 -10.22
CA ALA B 151 19.05 -12.85 -9.45
C ALA B 151 18.28 -13.30 -8.22
N ILE B 152 18.42 -12.53 -7.14
CA ILE B 152 17.59 -12.70 -5.96
C ILE B 152 16.48 -11.66 -6.09
N LEU B 153 15.31 -12.09 -6.57
CA LEU B 153 14.25 -11.14 -6.86
C LEU B 153 13.64 -10.56 -5.60
N ASN B 154 13.42 -11.39 -4.58
CA ASN B 154 12.78 -10.89 -3.37
C ASN B 154 13.07 -11.83 -2.21
N VAL B 155 13.19 -11.26 -1.02
CA VAL B 155 13.29 -12.02 0.22
C VAL B 155 12.26 -11.43 1.17
N ASP B 156 11.14 -12.12 1.34
CA ASP B 156 10.05 -11.65 2.20
C ASP B 156 10.20 -12.32 3.56
N GLU B 157 10.64 -11.54 4.54
CA GLU B 157 10.86 -12.08 5.88
C GLU B 157 9.54 -12.27 6.62
N LYS B 158 8.53 -11.45 6.31
CA LYS B 158 7.24 -11.61 6.96
C LYS B 158 6.63 -12.97 6.64
N ASN B 159 6.56 -13.31 5.35
CA ASN B 159 6.05 -14.61 4.91
C ASN B 159 7.12 -15.67 4.82
N GLN B 160 8.40 -15.30 4.97
CA GLN B 160 9.52 -16.24 4.93
C GLN B 160 9.59 -16.96 3.59
N VAL B 161 9.51 -16.19 2.50
CA VAL B 161 9.56 -16.75 1.15
C VAL B 161 10.67 -16.05 0.36
N LEU B 162 11.35 -16.83 -0.47
CA LEU B 162 12.46 -16.34 -1.28
C LEU B 162 12.11 -16.55 -2.74
N THR B 163 12.10 -15.45 -3.51
CA THR B 163 11.85 -15.49 -4.94
C THR B 163 13.16 -15.22 -5.66
N THR B 164 13.63 -16.23 -6.40
CA THR B 164 14.87 -16.14 -7.15
C THR B 164 14.61 -16.47 -8.61
N TYR B 165 15.62 -16.23 -9.43
CA TYR B 165 15.62 -16.63 -10.83
C TYR B 165 16.87 -17.46 -11.07
N ILE B 166 16.73 -18.61 -11.72
CA ILE B 166 17.89 -19.44 -12.00
C ILE B 166 17.87 -19.86 -13.45
N TRP B 167 19.06 -20.13 -13.98
CA TRP B 167 19.22 -20.85 -15.24
C TRP B 167 19.56 -22.28 -14.87
N TYR B 168 18.68 -23.21 -15.22
CA TYR B 168 18.79 -24.60 -14.82
C TYR B 168 18.91 -25.45 -16.07
N ARG B 169 19.98 -26.25 -16.12
CA ARG B 169 20.20 -27.14 -17.25
C ARG B 169 20.35 -28.56 -16.73
N GLN B 170 19.73 -29.49 -17.42
CA GLN B 170 19.74 -30.89 -17.03
C GLN B 170 20.03 -31.75 -18.26
N TYR B 171 20.54 -32.95 -18.03
CA TYR B 171 20.73 -33.85 -19.15
C TYR B 171 20.61 -35.29 -18.68
N TRP B 172 19.96 -36.10 -19.51
CA TRP B 172 19.74 -37.51 -19.24
C TRP B 172 19.88 -38.27 -20.53
N THR B 173 20.14 -39.57 -20.41
CA THR B 173 20.34 -40.42 -21.58
C THR B 173 19.01 -41.05 -21.98
N ASP B 174 18.49 -40.67 -23.13
CA ASP B 174 17.29 -41.25 -23.70
C ASP B 174 17.72 -42.39 -24.62
N GLU B 175 17.40 -43.63 -24.24
CA GLU B 175 17.86 -44.78 -24.98
C GLU B 175 17.09 -45.02 -26.26
N PHE B 176 16.03 -44.25 -26.52
CA PHE B 176 15.28 -44.36 -27.76
C PHE B 176 15.68 -43.32 -28.80
N LEU B 177 16.26 -42.21 -28.38
CA LEU B 177 16.71 -41.16 -29.30
C LEU B 177 18.19 -41.34 -29.64
N GLN B 178 18.49 -42.50 -30.22
CA GLN B 178 19.85 -42.85 -30.60
C GLN B 178 19.89 -43.17 -32.09
N TRP B 179 20.99 -42.77 -32.74
CA TRP B 179 21.14 -43.02 -34.17
C TRP B 179 22.62 -43.04 -34.51
N THR B 180 22.93 -43.60 -35.67
CA THR B 180 24.30 -43.59 -36.18
C THR B 180 24.46 -42.39 -37.10
N PRO B 181 25.33 -41.43 -36.77
CA PRO B 181 25.44 -40.22 -37.60
C PRO B 181 25.81 -40.48 -39.04
N GLU B 182 26.62 -41.51 -39.31
CA GLU B 182 27.06 -41.77 -40.68
C GLU B 182 25.91 -42.12 -41.60
N ASP B 183 24.77 -42.54 -41.06
CA ASP B 183 23.59 -42.82 -41.86
C ASP B 183 22.72 -41.60 -42.10
N PHE B 184 22.99 -40.48 -41.44
CA PHE B 184 22.18 -39.28 -41.60
C PHE B 184 23.04 -38.07 -41.94
N ASP B 185 23.95 -38.23 -42.90
CA ASP B 185 24.79 -37.14 -43.38
C ASP B 185 25.64 -36.56 -42.25
N ASN B 186 26.16 -37.43 -41.39
CA ASN B 186 27.09 -37.04 -40.33
C ASN B 186 26.51 -35.99 -39.39
N VAL B 187 25.21 -36.04 -39.11
CA VAL B 187 24.64 -35.16 -38.09
C VAL B 187 24.83 -35.80 -36.73
N THR B 188 25.43 -35.06 -35.81
CA THR B 188 25.76 -35.59 -34.49
C THR B 188 24.78 -35.18 -33.41
N LYS B 189 24.14 -34.01 -33.55
CA LYS B 189 23.14 -33.58 -32.60
C LYS B 189 22.07 -32.78 -33.33
N LEU B 190 20.87 -32.77 -32.75
CA LEU B 190 19.78 -32.02 -33.34
C LEU B 190 18.84 -31.56 -32.24
N SER B 191 18.12 -30.48 -32.51
CA SER B 191 17.16 -29.94 -31.56
C SER B 191 15.76 -30.45 -31.92
N ILE B 192 15.06 -30.96 -30.92
CA ILE B 192 13.69 -31.43 -31.14
C ILE B 192 12.81 -30.80 -30.07
N PRO B 193 11.50 -30.64 -30.32
CA PRO B 193 10.65 -29.94 -29.36
C PRO B 193 10.64 -30.64 -28.00
N THR B 194 10.55 -29.83 -26.95
CA THR B 194 10.53 -30.38 -25.60
C THR B 194 9.29 -31.25 -25.38
N ASP B 195 8.16 -30.83 -25.94
CA ASP B 195 6.90 -31.54 -25.74
C ASP B 195 6.76 -32.77 -26.61
N SER B 196 7.79 -33.15 -27.36
CA SER B 196 7.75 -34.35 -28.18
C SER B 196 8.44 -35.54 -27.54
N ILE B 197 9.19 -35.32 -26.45
CA ILE B 197 9.99 -36.37 -25.84
C ILE B 197 9.73 -36.42 -24.34
N TRP B 198 10.12 -37.53 -23.73
CA TRP B 198 9.96 -37.72 -22.29
C TRP B 198 10.88 -36.76 -21.54
N VAL B 199 10.32 -36.08 -20.54
CA VAL B 199 11.08 -35.14 -19.72
C VAL B 199 10.84 -35.49 -18.25
N PRO B 200 11.89 -35.63 -17.44
CA PRO B 200 11.69 -36.00 -16.04
C PRO B 200 10.97 -34.90 -15.27
N ASP B 201 10.19 -35.33 -14.28
CA ASP B 201 9.40 -34.42 -13.46
C ASP B 201 10.18 -33.92 -12.25
N ILE B 202 11.35 -33.33 -12.51
CA ILE B 202 12.21 -32.85 -11.44
C ILE B 202 11.81 -31.42 -11.09
N LEU B 203 11.46 -31.19 -9.84
CA LEU B 203 11.08 -29.87 -9.38
C LEU B 203 11.54 -29.68 -7.94
N ILE B 204 11.29 -28.49 -7.41
CA ILE B 204 11.81 -28.08 -6.11
C ILE B 204 10.78 -28.41 -5.04
N ASN B 205 11.23 -29.03 -3.95
CA ASN B 205 10.33 -29.36 -2.85
C ASN B 205 9.80 -28.11 -2.18
N GLU B 206 10.63 -27.10 -2.03
CA GLU B 206 10.26 -25.92 -1.24
C GLU B 206 9.30 -24.99 -1.95
N PHE B 207 8.68 -25.37 -3.06
CA PHE B 207 7.73 -24.48 -3.73
C PHE B 207 6.61 -24.08 -2.79
N VAL B 208 6.26 -22.79 -2.81
CA VAL B 208 5.02 -22.30 -2.25
C VAL B 208 4.19 -21.54 -3.27
N ASP B 209 4.59 -21.58 -4.54
CA ASP B 209 3.91 -20.92 -5.63
C ASP B 209 4.46 -21.50 -6.92
N VAL B 210 4.00 -20.99 -8.06
CA VAL B 210 4.59 -21.30 -9.35
C VAL B 210 5.18 -20.00 -9.89
N GLY B 211 6.38 -20.09 -10.47
CA GLY B 211 7.04 -18.93 -11.01
C GLY B 211 6.72 -18.76 -12.48
N LYS B 212 6.52 -17.50 -12.89
CA LYS B 212 6.29 -17.18 -14.28
C LYS B 212 7.64 -17.10 -14.99
N SER B 213 7.90 -18.06 -15.86
CA SER B 213 9.16 -18.15 -16.57
C SER B 213 8.90 -18.51 -18.03
N PRO B 214 9.78 -18.10 -18.94
CA PRO B 214 9.60 -18.45 -20.35
C PRO B 214 9.59 -19.96 -20.55
N ASN B 215 8.75 -20.41 -21.48
CA ASN B 215 8.73 -21.81 -21.86
C ASN B 215 9.74 -22.04 -22.97
N ILE B 216 10.64 -23.00 -22.77
CA ILE B 216 11.67 -23.32 -23.74
C ILE B 216 11.15 -24.42 -24.64
N PRO B 217 10.97 -24.18 -25.95
CA PRO B 217 10.32 -25.18 -26.79
C PRO B 217 11.21 -26.31 -27.25
N TYR B 218 12.52 -26.13 -27.32
CA TYR B 218 13.41 -27.12 -27.91
C TYR B 218 14.40 -27.65 -26.89
N VAL B 219 14.89 -28.87 -27.15
CA VAL B 219 15.97 -29.48 -26.39
C VAL B 219 16.94 -30.12 -27.37
N TYR B 220 18.22 -30.09 -27.02
CA TYR B 220 19.26 -30.70 -27.82
C TYR B 220 19.38 -32.18 -27.50
N VAL B 221 19.55 -32.99 -28.54
CA VAL B 221 19.73 -34.42 -28.39
C VAL B 221 20.94 -34.84 -29.22
N HIS B 222 21.87 -35.54 -28.58
CA HIS B 222 23.06 -36.03 -29.25
C HIS B 222 22.83 -37.46 -29.74
N HIS B 223 23.74 -37.94 -30.58
CA HIS B 223 23.52 -39.22 -31.24
C HIS B 223 23.58 -40.39 -30.27
N ARG B 224 24.13 -40.21 -29.07
CA ARG B 224 24.09 -41.23 -28.04
C ARG B 224 22.83 -41.15 -27.19
N GLY B 225 21.94 -40.22 -27.48
CA GLY B 225 20.72 -40.06 -26.72
C GLY B 225 20.78 -39.01 -25.63
N GLU B 226 21.92 -38.33 -25.47
CA GLU B 226 22.08 -37.38 -24.37
C GLU B 226 21.24 -36.14 -24.59
N VAL B 227 20.04 -36.11 -24.04
CA VAL B 227 19.15 -34.96 -24.17
C VAL B 227 19.63 -33.87 -23.23
N GLN B 228 19.73 -32.64 -23.74
CA GLN B 228 20.13 -31.49 -22.95
C GLN B 228 18.99 -30.49 -22.90
N ASN B 229 18.51 -30.20 -21.69
CA ASN B 229 17.38 -29.30 -21.48
C ASN B 229 17.87 -28.09 -20.70
N TYR B 230 17.93 -26.95 -21.37
CA TYR B 230 18.27 -25.67 -20.75
C TYR B 230 16.98 -24.88 -20.56
N LYS B 231 16.80 -24.31 -19.36
CA LYS B 231 15.61 -23.50 -19.19
C LYS B 231 15.80 -22.52 -18.04
N PRO B 232 15.26 -21.30 -18.15
CA PRO B 232 15.26 -20.39 -17.00
C PRO B 232 13.97 -20.55 -16.22
N LEU B 233 14.06 -20.46 -14.91
CA LEU B 233 12.85 -20.57 -14.10
C LEU B 233 12.94 -19.73 -12.85
N GLN B 234 11.82 -19.08 -12.55
CA GLN B 234 11.66 -18.29 -11.34
C GLN B 234 11.07 -19.16 -10.25
N LEU B 235 11.69 -19.13 -9.07
CA LEU B 235 11.30 -20.00 -7.97
C LEU B 235 10.87 -19.17 -6.78
N VAL B 236 9.65 -19.41 -6.30
CA VAL B 236 9.17 -18.89 -5.03
C VAL B 236 9.20 -20.06 -4.06
N THR B 237 10.12 -20.02 -3.09
CA THR B 237 10.37 -21.15 -2.23
C THR B 237 10.31 -20.73 -0.77
N ALA B 238 9.78 -21.60 0.07
CA ALA B 238 9.78 -21.35 1.50
C ALA B 238 11.17 -21.56 2.08
N CYS B 239 11.65 -20.59 2.85
CA CYS B 239 12.98 -20.64 3.42
C CYS B 239 12.95 -20.11 4.85
N SER B 240 13.93 -20.54 5.64
CA SER B 240 14.06 -20.11 7.01
C SER B 240 15.00 -18.91 7.08
N LEU B 241 14.49 -17.77 7.52
CA LEU B 241 15.24 -16.52 7.56
C LEU B 241 15.55 -16.16 9.00
N ASP B 242 16.84 -16.07 9.33
CA ASP B 242 17.31 -15.71 10.65
C ASP B 242 17.54 -14.20 10.68
N ILE B 243 16.63 -13.49 11.34
CA ILE B 243 16.64 -12.03 11.33
C ILE B 243 17.27 -11.49 12.62
N TYR B 244 18.07 -12.31 13.30
CA TYR B 244 18.66 -11.89 14.57
C TYR B 244 19.57 -10.68 14.41
N ASN B 245 20.34 -10.65 13.33
CA ASN B 245 21.25 -9.53 13.06
C ASN B 245 20.88 -8.87 11.74
N PHE B 246 19.62 -8.48 11.60
CA PHE B 246 18.92 -8.08 10.37
C PHE B 246 19.78 -7.31 9.37
N PRO B 247 20.41 -6.19 9.73
CA PRO B 247 21.15 -5.44 8.69
C PRO B 247 22.36 -6.20 8.17
N PHE B 248 22.87 -7.18 8.91
CA PHE B 248 24.08 -7.90 8.55
C PHE B 248 23.86 -9.41 8.46
N ASP B 249 22.61 -9.83 8.31
CA ASP B 249 22.29 -11.25 8.36
C ASP B 249 22.79 -11.98 7.12
N VAL B 250 23.14 -13.24 7.31
CA VAL B 250 23.50 -14.15 6.22
C VAL B 250 22.47 -15.27 6.18
N GLN B 251 21.70 -15.32 5.11
CA GLN B 251 20.59 -16.26 4.99
C GLN B 251 21.05 -17.47 4.20
N ASN B 252 20.59 -18.64 4.62
CA ASN B 252 21.02 -19.92 4.09
C ASN B 252 19.77 -20.70 3.70
N CYS B 253 19.38 -20.59 2.44
CA CYS B 253 18.08 -21.08 1.97
C CYS B 253 18.30 -22.29 1.06
N SER B 254 17.51 -23.32 1.27
CA SER B 254 17.68 -24.58 0.55
C SER B 254 16.72 -24.68 -0.62
N LEU B 255 17.26 -25.01 -1.78
CA LEU B 255 16.47 -25.36 -2.97
C LEU B 255 16.67 -26.85 -3.21
N THR B 256 15.61 -27.62 -3.11
CA THR B 256 15.72 -29.08 -3.14
C THR B 256 15.14 -29.61 -4.45
N PHE B 257 16.02 -29.91 -5.40
CA PHE B 257 15.60 -30.48 -6.66
C PHE B 257 15.45 -31.99 -6.50
N THR B 258 14.25 -32.50 -6.79
CA THR B 258 14.00 -33.93 -6.71
C THR B 258 12.90 -34.29 -7.69
N SER B 259 12.87 -35.56 -8.06
CA SER B 259 11.78 -36.07 -8.87
C SER B 259 10.55 -36.22 -7.98
N TRP B 260 9.46 -35.55 -8.38
CA TRP B 260 8.28 -35.51 -7.51
C TRP B 260 7.67 -36.89 -7.33
N LEU B 261 7.66 -37.70 -8.38
CA LEU B 261 7.00 -39.00 -8.32
C LEU B 261 7.98 -40.17 -8.33
N HIS B 262 8.94 -40.17 -9.24
CA HIS B 262 9.79 -41.33 -9.44
C HIS B 262 10.75 -41.52 -8.28
N THR B 263 10.95 -42.77 -7.89
CA THR B 263 11.82 -43.11 -6.76
C THR B 263 13.26 -43.24 -7.24
N ILE B 264 14.14 -43.70 -6.36
CA ILE B 264 15.54 -43.94 -6.72
C ILE B 264 15.65 -45.02 -7.77
N GLN B 265 14.65 -45.90 -7.86
CA GLN B 265 14.69 -47.02 -8.79
C GLN B 265 14.29 -46.62 -10.20
N ASP B 266 13.80 -45.40 -10.40
CA ASP B 266 13.41 -44.92 -11.71
C ASP B 266 14.20 -43.69 -12.15
N ILE B 267 14.34 -42.70 -11.27
CA ILE B 267 15.09 -41.48 -11.58
C ILE B 267 16.06 -41.22 -10.44
N ASN B 268 17.35 -41.20 -10.76
CA ASN B 268 18.39 -40.76 -9.83
C ASN B 268 18.94 -39.44 -10.32
N ILE B 269 19.42 -38.63 -9.37
CA ILE B 269 19.89 -37.28 -9.67
C ILE B 269 21.37 -37.19 -9.31
N THR B 270 22.18 -36.77 -10.29
CA THR B 270 23.58 -36.44 -10.08
C THR B 270 23.80 -34.97 -10.39
N LEU B 271 25.04 -34.54 -10.31
CA LEU B 271 25.42 -33.16 -10.55
C LEU B 271 26.21 -33.07 -11.84
N TRP B 272 25.88 -32.09 -12.67
CA TRP B 272 26.54 -31.93 -13.97
C TRP B 272 28.01 -31.56 -13.79
N ARG B 273 28.27 -30.45 -13.11
CA ARG B 273 29.63 -30.01 -12.84
C ARG B 273 30.10 -30.50 -11.48
N SER B 274 31.39 -30.37 -11.24
CA SER B 274 31.93 -30.69 -9.92
C SER B 274 31.37 -29.71 -8.89
N PRO B 275 31.21 -30.15 -7.64
CA PRO B 275 30.63 -29.25 -6.62
C PRO B 275 31.44 -27.98 -6.41
N GLU B 276 32.76 -28.04 -6.59
CA GLU B 276 33.56 -26.83 -6.44
C GLU B 276 33.26 -25.82 -7.54
N GLU B 277 32.95 -26.28 -8.75
CA GLU B 277 32.63 -25.35 -9.83
C GLU B 277 31.31 -24.64 -9.59
N VAL B 278 30.29 -25.37 -9.15
CA VAL B 278 29.00 -24.75 -8.91
C VAL B 278 29.03 -23.92 -7.64
N ARG B 279 29.90 -24.25 -6.69
CA ARG B 279 30.01 -23.45 -5.47
C ARG B 279 30.45 -22.02 -5.77
N SER B 280 31.42 -21.86 -6.67
CA SER B 280 32.01 -20.56 -6.96
C SER B 280 31.47 -19.93 -8.23
N ASP B 281 30.25 -20.28 -8.62
CA ASP B 281 29.69 -19.78 -9.88
C ASP B 281 28.95 -18.47 -9.64
N LYS B 282 29.48 -17.39 -10.21
CA LYS B 282 28.85 -16.07 -10.16
C LYS B 282 28.92 -15.39 -11.52
N SER B 283 28.88 -16.17 -12.60
CA SER B 283 29.13 -15.63 -13.94
C SER B 283 28.00 -14.71 -14.40
N ILE B 284 26.76 -14.99 -14.03
CA ILE B 284 25.61 -14.25 -14.52
C ILE B 284 24.83 -13.56 -13.41
N PHE B 285 25.22 -13.73 -12.16
CA PHE B 285 24.44 -13.19 -11.06
C PHE B 285 24.38 -11.67 -11.13
N ILE B 286 23.19 -11.12 -10.95
CA ILE B 286 22.96 -9.67 -10.91
C ILE B 286 23.40 -9.20 -9.53
N ASN B 287 24.55 -8.54 -9.46
CA ASN B 287 25.21 -8.32 -8.18
C ASN B 287 24.73 -7.06 -7.47
N GLN B 288 24.28 -6.05 -8.20
CA GLN B 288 24.00 -4.74 -7.62
C GLN B 288 22.67 -4.68 -6.88
N GLY B 289 22.07 -5.82 -6.53
CA GLY B 289 20.87 -5.84 -5.74
C GLY B 289 21.18 -5.70 -4.26
N GLU B 290 20.12 -5.89 -3.45
CA GLU B 290 20.28 -5.81 -2.01
C GLU B 290 21.06 -7.00 -1.45
N TRP B 291 21.02 -8.15 -2.14
CA TRP B 291 21.60 -9.38 -1.65
C TRP B 291 22.83 -9.76 -2.48
N GLU B 292 23.87 -10.18 -1.78
CA GLU B 292 25.11 -10.65 -2.42
C GLU B 292 25.16 -12.16 -2.29
N LEU B 293 25.31 -12.85 -3.42
CA LEU B 293 25.40 -14.30 -3.42
C LEU B 293 26.80 -14.72 -2.96
N LEU B 294 26.87 -15.41 -1.84
CA LEU B 294 28.16 -15.91 -1.36
C LEU B 294 28.54 -17.19 -2.09
N GLU B 295 27.62 -18.16 -2.14
CA GLU B 295 27.85 -19.42 -2.83
C GLU B 295 26.53 -20.18 -2.89
N VAL B 296 26.50 -21.19 -3.74
CA VAL B 296 25.46 -22.22 -3.73
C VAL B 296 26.15 -23.56 -3.53
N PHE B 297 25.65 -24.35 -2.60
CA PHE B 297 26.33 -25.57 -2.19
C PHE B 297 25.49 -26.79 -2.49
N PRO B 298 25.91 -27.68 -3.39
CA PRO B 298 25.12 -28.88 -3.70
C PRO B 298 25.46 -30.06 -2.79
N GLN B 299 24.41 -30.80 -2.42
CA GLN B 299 24.60 -31.99 -1.61
C GLN B 299 23.53 -33.01 -1.95
N PHE B 300 23.94 -34.26 -2.15
CA PHE B 300 23.05 -35.33 -2.52
C PHE B 300 22.63 -36.14 -1.30
N LYS B 301 21.34 -36.47 -1.23
CA LYS B 301 20.83 -37.33 -0.18
C LYS B 301 19.59 -38.04 -0.70
N GLU B 302 19.15 -39.05 0.04
CA GLU B 302 17.97 -39.83 -0.31
C GLU B 302 16.86 -39.55 0.70
N PHE B 303 15.74 -39.03 0.22
CA PHE B 303 14.55 -38.99 1.02
C PHE B 303 14.01 -40.40 1.15
N SER B 304 13.38 -40.72 2.26
CA SER B 304 12.85 -42.07 2.45
C SER B 304 11.51 -42.00 3.16
N ILE B 305 10.47 -42.55 2.53
CA ILE B 305 9.21 -42.79 3.22
C ILE B 305 9.25 -44.12 3.96
N ASP B 306 9.83 -45.13 3.33
CA ASP B 306 10.01 -46.45 3.91
C ASP B 306 11.29 -47.04 3.35
N ILE B 307 11.46 -48.36 3.49
CA ILE B 307 12.66 -49.01 2.99
C ILE B 307 12.69 -48.98 1.47
N SER B 308 11.53 -49.18 0.83
CA SER B 308 11.47 -49.26 -0.62
C SER B 308 11.29 -47.91 -1.29
N ASN B 309 10.51 -47.00 -0.68
CA ASN B 309 10.19 -45.72 -1.30
C ASN B 309 11.25 -44.68 -0.92
N SER B 310 12.37 -44.74 -1.62
CA SER B 310 13.45 -43.78 -1.46
C SER B 310 13.57 -42.93 -2.71
N TYR B 311 13.78 -41.63 -2.53
CA TYR B 311 13.78 -40.66 -3.61
C TYR B 311 15.12 -39.95 -3.69
N ALA B 312 15.59 -39.74 -4.92
CA ALA B 312 16.78 -38.94 -5.16
C ALA B 312 16.49 -37.50 -4.76
N GLU B 313 17.53 -36.79 -4.35
CA GLU B 313 17.38 -35.45 -3.82
C GLU B 313 18.69 -34.71 -3.98
N MET B 314 18.63 -33.45 -4.39
CA MET B 314 19.83 -32.64 -4.52
C MET B 314 19.52 -31.26 -3.93
N LYS B 315 20.16 -30.94 -2.82
CA LYS B 315 19.91 -29.69 -2.11
C LYS B 315 21.00 -28.69 -2.44
N PHE B 316 20.61 -27.55 -3.01
CA PHE B 316 21.51 -26.43 -3.24
C PHE B 316 21.27 -25.43 -2.13
N TYR B 317 22.32 -25.15 -1.36
CA TYR B 317 22.22 -24.21 -0.24
C TYR B 317 22.64 -22.84 -0.72
N VAL B 318 21.66 -22.07 -1.22
CA VAL B 318 21.93 -20.71 -1.65
C VAL B 318 22.19 -19.85 -0.42
N ILE B 319 23.36 -19.24 -0.37
CA ILE B 319 23.77 -18.42 0.76
C ILE B 319 23.85 -16.98 0.29
N ILE B 320 23.12 -16.10 0.95
CA ILE B 320 23.00 -14.71 0.52
C ILE B 320 23.23 -13.80 1.71
N ARG B 321 24.08 -12.79 1.53
CA ARG B 321 24.38 -11.82 2.57
C ARG B 321 23.74 -10.49 2.21
N ARG B 322 23.02 -9.90 3.16
CA ARG B 322 22.39 -8.61 2.92
C ARG B 322 23.45 -7.50 2.95
N ARG B 323 23.30 -6.53 2.05
CA ARG B 323 24.20 -5.39 2.01
C ARG B 323 23.67 -4.32 2.96
N PRO B 324 24.39 -3.99 4.03
CA PRO B 324 23.86 -3.03 5.01
C PRO B 324 23.83 -1.59 4.53
N LEU B 325 24.52 -1.26 3.44
CA LEU B 325 24.52 0.11 2.94
C LEU B 325 23.14 0.55 2.46
N PHE B 326 22.26 -0.40 2.17
CA PHE B 326 20.87 -0.06 1.88
C PHE B 326 20.20 0.58 3.10
N TYR B 327 20.56 0.12 4.30
CA TYR B 327 19.81 0.44 5.50
C TYR B 327 20.54 1.37 6.46
N ALA B 328 21.83 1.62 6.25
CA ALA B 328 22.56 2.49 7.17
C ALA B 328 21.88 3.84 7.30
N VAL B 329 21.60 4.48 6.16
CA VAL B 329 20.88 5.75 6.17
C VAL B 329 19.50 5.57 6.78
N SER B 330 18.85 4.44 6.50
CA SER B 330 17.44 4.29 6.86
C SER B 330 17.26 4.21 8.37
N LEU B 331 18.14 3.50 9.07
CA LEU B 331 18.03 3.38 10.53
C LEU B 331 18.96 4.34 11.27
N LEU B 332 20.27 4.27 11.01
CA LEU B 332 21.22 4.90 11.91
C LEU B 332 21.14 6.42 11.86
N LEU B 333 21.00 7.00 10.67
CA LEU B 333 21.09 8.45 10.54
C LEU B 333 20.00 9.18 11.32
N PRO B 334 18.70 8.85 11.20
CA PRO B 334 17.71 9.61 11.97
C PRO B 334 17.89 9.48 13.47
N SER B 335 18.23 8.29 13.97
CA SER B 335 18.45 8.12 15.40
C SER B 335 19.61 8.98 15.88
N ILE B 336 20.69 9.01 15.11
CA ILE B 336 21.83 9.85 15.46
C ILE B 336 21.40 11.31 15.51
N PHE B 337 20.62 11.74 14.51
CA PHE B 337 20.07 13.09 14.54
C PHE B 337 19.30 13.35 15.82
N LEU B 338 18.43 12.43 16.19
CA LEU B 338 17.60 12.63 17.37
C LEU B 338 18.46 12.76 18.62
N MET B 339 19.49 11.92 18.73
CA MET B 339 20.37 12.04 19.88
C MET B 339 21.11 13.36 19.89
N VAL B 340 21.53 13.82 18.71
CA VAL B 340 22.23 15.10 18.64
C VAL B 340 21.33 16.22 19.13
N VAL B 341 20.08 16.23 18.69
CA VAL B 341 19.16 17.28 19.10
C VAL B 341 18.88 17.18 20.58
N ASP B 342 18.78 15.95 21.10
CA ASP B 342 18.59 15.78 22.53
C ASP B 342 19.76 16.39 23.31
N ILE B 343 20.98 16.15 22.82
CA ILE B 343 22.15 16.70 23.50
C ILE B 343 22.14 18.22 23.41
N VAL B 344 21.64 18.76 22.30
CA VAL B 344 21.51 20.21 22.16
C VAL B 344 20.50 20.75 23.15
N GLY B 345 19.46 19.98 23.45
CA GLY B 345 18.37 20.47 24.28
C GLY B 345 18.74 20.78 25.71
N PHE B 346 19.82 20.18 26.22
CA PHE B 346 20.24 20.46 27.59
C PHE B 346 20.74 21.88 27.76
N CYS B 347 21.15 22.55 26.68
CA CYS B 347 21.67 23.91 26.80
C CYS B 347 20.58 24.91 27.18
N LEU B 348 19.31 24.56 27.00
CA LEU B 348 18.24 25.42 27.45
C LEU B 348 18.24 25.50 28.97
N PRO B 349 17.98 26.67 29.55
CA PRO B 349 17.95 26.79 31.01
C PRO B 349 16.82 25.98 31.60
N PRO B 350 17.02 25.38 32.77
CA PRO B 350 15.97 24.56 33.38
C PRO B 350 14.71 25.35 33.73
N ASP B 351 14.85 26.62 34.08
CA ASP B 351 13.72 27.44 34.48
C ASP B 351 12.97 28.05 33.29
N SER B 352 13.40 27.78 32.06
CA SER B 352 12.75 28.36 30.90
C SER B 352 11.32 27.85 30.74
N GLY B 353 11.05 26.61 31.14
CA GLY B 353 9.73 26.05 31.01
C GLY B 353 9.49 25.45 29.64
N GLU B 354 10.22 25.95 28.63
CA GLU B 354 10.13 25.38 27.29
C GLU B 354 10.98 24.12 27.13
N ARG B 355 11.97 23.93 28.01
CA ARG B 355 12.87 22.80 27.87
C ARG B 355 12.12 21.47 27.94
N VAL B 356 11.17 21.35 28.86
CA VAL B 356 10.40 20.12 28.97
C VAL B 356 9.51 19.92 27.75
N SER B 357 8.94 21.01 27.24
CA SER B 357 8.18 20.92 25.99
C SER B 357 9.08 20.50 24.83
N PHE B 358 10.29 21.06 24.78
CA PHE B 358 11.27 20.63 23.78
C PHE B 358 11.52 19.14 23.87
N LYS B 359 11.76 18.63 25.08
CA LYS B 359 12.09 17.22 25.26
C LYS B 359 10.91 16.33 24.88
N ILE B 360 9.69 16.70 25.27
CA ILE B 360 8.55 15.85 24.96
C ILE B 360 8.25 15.89 23.45
N THR B 361 8.43 17.04 22.81
CA THR B 361 8.26 17.11 21.37
C THR B 361 9.28 16.23 20.66
N LEU B 362 10.54 16.26 21.12
CA LEU B 362 11.56 15.41 20.54
C LEU B 362 11.24 13.93 20.74
N LEU B 363 10.74 13.58 21.93
CA LEU B 363 10.37 12.19 22.18
C LEU B 363 9.23 11.74 21.28
N LEU B 364 8.23 12.62 21.08
CA LEU B 364 7.15 12.29 20.15
C LEU B 364 7.66 12.11 18.74
N GLY B 365 8.58 12.98 18.31
CA GLY B 365 9.15 12.83 16.99
C GLY B 365 9.91 11.52 16.82
N TYR B 366 10.69 11.13 17.83
CA TYR B 366 11.46 9.91 17.67
C TYR B 366 10.55 8.69 17.76
N SER B 367 9.44 8.81 18.51
CA SER B 367 8.45 7.73 18.54
C SER B 367 7.77 7.58 17.19
N VAL B 368 7.46 8.69 16.52
CA VAL B 368 6.93 8.61 15.16
C VAL B 368 7.95 7.96 14.23
N PHE B 369 9.23 8.28 14.44
CA PHE B 369 10.29 7.62 13.67
C PHE B 369 10.29 6.11 13.89
N LEU B 370 10.18 5.68 15.16
CA LEU B 370 10.11 4.26 15.45
C LEU B 370 8.91 3.60 14.79
N ILE B 371 7.76 4.27 14.85
CA ILE B 371 6.54 3.72 14.27
C ILE B 371 6.68 3.54 12.77
N ILE B 372 7.18 4.57 12.08
CA ILE B 372 7.26 4.50 10.63
C ILE B 372 8.35 3.52 10.20
N VAL B 373 9.44 3.41 10.97
CA VAL B 373 10.50 2.48 10.60
C VAL B 373 10.05 1.03 10.74
N SER B 374 9.16 0.75 11.68
CA SER B 374 8.75 -0.63 11.95
C SER B 374 8.07 -1.30 10.76
N ASP B 375 7.63 -0.53 9.77
CA ASP B 375 7.09 -1.14 8.55
C ASP B 375 8.16 -1.81 7.70
N THR B 376 9.44 -1.49 7.94
CA THR B 376 10.55 -2.07 7.21
C THR B 376 11.33 -3.10 8.03
N LEU B 377 11.63 -2.77 9.28
CA LEU B 377 12.33 -3.68 10.17
C LEU B 377 11.46 -4.90 10.44
N PRO B 378 11.84 -6.09 9.99
CA PRO B 378 10.96 -7.26 10.12
C PRO B 378 11.11 -7.90 11.49
N ALA B 379 10.31 -8.95 11.71
CA ALA B 379 10.32 -9.68 12.96
C ALA B 379 10.03 -11.15 12.69
N THR B 380 10.35 -11.99 13.67
CA THR B 380 10.13 -13.42 13.56
C THR B 380 9.89 -14.00 14.94
N ALA B 381 9.40 -15.24 14.97
CA ALA B 381 9.07 -15.88 16.23
C ALA B 381 10.30 -16.17 17.07
N ILE B 382 11.45 -16.39 16.43
CA ILE B 382 12.68 -16.67 17.17
C ILE B 382 13.08 -15.48 18.01
N GLY B 383 12.88 -14.27 17.49
CA GLY B 383 13.22 -13.07 18.23
C GLY B 383 13.41 -11.86 17.34
N THR B 384 13.24 -10.68 17.91
CA THR B 384 13.44 -9.45 17.17
C THR B 384 14.93 -9.23 16.90
N PRO B 385 15.27 -8.51 15.83
CA PRO B 385 16.69 -8.21 15.58
C PRO B 385 17.28 -7.34 16.67
N LEU B 386 18.60 -7.44 16.84
CA LEU B 386 19.29 -6.63 17.84
C LEU B 386 19.16 -5.15 17.56
N ILE B 387 18.83 -4.76 16.33
CA ILE B 387 18.52 -3.37 16.04
C ILE B 387 17.32 -2.92 16.86
N GLY B 388 16.36 -3.81 17.07
CA GLY B 388 15.25 -3.48 17.97
C GLY B 388 15.72 -3.21 19.39
N VAL B 389 16.68 -4.01 19.87
CA VAL B 389 17.19 -3.81 21.21
C VAL B 389 17.93 -2.47 21.32
N TYR B 390 18.72 -2.13 20.31
CA TYR B 390 19.42 -0.85 20.35
C TYR B 390 18.46 0.32 20.21
N PHE B 391 17.37 0.17 19.44
CA PHE B 391 16.36 1.20 19.40
C PHE B 391 15.68 1.36 20.75
N VAL B 392 15.44 0.25 21.44
CA VAL B 392 14.85 0.33 22.79
C VAL B 392 15.81 1.00 23.76
N VAL B 393 17.12 0.76 23.60
CA VAL B 393 18.09 1.43 24.46
C VAL B 393 18.13 2.92 24.18
N CYS B 394 18.08 3.30 22.90
CA CYS B 394 17.94 4.71 22.57
C CYS B 394 16.67 5.31 23.19
N MET B 395 15.59 4.53 23.20
CA MET B 395 14.34 4.98 23.81
C MET B 395 14.53 5.21 25.29
N ALA B 396 15.22 4.30 25.97
CA ALA B 396 15.50 4.47 27.39
C ALA B 396 16.37 5.70 27.63
N LEU B 397 17.32 5.95 26.74
CA LEU B 397 18.15 7.15 26.90
C LEU B 397 17.34 8.42 26.76
N LEU B 398 16.44 8.48 25.76
CA LEU B 398 15.60 9.67 25.61
C LEU B 398 14.66 9.83 26.81
N VAL B 399 14.09 8.73 27.30
CA VAL B 399 13.20 8.82 28.45
C VAL B 399 13.97 9.26 29.69
N ILE B 400 15.22 8.81 29.83
CA ILE B 400 16.04 9.24 30.95
C ILE B 400 16.34 10.72 30.86
N SER B 401 16.64 11.22 29.66
CA SER B 401 16.86 12.65 29.50
C SER B 401 15.61 13.45 29.83
N LEU B 402 14.45 12.98 29.38
CA LEU B 402 13.20 13.65 29.70
C LEU B 402 12.93 13.65 31.19
N ALA B 403 13.20 12.53 31.87
CA ALA B 403 12.98 12.45 33.31
C ALA B 403 13.94 13.37 34.05
N GLU B 404 15.19 13.48 33.58
CA GLU B 404 16.12 14.42 34.19
C GLU B 404 15.64 15.85 34.02
N THR B 405 15.14 16.18 32.82
CA THR B 405 14.60 17.52 32.61
C THR B 405 13.43 17.80 33.53
N ILE B 406 12.52 16.85 33.67
CA ILE B 406 11.35 17.05 34.52
C ILE B 406 11.76 17.16 35.98
N PHE B 407 12.71 16.35 36.42
CA PHE B 407 13.19 16.44 37.80
C PHE B 407 13.84 17.79 38.07
N ILE B 408 14.68 18.26 37.16
CA ILE B 408 15.34 19.55 37.39
C ILE B 408 14.32 20.68 37.35
N VAL B 409 13.29 20.57 36.49
CA VAL B 409 12.25 21.59 36.45
C VAL B 409 11.48 21.61 37.77
N ARG B 410 11.17 20.42 38.30
CA ARG B 410 10.56 20.33 39.62
C ARG B 410 11.46 20.92 40.70
N LEU B 411 12.77 20.85 40.51
CA LEU B 411 13.69 21.32 41.53
C LEU B 411 13.77 22.84 41.60
N VAL B 412 13.80 23.51 40.45
CA VAL B 412 14.13 24.94 40.42
C VAL B 412 12.90 25.82 40.28
N HIS B 413 11.70 25.26 40.40
CA HIS B 413 10.51 26.02 40.07
C HIS B 413 10.33 27.22 40.98
N LYS B 414 9.82 28.31 40.41
CA LYS B 414 9.49 29.53 41.16
C LYS B 414 8.10 29.39 41.79
N GLN B 415 7.96 28.37 42.63
CA GLN B 415 6.66 27.98 43.16
C GLN B 415 6.21 28.82 44.36
N ASP B 416 7.00 29.80 44.78
CA ASP B 416 6.61 30.72 45.87
C ASP B 416 6.22 29.98 47.14
N LEU B 417 6.72 28.75 47.31
CA LEU B 417 6.38 27.94 48.46
C LEU B 417 7.59 27.23 49.05
N GLN B 418 8.77 27.37 48.44
CA GLN B 418 9.92 26.55 48.81
C GLN B 418 10.44 26.90 50.19
N ARG B 419 10.60 25.89 51.03
CA ARG B 419 11.47 26.02 52.19
C ARG B 419 12.91 26.16 51.67
N PRO B 420 13.82 26.76 52.45
CA PRO B 420 15.15 27.00 51.91
C PRO B 420 16.03 25.74 51.83
N VAL B 421 17.09 25.85 51.04
CA VAL B 421 17.88 24.66 50.74
C VAL B 421 18.52 24.14 52.02
N PRO B 422 18.50 22.82 52.26
CA PRO B 422 19.11 22.30 53.48
C PRO B 422 20.61 22.48 53.47
N ASP B 423 21.19 22.53 54.68
CA ASP B 423 22.61 22.84 54.83
C ASP B 423 23.48 21.83 54.11
N TRP B 424 23.16 20.53 54.25
CA TRP B 424 23.94 19.51 53.57
C TRP B 424 23.88 19.68 52.06
N LEU B 425 22.69 19.92 51.52
CA LEU B 425 22.54 20.10 50.08
C LEU B 425 23.29 21.34 49.61
N ARG B 426 23.15 22.44 50.36
CA ARG B 426 23.84 23.68 50.00
C ARG B 426 25.34 23.47 49.94
N HIS B 427 25.93 22.89 50.99
CA HIS B 427 27.38 22.72 51.02
C HIS B 427 27.84 21.73 49.94
N LEU B 428 27.12 20.62 49.79
CA LEU B 428 27.53 19.61 48.81
C LEU B 428 27.51 20.18 47.40
N VAL B 429 26.49 20.96 47.07
CA VAL B 429 26.41 21.57 45.74
C VAL B 429 27.46 22.67 45.57
N LEU B 430 27.58 23.57 46.55
CA LEU B 430 28.46 24.72 46.39
C LEU B 430 29.94 24.37 46.52
N ASP B 431 30.26 23.16 47.00
CA ASP B 431 31.66 22.73 46.98
C ASP B 431 32.14 22.38 45.58
N ARG B 432 31.22 22.15 44.64
CA ARG B 432 31.58 21.76 43.27
C ARG B 432 30.89 22.64 42.24
N ALA B 433 30.56 23.87 42.61
CA ALA B 433 29.90 24.79 41.69
C ALA B 433 30.83 25.19 40.54
N VAL B 503 5.63 60.14 66.95
CA VAL B 503 6.25 59.64 65.73
C VAL B 503 6.30 58.12 65.75
N ARG B 504 5.86 57.53 66.86
CA ARG B 504 5.88 56.07 66.98
C ARG B 504 4.97 55.43 65.94
N GLY B 505 3.82 56.03 65.67
CA GLY B 505 2.95 55.52 64.62
C GLY B 505 3.62 55.54 63.26
N LEU B 506 4.38 56.60 62.97
CA LEU B 506 5.11 56.67 61.71
C LEU B 506 6.24 55.64 61.67
N LEU B 507 6.96 55.49 62.77
CA LEU B 507 8.09 54.55 62.80
C LEU B 507 7.62 53.11 62.63
N GLN B 508 6.55 52.73 63.33
CA GLN B 508 6.06 51.36 63.23
C GLN B 508 5.40 51.08 61.88
N GLU B 509 4.79 52.10 61.28
CA GLU B 509 4.10 51.90 60.01
C GLU B 509 5.07 51.80 58.84
N LEU B 510 6.16 52.56 58.87
CA LEU B 510 7.24 52.37 57.90
C LEU B 510 7.89 51.00 58.06
N SER B 511 7.90 50.46 59.29
CA SER B 511 8.48 49.15 59.52
C SER B 511 7.71 48.06 58.78
N SER B 512 6.39 48.20 58.67
CA SER B 512 5.62 47.24 57.91
C SER B 512 6.01 47.27 56.43
N ILE B 513 6.33 48.45 55.91
CA ILE B 513 6.71 48.58 54.50
C ILE B 513 8.02 47.85 54.24
N ARG B 514 9.02 48.04 55.11
CA ARG B 514 10.29 47.34 54.92
C ARG B 514 10.16 45.86 55.23
N HIS B 515 9.24 45.48 56.13
CA HIS B 515 9.04 44.07 56.42
C HIS B 515 8.46 43.34 55.22
N PHE B 516 7.50 43.95 54.53
CA PHE B 516 6.90 43.31 53.37
C PHE B 516 7.91 43.17 52.24
N LEU B 517 8.76 44.19 52.04
CA LEU B 517 9.83 44.07 51.07
C LEU B 517 10.83 43.01 51.49
N GLU B 518 11.17 42.96 52.79
CA GLU B 518 12.06 41.92 53.28
C GLU B 518 11.44 40.53 53.12
N LYS B 519 10.14 40.42 53.37
CA LYS B 519 9.46 39.13 53.20
C LYS B 519 9.54 38.68 51.74
N ARG B 520 9.34 39.62 50.81
CA ARG B 520 9.44 39.26 49.40
C ARG B 520 10.88 38.97 49.00
N ASP B 521 11.83 39.75 49.51
CA ASP B 521 13.23 39.55 49.15
C ASP B 521 13.75 38.21 49.68
N GLU B 522 13.42 37.88 50.94
CA GLU B 522 13.87 36.61 51.50
C GLU B 522 13.27 35.43 50.73
N MET B 523 12.00 35.54 50.34
CA MET B 523 11.39 34.50 49.51
C MET B 523 12.05 34.44 48.14
N ARG B 524 12.38 35.60 47.57
CA ARG B 524 13.04 35.63 46.26
C ARG B 524 14.45 35.05 46.34
N GLU B 525 15.17 35.34 47.42
CA GLU B 525 16.51 34.79 47.59
C GLU B 525 16.47 33.28 47.75
N VAL B 526 15.46 32.76 48.44
CA VAL B 526 15.32 31.32 48.59
C VAL B 526 15.13 30.65 47.24
N ALA B 527 14.30 31.25 46.38
CA ALA B 527 14.11 30.71 45.03
C ALA B 527 15.41 30.74 44.24
N ARG B 528 16.24 31.77 44.46
CA ARG B 528 17.53 31.83 43.80
C ARG B 528 18.45 30.71 44.27
N ASP B 529 18.44 30.42 45.58
CA ASP B 529 19.29 29.36 46.11
C ASP B 529 18.93 28.01 45.51
N TRP B 530 17.63 27.72 45.37
CA TRP B 530 17.21 26.51 44.68
C TRP B 530 17.65 26.53 43.22
N LEU B 531 17.57 27.69 42.58
CA LEU B 531 17.99 27.80 41.19
C LEU B 531 19.50 27.58 41.05
N ARG B 532 20.27 28.11 42.00
CA ARG B 532 21.72 27.90 41.96
C ARG B 532 22.05 26.42 42.09
N VAL B 533 21.34 25.70 42.96
CA VAL B 533 21.55 24.27 43.10
C VAL B 533 21.15 23.55 41.82
N GLY B 534 19.99 23.90 41.26
CA GLY B 534 19.50 23.19 40.09
C GLY B 534 20.29 23.46 38.83
N TYR B 535 20.94 24.63 38.74
CA TYR B 535 21.74 24.93 37.55
C TYR B 535 22.94 24.00 37.44
N VAL B 536 23.74 23.90 38.49
CA VAL B 536 24.96 23.10 38.42
C VAL B 536 24.63 21.62 38.37
N LEU B 537 23.55 21.20 39.07
CA LEU B 537 23.12 19.81 38.98
C LEU B 537 22.65 19.48 37.57
N ASP B 538 22.05 20.44 36.88
CA ASP B 538 21.76 20.26 35.46
C ASP B 538 23.04 20.11 34.66
N ARG B 539 24.07 20.90 34.97
CA ARG B 539 25.35 20.74 34.32
C ARG B 539 25.98 19.39 34.67
N LEU B 540 25.93 19.01 35.94
CA LEU B 540 26.54 17.76 36.37
C LEU B 540 25.85 16.56 35.73
N LEU B 541 24.52 16.56 35.72
CA LEU B 541 23.80 15.47 35.07
C LEU B 541 23.89 15.55 33.54
N PHE B 542 24.28 16.70 33.01
CA PHE B 542 24.54 16.79 31.57
C PHE B 542 25.85 16.09 31.21
N ARG B 543 26.88 16.24 32.05
CA ARG B 543 28.15 15.58 31.78
C ARG B 543 28.00 14.07 31.85
N ILE B 544 27.27 13.57 32.85
CA ILE B 544 27.08 12.12 32.99
C ILE B 544 26.31 11.58 31.80
N TYR B 545 25.25 12.27 31.39
CA TYR B 545 24.51 11.85 30.20
C TYR B 545 25.35 11.98 28.95
N LEU B 546 26.20 13.02 28.89
CA LEU B 546 27.12 13.15 27.77
C LEU B 546 28.09 11.98 27.70
N LEU B 547 28.60 11.54 28.85
CA LEU B 547 29.50 10.40 28.87
C LEU B 547 28.75 9.09 28.61
N ALA B 548 27.52 8.98 29.11
CA ALA B 548 26.74 7.76 28.90
C ALA B 548 26.44 7.56 27.42
N VAL B 549 26.05 8.61 26.72
CA VAL B 549 25.81 8.47 25.28
C VAL B 549 27.13 8.28 24.54
N LEU B 550 28.22 8.85 25.05
CA LEU B 550 29.53 8.65 24.43
C LEU B 550 29.98 7.20 24.56
N ALA B 551 29.81 6.62 25.75
CA ALA B 551 30.14 5.20 25.93
C ALA B 551 29.23 4.32 25.08
N TYR B 552 27.95 4.67 24.99
CA TYR B 552 27.04 3.88 24.16
C TYR B 552 27.40 3.98 22.68
N SER B 553 27.77 5.18 22.22
CA SER B 553 28.12 5.34 20.82
C SER B 553 29.41 4.60 20.48
N ILE B 554 30.42 4.67 21.36
CA ILE B 554 31.67 3.95 21.11
C ILE B 554 31.44 2.45 21.16
N THR B 555 30.56 1.98 22.04
CA THR B 555 30.22 0.57 22.07
C THR B 555 29.59 0.13 20.75
N LEU B 556 28.72 0.97 20.19
CA LEU B 556 28.06 0.62 18.93
C LEU B 556 29.06 0.55 17.77
N VAL B 557 29.95 1.54 17.68
CA VAL B 557 30.91 1.54 16.58
C VAL B 557 31.91 0.39 16.72
N THR B 558 32.16 -0.06 17.96
CA THR B 558 33.04 -1.22 18.15
C THR B 558 32.37 -2.49 17.65
N LEU B 559 31.12 -2.72 18.02
CA LEU B 559 30.41 -3.91 17.55
C LEU B 559 30.18 -3.86 16.05
N TRP B 560 29.99 -2.66 15.49
CA TRP B 560 29.82 -2.53 14.04
C TRP B 560 31.06 -3.00 13.30
N SER B 561 32.25 -2.70 13.84
CA SER B 561 33.48 -3.17 13.20
C SER B 561 33.57 -4.68 13.17
N ILE B 562 33.03 -5.35 14.19
CA ILE B 562 33.02 -6.81 14.19
C ILE B 562 32.05 -7.34 13.15
N TRP B 563 30.85 -6.75 13.06
CA TRP B 563 29.90 -7.15 12.04
C TRP B 563 30.39 -6.80 10.63
N HIS B 564 31.19 -5.74 10.51
CA HIS B 564 31.73 -5.34 9.22
C HIS B 564 32.92 -6.20 8.85
N THR C 112 -10.62 -25.21 -60.67
CA THR C 112 -9.66 -25.66 -59.68
C THR C 112 -9.89 -24.97 -58.33
N GLN C 113 -9.16 -25.42 -57.31
CA GLN C 113 -9.30 -24.86 -55.98
C GLN C 113 -8.68 -23.46 -55.92
N PRO C 114 -9.06 -22.67 -54.92
CA PRO C 114 -8.45 -21.35 -54.76
C PRO C 114 -6.95 -21.45 -54.52
N ALA C 115 -6.24 -20.39 -54.93
CA ALA C 115 -4.78 -20.41 -54.86
C ALA C 115 -4.29 -20.55 -53.43
N LEU C 116 -4.90 -19.83 -52.49
CA LEU C 116 -4.43 -19.89 -51.11
C LEU C 116 -4.63 -21.27 -50.51
N LEU C 117 -5.75 -21.92 -50.83
CA LEU C 117 -5.98 -23.28 -50.35
C LEU C 117 -4.95 -24.25 -50.93
N ARG C 118 -4.74 -24.17 -52.25
CA ARG C 118 -3.77 -25.05 -52.89
C ARG C 118 -2.36 -24.79 -52.36
N LEU C 119 -1.99 -23.51 -52.24
CA LEU C 119 -0.65 -23.19 -51.78
C LEU C 119 -0.42 -23.64 -50.34
N SER C 120 -1.38 -23.38 -49.45
CA SER C 120 -1.22 -23.78 -48.06
C SER C 120 -1.20 -25.30 -47.94
N ASP C 121 -2.06 -25.99 -48.70
CA ASP C 121 -2.07 -27.44 -48.68
C ASP C 121 -0.75 -28.01 -49.16
N HIS C 122 -0.18 -27.41 -50.21
CA HIS C 122 1.10 -27.87 -50.73
C HIS C 122 2.23 -27.62 -49.74
N LEU C 123 2.25 -26.45 -49.11
CA LEU C 123 3.34 -26.12 -48.19
C LEU C 123 3.27 -26.95 -46.92
N LEU C 124 2.09 -27.01 -46.29
CA LEU C 124 1.96 -27.58 -44.96
C LEU C 124 1.74 -29.09 -44.98
N ALA C 125 1.59 -29.70 -46.14
CA ALA C 125 1.54 -31.16 -46.21
C ALA C 125 2.91 -31.73 -45.87
N ASN C 126 2.93 -32.75 -45.01
CA ASN C 126 4.15 -33.39 -44.51
C ASN C 126 5.21 -32.37 -44.11
N TYR C 127 4.79 -31.24 -43.57
CA TYR C 127 5.69 -30.25 -43.00
C TYR C 127 5.90 -30.53 -41.53
N LYS C 128 7.15 -30.52 -41.08
CA LYS C 128 7.51 -30.81 -39.70
C LYS C 128 7.94 -29.54 -39.00
N LYS C 129 7.29 -29.24 -37.87
CA LYS C 129 7.65 -28.04 -37.13
C LYS C 129 8.94 -28.22 -36.33
N GLY C 130 9.25 -29.45 -35.93
CA GLY C 130 10.39 -29.66 -35.05
C GLY C 130 11.72 -29.48 -35.72
N VAL C 131 11.79 -29.72 -37.03
CA VAL C 131 13.05 -29.64 -37.75
C VAL C 131 13.39 -28.19 -38.03
N ARG C 132 14.66 -27.85 -37.89
CA ARG C 132 15.12 -26.54 -38.29
C ARG C 132 15.11 -26.47 -39.81
N PRO C 133 14.44 -25.50 -40.41
CA PRO C 133 14.19 -25.55 -41.86
C PRO C 133 15.41 -25.23 -42.70
N VAL C 134 16.33 -26.19 -42.82
CA VAL C 134 17.47 -26.08 -43.73
C VAL C 134 17.62 -27.40 -44.47
N ARG C 135 17.82 -27.32 -45.79
CA ARG C 135 18.08 -28.53 -46.55
C ARG C 135 19.47 -29.09 -46.26
N ASP C 136 20.43 -28.23 -45.93
CA ASP C 136 21.75 -28.63 -45.49
C ASP C 136 21.90 -28.23 -44.03
N TRP C 137 22.12 -29.21 -43.16
CA TRP C 137 22.11 -28.93 -41.73
C TRP C 137 23.31 -28.11 -41.26
N ARG C 138 24.34 -27.97 -42.10
CA ARG C 138 25.46 -27.13 -41.73
C ARG C 138 25.14 -25.65 -41.82
N LYS C 139 24.13 -25.27 -42.59
CA LYS C 139 23.80 -23.86 -42.76
C LYS C 139 22.94 -23.39 -41.59
N PRO C 140 23.39 -22.41 -40.81
CA PRO C 140 22.55 -21.86 -39.75
C PRO C 140 21.43 -21.01 -40.32
N THR C 141 20.33 -20.94 -39.57
CA THR C 141 19.21 -20.07 -39.94
C THR C 141 19.49 -18.68 -39.40
N THR C 142 19.91 -17.77 -40.27
CA THR C 142 20.21 -16.40 -39.85
C THR C 142 18.89 -15.67 -39.63
N VAL C 143 18.62 -15.29 -38.39
CA VAL C 143 17.40 -14.58 -38.03
C VAL C 143 17.73 -13.10 -37.86
N SER C 144 16.98 -12.25 -38.53
CA SER C 144 17.19 -10.81 -38.47
C SER C 144 16.25 -10.19 -37.46
N ILE C 145 16.80 -9.44 -36.52
CA ILE C 145 16.06 -8.93 -35.37
C ILE C 145 15.85 -7.43 -35.55
N ASP C 146 14.66 -6.96 -35.19
CA ASP C 146 14.37 -5.54 -35.13
C ASP C 146 13.50 -5.26 -33.90
N VAL C 147 13.87 -4.24 -33.13
CA VAL C 147 13.17 -3.89 -31.90
C VAL C 147 12.79 -2.43 -31.97
N ILE C 148 11.52 -2.13 -31.67
CA ILE C 148 11.00 -0.77 -31.66
C ILE C 148 10.38 -0.54 -30.29
N MET C 149 10.97 0.35 -29.51
CA MET C 149 10.46 0.61 -28.17
C MET C 149 9.14 1.35 -28.25
N TYR C 150 8.14 0.89 -27.50
CA TYR C 150 6.83 1.53 -27.49
C TYR C 150 6.55 2.30 -26.22
N ALA C 151 6.96 1.79 -25.05
CA ALA C 151 6.70 2.47 -23.80
C ALA C 151 7.63 1.92 -22.73
N ILE C 152 8.03 2.79 -21.81
CA ILE C 152 8.73 2.38 -20.59
C ILE C 152 7.66 2.26 -19.51
N LEU C 153 7.20 1.05 -19.26
CA LEU C 153 6.07 0.87 -18.35
C LEU C 153 6.47 1.13 -16.91
N ASN C 154 7.64 0.67 -16.49
CA ASN C 154 8.05 0.84 -15.11
C ASN C 154 9.55 0.70 -14.97
N VAL C 155 10.13 1.44 -14.05
CA VAL C 155 11.53 1.30 -13.66
C VAL C 155 11.55 1.21 -12.14
N ASP C 156 11.74 -0.01 -11.61
CA ASP C 156 11.74 -0.26 -10.19
C ASP C 156 13.19 -0.27 -9.72
N GLU C 157 13.60 0.80 -9.04
CA GLU C 157 14.97 0.91 -8.57
C GLU C 157 15.22 0.03 -7.35
N LYS C 158 14.18 -0.20 -6.54
CA LYS C 158 14.34 -1.06 -5.37
C LYS C 158 14.72 -2.48 -5.79
N ASN C 159 13.94 -3.06 -6.70
CA ASN C 159 14.23 -4.39 -7.21
C ASN C 159 15.15 -4.37 -8.44
N GLN C 160 15.44 -3.19 -8.98
CA GLN C 160 16.32 -3.05 -10.14
C GLN C 160 15.77 -3.80 -11.36
N VAL C 161 14.49 -3.59 -11.65
CA VAL C 161 13.85 -4.26 -12.78
C VAL C 161 13.19 -3.22 -13.68
N LEU C 162 13.26 -3.45 -14.99
CA LEU C 162 12.72 -2.54 -15.98
C LEU C 162 11.65 -3.27 -16.77
N THR C 163 10.44 -2.73 -16.76
CA THR C 163 9.33 -3.28 -17.52
C THR C 163 9.05 -2.36 -18.70
N THR C 164 9.25 -2.87 -19.90
CA THR C 164 9.04 -2.13 -21.13
C THR C 164 8.07 -2.88 -22.03
N TYR C 165 7.65 -2.22 -23.10
CA TYR C 165 6.85 -2.81 -24.15
C TYR C 165 7.56 -2.54 -25.47
N ILE C 166 7.72 -3.58 -26.29
CA ILE C 166 8.38 -3.38 -27.58
C ILE C 166 7.55 -4.04 -28.66
N TRP C 167 7.70 -3.51 -29.88
CA TRP C 167 7.25 -4.17 -31.09
C TRP C 167 8.47 -4.81 -31.71
N TYR C 168 8.49 -6.14 -31.77
CA TYR C 168 9.65 -6.89 -32.21
C TYR C 168 9.27 -7.68 -33.45
N ARG C 169 10.04 -7.49 -34.51
CA ARG C 169 9.82 -8.20 -35.76
C ARG C 169 11.09 -8.92 -36.16
N GLN C 170 10.94 -10.15 -36.62
CA GLN C 170 12.06 -10.99 -36.99
C GLN C 170 11.75 -11.65 -38.32
N TYR C 171 12.80 -12.04 -39.04
CA TYR C 171 12.56 -12.78 -40.26
C TYR C 171 13.73 -13.72 -40.52
N TRP C 172 13.40 -14.92 -41.00
CA TRP C 172 14.37 -15.96 -41.30
C TRP C 172 13.92 -16.69 -42.55
N THR C 173 14.85 -17.34 -43.21
CA THR C 173 14.56 -18.06 -44.45
C THR C 173 14.22 -19.50 -44.13
N ASP C 174 12.97 -19.89 -44.36
CA ASP C 174 12.52 -21.26 -44.21
C ASP C 174 12.66 -21.94 -45.56
N GLU C 175 13.57 -22.90 -45.67
CA GLU C 175 13.86 -23.54 -46.94
C GLU C 175 12.81 -24.55 -47.36
N PHE C 176 11.83 -24.83 -46.50
CA PHE C 176 10.73 -25.73 -46.86
C PHE C 176 9.48 -24.99 -47.31
N LEU C 177 9.31 -23.73 -46.92
CA LEU C 177 8.15 -22.94 -47.32
C LEU C 177 8.47 -22.11 -48.56
N GLN C 178 8.83 -22.81 -49.63
CA GLN C 178 9.19 -22.18 -50.89
C GLN C 178 8.29 -22.73 -51.99
N TRP C 179 7.91 -21.85 -52.93
CA TRP C 179 7.06 -22.25 -54.04
C TRP C 179 7.31 -21.31 -55.21
N THR C 180 6.87 -21.74 -56.38
CA THR C 180 6.92 -20.90 -57.58
C THR C 180 5.57 -20.20 -57.73
N PRO C 181 5.53 -18.87 -57.66
CA PRO C 181 4.23 -18.18 -57.70
C PRO C 181 3.44 -18.45 -58.97
N GLU C 182 4.11 -18.63 -60.12
CA GLU C 182 3.39 -18.82 -61.37
C GLU C 182 2.56 -20.09 -61.37
N ASP C 183 2.84 -21.04 -60.49
CA ASP C 183 2.04 -22.25 -60.36
C ASP C 183 0.86 -22.10 -59.42
N PHE C 184 0.76 -20.99 -58.69
CA PHE C 184 -0.32 -20.79 -57.73
C PHE C 184 -1.02 -19.46 -57.96
N ASP C 185 -1.35 -19.16 -59.23
CA ASP C 185 -2.08 -17.95 -59.58
C ASP C 185 -1.32 -16.70 -59.15
N ASN C 186 0.00 -16.71 -59.33
CA ASN C 186 0.85 -15.55 -59.08
C ASN C 186 0.74 -15.02 -57.65
N VAL C 187 0.55 -15.89 -56.67
CA VAL C 187 0.60 -15.46 -55.28
C VAL C 187 2.04 -15.44 -54.82
N THR C 188 2.48 -14.29 -54.30
CA THR C 188 3.87 -14.11 -53.90
C THR C 188 4.10 -14.26 -52.42
N LYS C 189 3.11 -13.95 -51.59
CA LYS C 189 3.24 -14.14 -50.15
C LYS C 189 1.89 -14.52 -49.58
N LEU C 190 1.92 -15.22 -48.45
CA LEU C 190 0.69 -15.62 -47.78
C LEU C 190 0.94 -15.71 -46.29
N SER C 191 -0.13 -15.56 -45.52
CA SER C 191 -0.05 -15.64 -44.07
C SER C 191 -0.46 -17.04 -43.63
N ILE C 192 0.36 -17.65 -42.78
CA ILE C 192 0.04 -18.97 -42.25
C ILE C 192 0.18 -18.91 -40.73
N PRO C 193 -0.52 -19.77 -39.99
CA PRO C 193 -0.48 -19.67 -38.53
C PRO C 193 0.92 -19.83 -37.98
N THR C 194 1.19 -19.09 -36.90
CA THR C 194 2.51 -19.15 -36.28
C THR C 194 2.79 -20.55 -35.73
N ASP C 195 1.78 -21.20 -35.18
CA ASP C 195 1.94 -22.51 -34.56
C ASP C 195 1.99 -23.65 -35.57
N SER C 196 1.98 -23.35 -36.87
CA SER C 196 2.09 -24.38 -37.89
C SER C 196 3.49 -24.54 -38.45
N ILE C 197 4.40 -23.62 -38.15
CA ILE C 197 5.73 -23.61 -38.73
C ILE C 197 6.77 -23.46 -37.64
N TRP C 198 8.01 -23.79 -38.00
CA TRP C 198 9.12 -23.69 -37.07
C TRP C 198 9.42 -22.22 -36.76
N VAL C 199 9.56 -21.91 -35.48
CA VAL C 199 9.86 -20.55 -35.04
C VAL C 199 11.07 -20.60 -34.11
N PRO C 200 12.09 -19.78 -34.33
CA PRO C 200 13.28 -19.82 -33.47
C PRO C 200 12.97 -19.40 -32.05
N ASP C 201 13.70 -20.00 -31.12
CA ASP C 201 13.52 -19.75 -29.69
C ASP C 201 14.36 -18.57 -29.21
N ILE C 202 14.20 -17.42 -29.85
CA ILE C 202 14.96 -16.22 -29.53
C ILE C 202 14.24 -15.48 -28.42
N LEU C 203 14.93 -15.27 -27.30
CA LEU C 203 14.35 -14.53 -26.18
C LEU C 203 15.45 -13.74 -25.49
N ILE C 204 15.06 -12.99 -24.47
CA ILE C 204 15.94 -12.04 -23.81
C ILE C 204 16.60 -12.73 -22.61
N ASN C 205 17.91 -12.57 -22.50
CA ASN C 205 18.63 -13.16 -21.37
C ASN C 205 18.22 -12.53 -20.05
N GLU C 206 17.99 -11.23 -20.03
CA GLU C 206 17.75 -10.51 -18.79
C GLU C 206 16.38 -10.73 -18.22
N PHE C 207 15.59 -11.69 -18.68
CA PHE C 207 14.27 -11.91 -18.11
C PHE C 207 14.37 -12.21 -16.63
N VAL C 208 13.47 -11.59 -15.85
CA VAL C 208 13.20 -11.99 -14.47
C VAL C 208 11.73 -12.32 -14.26
N ASP C 209 10.95 -12.36 -15.32
CA ASP C 209 9.53 -12.67 -15.30
C ASP C 209 9.10 -12.98 -16.72
N VAL C 210 7.81 -13.22 -16.91
CA VAL C 210 7.22 -13.32 -18.24
C VAL C 210 6.23 -12.17 -18.39
N GLY C 211 6.24 -11.53 -19.55
CA GLY C 211 5.36 -10.41 -19.80
C GLY C 211 4.06 -10.88 -20.45
N LYS C 212 2.96 -10.27 -20.01
CA LYS C 212 1.67 -10.55 -20.61
C LYS C 212 1.53 -9.72 -21.88
N SER C 213 1.53 -10.39 -23.02
CA SER C 213 1.46 -9.74 -24.32
C SER C 213 0.51 -10.51 -25.22
N PRO C 214 -0.12 -9.83 -26.18
CA PRO C 214 -1.00 -10.54 -27.11
C PRO C 214 -0.26 -11.61 -27.90
N ASN C 215 -0.94 -12.72 -28.14
CA ASN C 215 -0.40 -13.76 -28.99
C ASN C 215 -0.77 -13.49 -30.44
N ILE C 216 0.24 -13.44 -31.31
CA ILE C 216 0.04 -13.16 -32.72
C ILE C 216 -0.13 -14.48 -33.45
N PRO C 217 -1.29 -14.76 -34.04
CA PRO C 217 -1.53 -16.10 -34.59
C PRO C 217 -0.92 -16.34 -35.97
N TYR C 218 -0.66 -15.31 -36.77
CA TYR C 218 -0.23 -15.49 -38.14
C TYR C 218 1.16 -14.91 -38.37
N VAL C 219 1.85 -15.45 -39.37
CA VAL C 219 3.12 -14.92 -39.85
C VAL C 219 3.08 -14.91 -41.37
N TYR C 220 3.73 -13.90 -41.95
CA TYR C 220 3.82 -13.78 -43.39
C TYR C 220 4.97 -14.61 -43.93
N VAL C 221 4.75 -15.28 -45.06
CA VAL C 221 5.76 -16.09 -45.70
C VAL C 221 5.78 -15.71 -47.18
N HIS C 222 6.97 -15.38 -47.68
CA HIS C 222 7.15 -15.03 -49.08
C HIS C 222 7.56 -16.27 -49.87
N HIS C 223 7.52 -16.16 -51.20
CA HIS C 223 7.73 -17.33 -52.04
C HIS C 223 9.16 -17.84 -51.98
N ARG C 224 10.10 -17.05 -51.49
CA ARG C 224 11.46 -17.51 -51.27
C ARG C 224 11.64 -18.15 -49.90
N GLY C 225 10.59 -18.22 -49.09
CA GLY C 225 10.68 -18.77 -47.77
C GLY C 225 10.88 -17.76 -46.65
N GLU C 226 10.94 -16.48 -46.97
CA GLU C 226 11.24 -15.46 -45.98
C GLU C 226 10.07 -15.26 -45.03
N VAL C 227 10.08 -15.96 -43.90
CA VAL C 227 9.03 -15.84 -42.91
C VAL C 227 9.21 -14.55 -42.14
N GLN C 228 8.14 -13.78 -41.98
CA GLN C 228 8.17 -12.52 -41.24
C GLN C 228 7.25 -12.64 -40.03
N ASN C 229 7.82 -12.49 -38.83
CA ASN C 229 7.09 -12.64 -37.59
C ASN C 229 7.09 -11.29 -36.87
N TYR C 230 5.93 -10.65 -36.82
CA TYR C 230 5.73 -9.40 -36.09
C TYR C 230 5.01 -9.72 -34.80
N LYS C 231 5.49 -9.19 -33.67
CA LYS C 231 4.76 -9.43 -32.44
C LYS C 231 5.08 -8.37 -31.40
N PRO C 232 4.11 -7.95 -30.60
CA PRO C 232 4.42 -7.07 -29.47
C PRO C 232 4.67 -7.90 -28.23
N LEU C 233 5.63 -7.46 -27.41
CA LEU C 233 5.90 -8.19 -26.19
C LEU C 233 6.35 -7.25 -25.08
N GLN C 234 5.83 -7.53 -23.88
CA GLN C 234 6.20 -6.82 -22.67
C GLN C 234 7.35 -7.56 -22.00
N LEU C 235 8.39 -6.82 -21.63
CA LEU C 235 9.59 -7.42 -21.08
C LEU C 235 9.84 -6.88 -19.69
N VAL C 236 9.94 -7.78 -18.72
CA VAL C 236 10.43 -7.46 -17.38
C VAL C 236 11.86 -7.99 -17.30
N THR C 237 12.83 -7.09 -17.26
CA THR C 237 14.23 -7.46 -17.37
C THR C 237 15.04 -6.88 -16.23
N ALA C 238 16.00 -7.64 -15.75
CA ALA C 238 16.92 -7.11 -14.73
C ALA C 238 17.90 -6.15 -15.35
N CYS C 239 18.05 -4.98 -14.74
CA CYS C 239 18.92 -3.94 -15.26
C CYS C 239 19.65 -3.26 -14.11
N SER C 240 20.79 -2.67 -14.41
CA SER C 240 21.60 -1.96 -13.44
C SER C 240 21.22 -0.48 -13.48
N LEU C 241 20.72 0.03 -12.36
CA LEU C 241 20.24 1.40 -12.28
C LEU C 241 21.20 2.21 -11.41
N ASP C 242 21.79 3.25 -11.98
CA ASP C 242 22.70 4.15 -11.28
C ASP C 242 21.88 5.32 -10.75
N ILE C 243 21.66 5.33 -9.43
CA ILE C 243 20.80 6.31 -8.80
C ILE C 243 21.63 7.42 -8.15
N TYR C 244 22.87 7.60 -8.61
CA TYR C 244 23.75 8.59 -7.99
C TYR C 244 23.20 10.00 -8.14
N ASN C 245 22.62 10.32 -9.30
CA ASN C 245 22.06 11.63 -9.55
C ASN C 245 20.57 11.51 -9.86
N PHE C 246 19.84 10.84 -8.96
CA PHE C 246 18.47 10.33 -9.12
C PHE C 246 17.54 11.20 -9.96
N PRO C 247 17.33 12.48 -9.64
CA PRO C 247 16.36 13.26 -10.44
C PRO C 247 16.81 13.47 -11.88
N PHE C 248 18.11 13.36 -12.16
CA PHE C 248 18.65 13.63 -13.48
C PHE C 248 19.41 12.44 -14.06
N ASP C 249 19.16 11.25 -13.54
CA ASP C 249 19.93 10.08 -13.93
C ASP C 249 19.61 9.64 -15.35
N VAL C 250 20.61 9.07 -16.02
CA VAL C 250 20.47 8.47 -17.34
C VAL C 250 20.77 6.99 -17.19
N GLN C 251 19.77 6.16 -17.40
CA GLN C 251 19.88 4.71 -17.19
C GLN C 251 20.18 4.04 -18.51
N ASN C 252 21.04 3.03 -18.47
CA ASN C 252 21.55 2.34 -19.66
C ASN C 252 21.32 0.84 -19.44
N CYS C 253 20.19 0.35 -19.94
CA CYS C 253 19.73 -1.01 -19.63
C CYS C 253 19.85 -1.88 -20.86
N SER C 254 20.37 -3.09 -20.69
CA SER C 254 20.65 -3.97 -21.80
C SER C 254 19.52 -4.99 -21.97
N LEU C 255 19.03 -5.12 -23.21
CA LEU C 255 18.12 -6.19 -23.59
C LEU C 255 18.89 -7.10 -24.53
N THR C 256 19.09 -8.35 -24.14
CA THR C 256 19.97 -9.25 -24.86
C THR C 256 19.13 -10.32 -25.56
N PHE C 257 18.89 -10.14 -26.85
CA PHE C 257 18.16 -11.14 -27.62
C PHE C 257 19.13 -12.20 -28.10
N THR C 258 18.84 -13.45 -27.74
CA THR C 258 19.68 -14.57 -28.16
C THR C 258 18.82 -15.82 -28.24
N SER C 259 19.29 -16.79 -29.02
CA SER C 259 18.65 -18.10 -29.05
C SER C 259 18.99 -18.84 -27.78
N TRP C 260 17.96 -19.25 -27.03
CA TRP C 260 18.20 -19.84 -25.72
C TRP C 260 18.97 -21.14 -25.82
N LEU C 261 18.68 -21.96 -26.83
CA LEU C 261 19.28 -23.27 -26.95
C LEU C 261 20.28 -23.38 -28.10
N HIS C 262 19.90 -22.92 -29.29
CA HIS C 262 20.72 -23.16 -30.47
C HIS C 262 22.00 -22.32 -30.42
N THR C 263 23.10 -22.93 -30.86
CA THR C 263 24.40 -22.28 -30.85
C THR C 263 24.58 -21.47 -32.14
N ILE C 264 25.80 -20.95 -32.34
CA ILE C 264 26.11 -20.21 -33.57
C ILE C 264 26.01 -21.12 -34.79
N GLN C 265 26.15 -22.44 -34.59
CA GLN C 265 26.15 -23.38 -35.70
C GLN C 265 24.74 -23.72 -36.15
N ASP C 266 23.70 -23.30 -35.43
CA ASP C 266 22.33 -23.56 -35.80
C ASP C 266 21.53 -22.29 -36.02
N ILE C 267 21.63 -21.32 -35.13
CA ILE C 267 20.91 -20.05 -35.26
C ILE C 267 21.90 -18.91 -35.04
N ASN C 268 22.07 -18.07 -36.06
CA ASN C 268 22.83 -16.84 -35.95
C ASN C 268 21.85 -15.66 -36.02
N ILE C 269 22.21 -14.56 -35.38
CA ILE C 269 21.34 -13.40 -35.27
C ILE C 269 22.02 -12.21 -35.96
N THR C 270 21.32 -11.60 -36.89
CA THR C 270 21.71 -10.35 -37.51
C THR C 270 20.67 -9.29 -37.20
N LEU C 271 20.88 -8.10 -37.75
CA LEU C 271 20.00 -6.97 -37.53
C LEU C 271 19.24 -6.66 -38.81
N TRP C 272 17.93 -6.43 -38.69
CA TRP C 272 17.10 -6.18 -39.86
C TRP C 272 17.47 -4.86 -40.52
N ARG C 273 17.40 -3.76 -39.77
CA ARG C 273 17.76 -2.45 -40.28
C ARG C 273 19.21 -2.13 -39.93
N SER C 274 19.73 -1.07 -40.54
CA SER C 274 21.06 -0.59 -40.20
C SER C 274 21.06 -0.08 -38.77
N PRO C 275 22.19 -0.19 -38.06
CA PRO C 275 22.22 0.25 -36.66
C PRO C 275 21.89 1.72 -36.48
N GLU C 276 22.20 2.57 -37.46
CA GLU C 276 21.84 3.98 -37.34
C GLU C 276 20.34 4.18 -37.40
N GLU C 277 19.62 3.36 -38.17
CA GLU C 277 18.17 3.51 -38.24
C GLU C 277 17.50 3.11 -36.92
N VAL C 278 17.94 2.01 -36.32
CA VAL C 278 17.34 1.58 -35.07
C VAL C 278 17.79 2.46 -33.91
N ARG C 279 18.97 3.08 -34.02
CA ARG C 279 19.43 3.99 -32.97
C ARG C 279 18.50 5.19 -32.81
N SER C 280 18.04 5.76 -33.92
CA SER C 280 17.25 6.97 -33.91
C SER C 280 15.76 6.72 -34.08
N ASP C 281 15.28 5.53 -33.72
CA ASP C 281 13.89 5.17 -33.92
C ASP C 281 13.05 5.59 -32.73
N LYS C 282 12.14 6.55 -32.94
CA LYS C 282 11.20 7.00 -31.93
C LYS C 282 9.81 7.19 -32.53
N SER C 283 9.47 6.37 -33.53
CA SER C 283 8.25 6.59 -34.28
C SER C 283 6.99 6.31 -33.46
N ILE C 284 7.04 5.33 -32.55
CA ILE C 284 5.88 4.91 -31.80
C ILE C 284 6.04 5.09 -30.30
N PHE C 285 7.19 5.55 -29.83
CA PHE C 285 7.43 5.63 -28.41
C PHE C 285 6.46 6.59 -27.73
N ILE C 286 5.88 6.17 -26.62
CA ILE C 286 4.98 6.99 -25.81
C ILE C 286 5.85 7.95 -25.02
N ASN C 287 5.87 9.21 -25.41
CA ASN C 287 6.90 10.13 -24.93
C ASN C 287 6.53 10.82 -23.62
N GLN C 288 5.24 11.00 -23.35
CA GLN C 288 4.80 11.81 -22.22
C GLN C 288 4.89 11.10 -20.88
N GLY C 289 5.63 10.00 -20.78
CA GLY C 289 5.86 9.34 -19.52
C GLY C 289 6.97 10.00 -18.72
N GLU C 290 7.33 9.33 -17.64
CA GLU C 290 8.41 9.83 -16.78
C GLU C 290 9.77 9.72 -17.47
N TRP C 291 9.93 8.76 -18.37
CA TRP C 291 11.21 8.44 -18.98
C TRP C 291 11.21 8.85 -20.44
N GLU C 292 12.31 9.48 -20.87
CA GLU C 292 12.51 9.87 -22.26
C GLU C 292 13.52 8.94 -22.89
N LEU C 293 13.14 8.31 -23.99
CA LEU C 293 14.04 7.40 -24.69
C LEU C 293 15.05 8.19 -25.49
N LEU C 294 16.33 8.06 -25.13
CA LEU C 294 17.39 8.74 -25.87
C LEU C 294 17.73 7.97 -27.13
N GLU C 295 17.98 6.66 -27.01
CA GLU C 295 18.31 5.81 -28.14
C GLU C 295 18.28 4.37 -27.68
N VAL C 296 18.25 3.46 -28.65
CA VAL C 296 18.54 2.04 -28.42
C VAL C 296 19.70 1.67 -29.34
N PHE C 297 20.70 1.00 -28.78
CA PHE C 297 21.95 0.77 -29.49
C PHE C 297 22.18 -0.72 -29.69
N PRO C 298 22.18 -1.23 -30.91
CA PRO C 298 22.42 -2.66 -31.13
C PRO C 298 23.89 -3.00 -31.29
N GLN C 299 24.28 -4.13 -30.72
CA GLN C 299 25.65 -4.61 -30.86
C GLN C 299 25.66 -6.13 -30.84
N PHE C 300 26.40 -6.72 -31.78
CA PHE C 300 26.46 -8.17 -31.92
C PHE C 300 27.71 -8.71 -31.24
N LYS C 301 27.55 -9.82 -30.53
CA LYS C 301 28.68 -10.51 -29.92
C LYS C 301 28.32 -11.98 -29.77
N GLU C 302 29.34 -12.78 -29.46
CA GLU C 302 29.17 -14.22 -29.28
C GLU C 302 29.40 -14.56 -27.81
N PHE C 303 28.38 -15.11 -27.16
CA PHE C 303 28.57 -15.73 -25.86
C PHE C 303 29.33 -17.03 -26.08
N SER C 304 30.14 -17.41 -25.11
CA SER C 304 30.92 -18.64 -25.24
C SER C 304 30.97 -19.37 -23.91
N ILE C 305 30.50 -20.62 -23.89
CA ILE C 305 30.76 -21.50 -22.76
C ILE C 305 32.10 -22.19 -22.91
N ASP C 306 32.42 -22.61 -24.12
CA ASP C 306 33.69 -23.23 -24.45
C ASP C 306 34.03 -22.86 -25.89
N ILE C 307 34.98 -23.59 -26.49
CA ILE C 307 35.38 -23.31 -27.86
C ILE C 307 34.24 -23.64 -28.82
N SER C 308 33.53 -24.73 -28.57
CA SER C 308 32.48 -25.19 -29.48
C SER C 308 31.13 -24.55 -29.20
N ASN C 309 30.79 -24.34 -27.92
CA ASN C 309 29.47 -23.86 -27.53
C ASN C 309 29.47 -22.33 -27.50
N SER C 310 29.34 -21.75 -28.68
CA SER C 310 29.23 -20.31 -28.86
C SER C 310 27.84 -19.96 -29.35
N TYR C 311 27.27 -18.90 -28.79
CA TYR C 311 25.90 -18.50 -29.03
C TYR C 311 25.84 -17.11 -29.63
N ALA C 312 24.96 -16.93 -30.62
CA ALA C 312 24.68 -15.61 -31.16
C ALA C 312 24.02 -14.75 -30.09
N GLU C 313 24.23 -13.45 -30.19
CA GLU C 313 23.78 -12.53 -29.16
C GLU C 313 23.64 -11.15 -29.80
N MET C 314 22.56 -10.46 -29.44
CA MET C 314 22.37 -9.09 -29.94
C MET C 314 21.89 -8.25 -28.76
N LYS C 315 22.71 -7.31 -28.32
CA LYS C 315 22.42 -6.49 -27.16
C LYS C 315 21.93 -5.13 -27.64
N PHE C 316 20.71 -4.77 -27.23
CA PHE C 316 20.15 -3.45 -27.46
C PHE C 316 20.29 -2.66 -26.16
N TYR C 317 21.03 -1.56 -26.22
CA TYR C 317 21.28 -0.74 -25.04
C TYR C 317 20.23 0.37 -25.01
N VAL C 318 19.11 0.08 -24.35
CA VAL C 318 18.05 1.07 -24.19
C VAL C 318 18.54 2.12 -23.21
N ILE C 319 18.58 3.37 -23.65
CA ILE C 319 19.06 4.49 -22.84
C ILE C 319 17.87 5.39 -22.56
N ILE C 320 17.61 5.63 -21.27
CA ILE C 320 16.42 6.37 -20.86
C ILE C 320 16.83 7.43 -19.86
N ARG C 321 16.36 8.66 -20.06
CA ARG C 321 16.66 9.77 -19.17
C ARG C 321 15.40 10.14 -18.40
N ARG C 322 15.52 10.25 -17.09
CA ARG C 322 14.38 10.63 -16.26
C ARG C 322 14.07 12.11 -16.44
N ARG C 323 12.79 12.44 -16.48
CA ARG C 323 12.37 13.83 -16.57
C ARG C 323 12.26 14.40 -15.16
N PRO C 324 13.09 15.38 -14.79
CA PRO C 324 13.07 15.89 -13.41
C PRO C 324 11.85 16.73 -13.06
N LEU C 325 11.07 17.17 -14.05
CA LEU C 325 9.89 17.97 -13.76
C LEU C 325 8.83 17.18 -12.99
N PHE C 326 8.90 15.85 -13.02
CA PHE C 326 8.04 15.04 -12.16
C PHE C 326 8.34 15.30 -10.69
N TYR C 327 9.62 15.52 -10.37
CA TYR C 327 10.08 15.50 -8.99
C TYR C 327 10.48 16.86 -8.44
N ALA C 328 10.58 17.89 -9.29
CA ALA C 328 10.97 19.21 -8.80
C ALA C 328 10.04 19.67 -7.68
N VAL C 329 8.73 19.63 -7.93
CA VAL C 329 7.76 19.98 -6.90
C VAL C 329 7.88 19.03 -5.71
N SER C 330 8.13 17.75 -5.97
CA SER C 330 8.04 16.76 -4.92
C SER C 330 9.14 16.93 -3.88
N LEU C 331 10.37 17.25 -4.32
CA LEU C 331 11.47 17.44 -3.38
C LEU C 331 11.75 18.91 -3.09
N LEU C 332 12.01 19.71 -4.11
CA LEU C 332 12.60 21.03 -3.88
C LEU C 332 11.65 21.98 -3.19
N LEU C 333 10.37 21.98 -3.60
CA LEU C 333 9.44 22.98 -3.09
C LEU C 333 9.24 22.90 -1.58
N PRO C 334 8.94 21.74 -0.97
CA PRO C 334 8.75 21.74 0.48
C PRO C 334 9.98 22.14 1.25
N SER C 335 11.17 21.69 0.83
CA SER C 335 12.39 22.08 1.52
C SER C 335 12.60 23.59 1.45
N ILE C 336 12.36 24.18 0.29
CA ILE C 336 12.48 25.63 0.16
C ILE C 336 11.51 26.31 1.11
N PHE C 337 10.27 25.83 1.16
CA PHE C 337 9.31 26.35 2.13
C PHE C 337 9.85 26.29 3.54
N LEU C 338 10.41 25.14 3.93
CA LEU C 338 10.89 24.99 5.29
C LEU C 338 12.01 25.97 5.58
N MET C 339 12.92 26.16 4.63
CA MET C 339 13.98 27.12 4.85
C MET C 339 13.43 28.54 4.96
N VAL C 340 12.42 28.87 4.15
CA VAL C 340 11.83 30.19 4.22
C VAL C 340 11.24 30.43 5.60
N VAL C 341 10.51 29.45 6.12
CA VAL C 341 9.90 29.62 7.44
C VAL C 341 10.97 29.71 8.51
N ASP C 342 12.04 28.94 8.35
CA ASP C 342 13.15 29.04 9.30
C ASP C 342 13.73 30.43 9.31
N ILE C 343 13.90 31.03 8.12
CA ILE C 343 14.43 32.38 8.04
C ILE C 343 13.47 33.37 8.67
N VAL C 344 12.17 33.11 8.53
CA VAL C 344 11.16 33.96 9.15
C VAL C 344 11.25 33.85 10.67
N GLY C 345 11.60 32.67 11.18
CA GLY C 345 11.57 32.44 12.62
C GLY C 345 12.56 33.26 13.42
N PHE C 346 13.63 33.73 12.79
CA PHE C 346 14.61 34.54 13.49
C PHE C 346 14.05 35.89 13.92
N CYS C 347 12.99 36.36 13.28
CA CYS C 347 12.43 37.67 13.62
C CYS C 347 11.78 37.67 14.99
N LEU C 348 11.45 36.50 15.54
CA LEU C 348 10.92 36.43 16.90
C LEU C 348 12.01 36.85 17.88
N PRO C 349 11.65 37.59 18.93
CA PRO C 349 12.65 38.01 19.92
C PRO C 349 13.21 36.81 20.66
N PRO C 350 14.50 36.83 20.99
CA PRO C 350 15.10 35.68 21.69
C PRO C 350 14.49 35.42 23.06
N ASP C 351 14.03 36.46 23.75
CA ASP C 351 13.48 36.31 25.09
C ASP C 351 12.01 35.91 25.09
N SER C 352 11.39 35.73 23.92
CA SER C 352 9.98 35.38 23.87
C SER C 352 9.72 34.00 24.45
N GLY C 353 10.66 33.08 24.33
CA GLY C 353 10.48 31.74 24.84
C GLY C 353 9.76 30.84 23.86
N GLU C 354 8.94 31.44 22.98
CA GLU C 354 8.27 30.68 21.94
C GLU C 354 9.17 30.39 20.76
N ARG C 355 10.24 31.17 20.58
CA ARG C 355 11.10 31.00 19.41
C ARG C 355 11.70 29.62 19.35
N VAL C 356 12.14 29.09 20.49
CA VAL C 356 12.72 27.74 20.51
C VAL C 356 11.66 26.69 20.22
N SER C 357 10.44 26.90 20.74
CA SER C 357 9.34 26.01 20.39
C SER C 357 9.01 26.08 18.91
N PHE C 358 9.03 27.29 18.34
CA PHE C 358 8.86 27.45 16.90
C PHE C 358 9.89 26.64 16.13
N LYS C 359 11.16 26.77 16.52
CA LYS C 359 12.24 26.09 15.81
C LYS C 359 12.11 24.57 15.92
N ILE C 360 11.80 24.06 17.11
CA ILE C 360 11.70 22.61 17.27
C ILE C 360 10.49 22.08 16.53
N THR C 361 9.38 22.82 16.52
CA THR C 361 8.22 22.39 15.74
C THR C 361 8.54 22.36 14.26
N LEU C 362 9.27 23.37 13.77
CA LEU C 362 9.67 23.37 12.36
C LEU C 362 10.59 22.20 12.06
N LEU C 363 11.51 21.89 12.96
CA LEU C 363 12.42 20.77 12.75
C LEU C 363 11.65 19.46 12.71
N LEU C 364 10.67 19.29 13.60
CA LEU C 364 9.84 18.10 13.57
C LEU C 364 9.06 17.99 12.26
N GLY C 365 8.51 19.12 11.79
CA GLY C 365 7.81 19.11 10.52
C GLY C 365 8.71 18.71 9.37
N TYR C 366 9.93 19.24 9.33
CA TYR C 366 10.78 18.92 8.19
C TYR C 366 11.28 17.49 8.30
N SER C 367 11.43 16.97 9.53
CA SER C 367 11.77 15.56 9.70
C SER C 367 10.65 14.65 9.21
N VAL C 368 9.39 15.02 9.48
CA VAL C 368 8.27 14.27 8.93
C VAL C 368 8.30 14.33 7.40
N PHE C 369 8.66 15.49 6.85
CA PHE C 369 8.82 15.61 5.41
C PHE C 369 9.89 14.65 4.89
N LEU C 370 11.04 14.58 5.56
CA LEU C 370 12.09 13.65 5.15
C LEU C 370 11.60 12.21 5.23
N ILE C 371 10.88 11.87 6.29
CA ILE C 371 10.40 10.49 6.46
C ILE C 371 9.43 10.12 5.35
N ILE C 372 8.47 11.00 5.05
CA ILE C 372 7.48 10.67 4.05
C ILE C 372 8.08 10.67 2.65
N VAL C 373 9.07 11.53 2.39
CA VAL C 373 9.68 11.58 1.07
C VAL C 373 10.50 10.31 0.80
N SER C 374 11.09 9.72 1.85
CA SER C 374 11.97 8.58 1.66
C SER C 374 11.28 7.36 1.05
N ASP C 375 9.95 7.33 1.05
CA ASP C 375 9.24 6.26 0.36
C ASP C 375 9.35 6.36 -1.16
N THR C 376 9.74 7.51 -1.68
CA THR C 376 9.90 7.75 -3.11
C THR C 376 11.35 7.79 -3.54
N LEU C 377 12.19 8.51 -2.81
CA LEU C 377 13.61 8.61 -3.10
C LEU C 377 14.27 7.25 -2.90
N PRO C 378 14.75 6.60 -3.96
CA PRO C 378 15.27 5.23 -3.83
C PRO C 378 16.71 5.23 -3.34
N ALA C 379 17.24 4.02 -3.16
CA ALA C 379 18.60 3.84 -2.70
C ALA C 379 19.18 2.59 -3.34
N THR C 380 20.51 2.49 -3.29
CA THR C 380 21.21 1.34 -3.85
C THR C 380 22.50 1.12 -3.09
N ALA C 381 23.10 -0.06 -3.31
CA ALA C 381 24.31 -0.42 -2.58
C ALA C 381 25.49 0.46 -2.97
N ILE C 382 25.51 0.96 -4.21
CA ILE C 382 26.62 1.81 -4.65
C ILE C 382 26.66 3.10 -3.84
N GLY C 383 25.49 3.64 -3.51
CA GLY C 383 25.42 4.86 -2.72
C GLY C 383 24.12 5.61 -2.88
N THR C 384 23.77 6.41 -1.88
CA THR C 384 22.56 7.20 -1.94
C THR C 384 22.71 8.32 -2.96
N PRO C 385 21.60 8.79 -3.54
CA PRO C 385 21.68 9.92 -4.47
C PRO C 385 22.16 11.18 -3.76
N LEU C 386 22.76 12.08 -4.55
CA LEU C 386 23.24 13.35 -4.00
C LEU C 386 22.10 14.19 -3.44
N ILE C 387 20.86 13.91 -3.84
CA ILE C 387 19.72 14.56 -3.21
C ILE C 387 19.68 14.23 -1.73
N GLY C 388 20.06 13.00 -1.37
CA GLY C 388 20.18 12.67 0.04
C GLY C 388 21.21 13.52 0.75
N VAL C 389 22.35 13.77 0.10
CA VAL C 389 23.39 14.59 0.71
C VAL C 389 22.90 16.01 0.90
N TYR C 390 22.21 16.56 -0.11
CA TYR C 390 21.69 17.93 0.05
C TYR C 390 20.59 18.00 1.10
N PHE C 391 19.78 16.95 1.23
CA PHE C 391 18.79 16.92 2.31
C PHE C 391 19.49 16.88 3.66
N VAL C 392 20.59 16.13 3.77
CA VAL C 392 21.34 16.09 5.01
C VAL C 392 21.97 17.45 5.31
N VAL C 393 22.41 18.17 4.28
CA VAL C 393 22.96 19.51 4.49
C VAL C 393 21.87 20.47 4.95
N CYS C 394 20.69 20.38 4.35
CA CYS C 394 19.55 21.16 4.85
C CYS C 394 19.26 20.81 6.30
N MET C 395 19.38 19.53 6.66
CA MET C 395 19.17 19.10 8.04
C MET C 395 20.19 19.75 8.97
N ALA C 396 21.44 19.78 8.54
CA ALA C 396 22.48 20.43 9.34
C ALA C 396 22.21 21.92 9.48
N LEU C 397 21.70 22.55 8.43
CA LEU C 397 21.37 23.98 8.51
C LEU C 397 20.25 24.22 9.52
N LEU C 398 19.20 23.40 9.48
CA LEU C 398 18.12 23.57 10.46
C LEU C 398 18.59 23.31 11.88
N VAL C 399 19.43 22.29 12.06
CA VAL C 399 19.95 22.00 13.40
C VAL C 399 20.85 23.13 13.88
N ILE C 400 21.61 23.73 12.97
CA ILE C 400 22.45 24.87 13.34
C ILE C 400 21.60 26.06 13.76
N SER C 401 20.51 26.31 13.03
CA SER C 401 19.61 27.40 13.41
C SER C 401 18.97 27.13 14.78
N LEU C 402 18.56 25.88 15.02
CA LEU C 402 17.99 25.53 16.32
C LEU C 402 19.01 25.71 17.44
N ALA C 403 20.26 25.30 17.19
CA ALA C 403 21.30 25.45 18.19
C ALA C 403 21.61 26.91 18.47
N GLU C 404 21.60 27.75 17.42
CA GLU C 404 21.78 29.18 17.62
C GLU C 404 20.65 29.76 18.46
N THR C 405 19.41 29.35 18.17
CA THR C 405 18.28 29.82 18.97
C THR C 405 18.43 29.40 20.42
N ILE C 406 18.81 28.15 20.67
CA ILE C 406 18.95 27.67 22.04
C ILE C 406 20.09 28.39 22.75
N PHE C 407 21.20 28.63 22.05
CA PHE C 407 22.31 29.35 22.65
C PHE C 407 21.92 30.77 23.01
N ILE C 408 21.23 31.47 22.11
CA ILE C 408 20.84 32.84 22.40
C ILE C 408 19.82 32.87 23.54
N VAL C 409 18.93 31.88 23.60
CA VAL C 409 17.96 31.82 24.69
C VAL C 409 18.67 31.61 26.01
N ARG C 410 19.67 30.72 26.03
CA ARG C 410 20.51 30.55 27.21
C ARG C 410 21.24 31.84 27.57
N LEU C 411 21.56 32.67 26.58
CA LEU C 411 22.34 33.87 26.85
C LEU C 411 21.50 34.96 27.52
N VAL C 412 20.25 35.17 27.06
CA VAL C 412 19.49 36.34 27.46
C VAL C 412 18.48 36.04 28.55
N HIS C 413 18.51 34.85 29.15
CA HIS C 413 17.44 34.44 30.03
C HIS C 413 17.35 35.34 31.26
N LYS C 414 16.11 35.58 31.70
CA LYS C 414 15.84 36.33 32.92
C LYS C 414 15.94 35.42 34.15
N GLN C 415 17.13 34.86 34.32
CA GLN C 415 17.33 33.80 35.30
C GLN C 415 17.57 34.33 36.72
N ASP C 416 17.56 35.65 36.92
CA ASP C 416 17.69 36.25 38.25
C ASP C 416 18.95 35.79 38.97
N LEU C 417 19.96 35.36 38.23
CA LEU C 417 21.19 34.84 38.81
C LEU C 417 22.43 35.36 38.09
N GLN C 418 22.27 36.13 37.02
CA GLN C 418 23.39 36.48 36.16
C GLN C 418 24.37 37.41 36.86
N ARG C 419 25.65 37.05 36.83
CA ARG C 419 26.70 38.02 37.05
C ARG C 419 26.69 39.00 35.87
N PRO C 420 27.20 40.22 36.05
CA PRO C 420 27.08 41.19 34.96
C PRO C 420 28.05 40.94 33.80
N VAL C 421 27.72 41.57 32.68
CA VAL C 421 28.46 41.26 31.44
C VAL C 421 29.93 41.65 31.62
N PRO C 422 30.88 40.82 31.21
CA PRO C 422 32.29 41.19 31.35
C PRO C 422 32.65 42.37 30.47
N ASP C 423 33.69 43.09 30.88
CA ASP C 423 34.06 44.33 30.21
C ASP C 423 34.42 44.09 28.75
N TRP C 424 35.19 43.03 28.47
CA TRP C 424 35.55 42.72 27.09
C TRP C 424 34.31 42.44 26.25
N LEU C 425 33.40 41.63 26.78
CA LEU C 425 32.17 41.30 26.04
C LEU C 425 31.32 42.54 25.82
N ARG C 426 31.18 43.36 26.87
CA ARG C 426 30.40 44.60 26.75
C ARG C 426 30.95 45.50 25.66
N HIS C 427 32.25 45.78 25.69
CA HIS C 427 32.84 46.68 24.70
C HIS C 427 32.79 46.09 23.30
N LEU C 428 33.11 44.79 23.16
CA LEU C 428 33.11 44.17 21.84
C LEU C 428 31.72 44.20 21.21
N VAL C 429 30.68 43.93 22.01
CA VAL C 429 29.32 43.97 21.48
C VAL C 429 28.87 45.40 21.21
N LEU C 430 29.10 46.33 22.13
CA LEU C 430 28.58 47.68 21.98
C LEU C 430 29.36 48.51 20.97
N ASP C 431 30.52 48.05 20.53
CA ASP C 431 31.21 48.73 19.43
C ASP C 431 30.53 48.49 18.09
N ARG C 432 29.68 47.46 17.98
CA ARG C 432 29.03 47.12 16.72
C ARG C 432 27.52 46.99 16.89
N ALA C 433 26.95 47.67 17.89
CA ALA C 433 25.52 47.61 18.14
C ALA C 433 24.73 48.25 17.00
N VAL C 503 15.44 60.37 65.16
CA VAL C 503 15.03 60.17 63.78
C VAL C 503 15.98 59.20 63.08
N ARG C 504 17.00 58.76 63.81
CA ARG C 504 17.97 57.82 63.24
C ARG C 504 17.30 56.51 62.87
N GLY C 505 16.36 56.04 63.70
CA GLY C 505 15.62 54.83 63.37
C GLY C 505 14.82 54.99 62.09
N LEU C 506 14.22 56.17 61.89
CA LEU C 506 13.48 56.42 60.66
C LEU C 506 14.41 56.51 59.47
N LEU C 507 15.56 57.18 59.62
CA LEU C 507 16.48 57.35 58.50
C LEU C 507 17.07 56.01 58.07
N GLN C 508 17.47 55.17 59.02
CA GLN C 508 18.06 53.89 58.67
C GLN C 508 17.02 52.92 58.12
N GLU C 509 15.77 53.02 58.58
CA GLU C 509 14.74 52.10 58.13
C GLU C 509 14.25 52.44 56.73
N LEU C 510 14.17 53.73 56.38
CA LEU C 510 13.90 54.10 55.00
C LEU C 510 15.04 53.69 54.09
N SER C 511 16.26 53.64 54.61
CA SER C 511 17.40 53.21 53.81
C SER C 511 17.26 51.77 53.35
N SER C 512 16.67 50.90 54.18
CA SER C 512 16.43 49.53 53.77
C SER C 512 15.45 49.47 52.61
N ILE C 513 14.46 50.37 52.60
CA ILE C 513 13.48 50.38 51.52
C ILE C 513 14.13 50.75 50.20
N ARG C 514 14.98 51.78 50.20
CA ARG C 514 15.65 52.16 48.96
C ARG C 514 16.73 51.15 48.59
N HIS C 515 17.32 50.47 49.57
CA HIS C 515 18.31 49.45 49.25
C HIS C 515 17.68 48.27 48.54
N PHE C 516 16.50 47.84 49.00
CA PHE C 516 15.83 46.71 48.36
C PHE C 516 15.40 47.06 46.94
N LEU C 517 14.92 48.28 46.74
CA LEU C 517 14.61 48.72 45.38
C LEU C 517 15.88 48.82 44.53
N GLU C 518 16.96 49.32 45.11
CA GLU C 518 18.24 49.37 44.39
C GLU C 518 18.74 47.97 44.08
N LYS C 519 18.59 47.04 45.02
CA LYS C 519 19.00 45.65 44.77
C LYS C 519 18.22 45.05 43.61
N ARG C 520 16.91 45.32 43.56
CA ARG C 520 16.11 44.83 42.45
C ARG C 520 16.45 45.54 41.15
N ASP C 521 16.66 46.86 41.21
CA ASP C 521 16.97 47.61 40.00
C ASP C 521 18.32 47.21 39.41
N GLU C 522 19.33 47.05 40.26
CA GLU C 522 20.65 46.64 39.77
C GLU C 522 20.59 45.25 39.14
N MET C 523 19.84 44.34 39.76
CA MET C 523 19.64 43.02 39.17
C MET C 523 18.89 43.12 37.86
N ARG C 524 17.87 43.98 37.79
CA ARG C 524 17.10 44.15 36.57
C ARG C 524 17.95 44.76 35.46
N GLU C 525 18.79 45.73 35.81
CA GLU C 525 19.67 46.35 34.82
C GLU C 525 20.68 45.33 34.27
N VAL C 526 21.18 44.44 35.13
CA VAL C 526 22.11 43.42 34.68
C VAL C 526 21.44 42.51 33.65
N ALA C 527 20.18 42.12 33.90
CA ALA C 527 19.46 41.32 32.93
C ALA C 527 19.27 42.05 31.62
N ARG C 528 19.08 43.37 31.69
CA ARG C 528 18.97 44.15 30.46
C ARG C 528 20.28 44.17 29.69
N ASP C 529 21.41 44.27 30.39
CA ASP C 529 22.70 44.28 29.70
C ASP C 529 22.95 42.98 28.96
N TRP C 530 22.59 41.86 29.58
CA TRP C 530 22.68 40.58 28.88
C TRP C 530 21.73 40.54 27.69
N LEU C 531 20.54 41.11 27.85
CA LEU C 531 19.58 41.15 26.75
C LEU C 531 20.09 42.02 25.60
N ARG C 532 20.71 43.15 25.93
CA ARG C 532 21.28 44.01 24.90
C ARG C 532 22.36 43.29 24.11
N VAL C 533 23.20 42.53 24.80
CA VAL C 533 24.22 41.74 24.12
C VAL C 533 23.58 40.66 23.24
N GLY C 534 22.59 39.95 23.79
CA GLY C 534 21.99 38.85 23.06
C GLY C 534 21.15 39.29 21.87
N TYR C 535 20.59 40.50 21.92
CA TYR C 535 19.80 40.98 20.80
C TYR C 535 20.64 41.16 19.55
N VAL C 536 21.74 41.92 19.66
CA VAL C 536 22.54 42.21 18.47
C VAL C 536 23.29 40.97 18.01
N LEU C 537 23.70 40.12 18.95
CA LEU C 537 24.33 38.86 18.56
C LEU C 537 23.34 37.97 17.82
N ASP C 538 22.06 38.03 18.19
CA ASP C 538 21.03 37.36 17.41
C ASP C 538 20.94 37.96 16.01
N ARG C 539 21.02 39.30 15.91
CA ARG C 539 21.05 39.93 14.60
C ARG C 539 22.30 39.55 13.83
N LEU C 540 23.45 39.56 14.49
CA LEU C 540 24.71 39.25 13.82
C LEU C 540 24.73 37.81 13.33
N LEU C 541 24.29 36.87 14.17
CA LEU C 541 24.23 35.48 13.74
C LEU C 541 23.10 35.23 12.76
N PHE C 542 22.14 36.15 12.67
CA PHE C 542 21.11 36.05 11.65
C PHE C 542 21.67 36.41 10.27
N ARG C 543 22.52 37.43 10.21
CA ARG C 543 23.13 37.82 8.93
C ARG C 543 24.03 36.72 8.41
N ILE C 544 24.84 36.11 9.28
CA ILE C 544 25.74 35.03 8.86
C ILE C 544 24.94 33.85 8.35
N TYR C 545 23.88 33.47 9.08
CA TYR C 545 23.03 32.38 8.62
C TYR C 545 22.29 32.77 7.35
N LEU C 546 21.90 34.03 7.22
CA LEU C 546 21.28 34.51 5.99
C LEU C 546 22.23 34.38 4.81
N LEU C 547 23.51 34.72 5.02
CA LEU C 547 24.49 34.59 3.95
C LEU C 547 24.83 33.13 3.69
N ALA C 548 24.88 32.30 4.74
CA ALA C 548 25.20 30.90 4.57
C ALA C 548 24.14 30.18 3.73
N VAL C 549 22.86 30.45 4.01
CA VAL C 549 21.82 29.86 3.19
C VAL C 549 21.80 30.47 1.80
N LEU C 550 22.19 31.74 1.67
CA LEU C 550 22.26 32.37 0.36
C LEU C 550 23.36 31.74 -0.49
N ALA C 551 24.53 31.51 0.12
CA ALA C 551 25.60 30.84 -0.60
C ALA C 551 25.22 29.41 -0.96
N TYR C 552 24.54 28.72 -0.05
CA TYR C 552 24.10 27.36 -0.33
C TYR C 552 23.07 27.32 -1.44
N SER C 553 22.13 28.28 -1.45
CA SER C 553 21.11 28.29 -2.49
C SER C 553 21.71 28.62 -3.84
N ILE C 554 22.63 29.58 -3.90
CA ILE C 554 23.27 29.92 -5.17
C ILE C 554 24.13 28.76 -5.66
N THR C 555 24.78 28.04 -4.75
CA THR C 555 25.54 26.86 -5.14
C THR C 555 24.63 25.80 -5.75
N LEU C 556 23.44 25.62 -5.19
CA LEU C 556 22.51 24.62 -5.72
C LEU C 556 22.01 25.01 -7.11
N VAL C 557 21.64 26.28 -7.30
CA VAL C 557 21.13 26.69 -8.61
C VAL C 557 22.24 26.64 -9.66
N THR C 558 23.49 26.82 -9.25
CA THR C 558 24.60 26.70 -10.19
C THR C 558 24.78 25.26 -10.66
N LEU C 559 24.80 24.31 -9.71
CA LEU C 559 24.93 22.91 -10.09
C LEU C 559 23.72 22.41 -10.86
N TRP C 560 22.53 22.97 -10.57
CA TRP C 560 21.34 22.58 -11.31
C TRP C 560 21.46 22.96 -12.78
N SER C 561 22.05 24.11 -13.07
CA SER C 561 22.24 24.52 -14.46
C SER C 561 23.15 23.55 -15.20
N ILE C 562 24.14 22.98 -14.51
CA ILE C 562 25.00 21.99 -15.15
C ILE C 562 24.24 20.70 -15.43
N TRP C 563 23.44 20.23 -14.45
CA TRP C 563 22.62 19.04 -14.67
C TRP C 563 21.54 19.29 -15.71
N HIS C 564 21.07 20.53 -15.82
CA HIS C 564 20.05 20.87 -16.81
C HIS C 564 20.67 21.04 -18.19
N THR D 112 -33.14 -38.94 -42.58
CA THR D 112 -31.83 -38.32 -42.77
C THR D 112 -31.32 -37.71 -41.47
N GLN D 113 -30.08 -37.25 -41.49
CA GLN D 113 -29.46 -36.66 -40.32
C GLN D 113 -30.06 -35.28 -40.05
N PRO D 114 -29.91 -34.76 -38.83
CA PRO D 114 -30.39 -33.41 -38.53
C PRO D 114 -29.68 -32.37 -39.38
N ALA D 115 -30.38 -31.26 -39.63
CA ALA D 115 -29.87 -30.23 -40.52
C ALA D 115 -28.57 -29.64 -40.01
N LEU D 116 -28.50 -29.35 -38.71
CA LEU D 116 -27.30 -28.73 -38.16
C LEU D 116 -26.09 -29.65 -38.26
N LEU D 117 -26.30 -30.95 -38.04
CA LEU D 117 -25.21 -31.91 -38.19
C LEU D 117 -24.74 -31.98 -39.64
N ARG D 118 -25.68 -32.10 -40.57
CA ARG D 118 -25.32 -32.16 -41.98
C ARG D 118 -24.65 -30.87 -42.44
N LEU D 119 -25.19 -29.72 -42.03
CA LEU D 119 -24.62 -28.44 -42.45
C LEU D 119 -23.22 -28.26 -41.89
N SER D 120 -23.03 -28.53 -40.61
CA SER D 120 -21.71 -28.36 -40.01
C SER D 120 -20.71 -29.33 -40.61
N ASP D 121 -21.13 -30.58 -40.85
CA ASP D 121 -20.25 -31.55 -41.47
C ASP D 121 -19.85 -31.13 -42.87
N HIS D 122 -20.81 -30.58 -43.63
CA HIS D 122 -20.52 -30.11 -44.98
C HIS D 122 -19.57 -28.92 -44.97
N LEU D 123 -19.79 -27.97 -44.05
CA LEU D 123 -18.97 -26.77 -44.04
C LEU D 123 -17.55 -27.06 -43.55
N LEU D 124 -17.44 -27.77 -42.43
CA LEU D 124 -16.14 -27.93 -41.77
C LEU D 124 -15.33 -29.10 -42.30
N ALA D 125 -15.87 -29.90 -43.21
CA ALA D 125 -15.07 -30.92 -43.87
C ALA D 125 -14.05 -30.26 -44.79
N ASN D 126 -12.80 -30.72 -44.69
CA ASN D 126 -11.67 -30.18 -45.45
C ASN D 126 -11.64 -28.66 -45.43
N TYR D 127 -12.04 -28.07 -44.30
CA TYR D 127 -11.94 -26.63 -44.11
C TYR D 127 -10.61 -26.32 -43.42
N LYS D 128 -9.89 -25.33 -43.94
CA LYS D 128 -8.59 -24.94 -43.42
C LYS D 128 -8.69 -23.62 -42.69
N LYS D 129 -8.24 -23.59 -41.43
CA LYS D 129 -8.29 -22.36 -40.66
C LYS D 129 -7.18 -21.39 -41.06
N GLY D 130 -6.06 -21.90 -41.55
CA GLY D 130 -4.93 -21.03 -41.81
C GLY D 130 -5.11 -20.13 -43.02
N VAL D 131 -5.91 -20.56 -43.99
CA VAL D 131 -6.08 -19.80 -45.21
C VAL D 131 -7.06 -18.66 -44.97
N ARG D 132 -6.75 -17.50 -45.54
CA ARG D 132 -7.69 -16.39 -45.50
C ARG D 132 -8.85 -16.72 -46.42
N PRO D 133 -10.09 -16.69 -45.94
CA PRO D 133 -11.20 -17.24 -46.73
C PRO D 133 -11.63 -16.37 -47.89
N VAL D 134 -10.86 -16.40 -48.97
CA VAL D 134 -11.24 -15.75 -50.22
C VAL D 134 -10.95 -16.70 -51.37
N ARG D 135 -11.89 -16.82 -52.30
CA ARG D 135 -11.66 -17.63 -53.49
C ARG D 135 -10.67 -16.97 -54.43
N ASP D 136 -10.64 -15.63 -54.46
CA ASP D 136 -9.66 -14.88 -55.20
C ASP D 136 -8.77 -14.15 -54.20
N TRP D 137 -7.47 -14.44 -54.22
CA TRP D 137 -6.59 -13.93 -53.19
C TRP D 137 -6.36 -12.42 -53.30
N ARG D 138 -6.73 -11.80 -54.43
CA ARG D 138 -6.60 -10.36 -54.53
C ARG D 138 -7.66 -9.62 -53.73
N LYS D 139 -8.77 -10.25 -53.40
CA LYS D 139 -9.83 -9.59 -52.67
C LYS D 139 -9.52 -9.58 -51.18
N PRO D 140 -9.38 -8.43 -50.55
CA PRO D 140 -9.19 -8.39 -49.10
C PRO D 140 -10.48 -8.74 -48.36
N THR D 141 -10.32 -9.29 -47.16
CA THR D 141 -11.46 -9.57 -46.30
C THR D 141 -11.80 -8.32 -45.52
N THR D 142 -12.85 -7.62 -45.93
CA THR D 142 -13.26 -6.40 -45.25
C THR D 142 -13.95 -6.79 -43.95
N VAL D 143 -13.35 -6.41 -42.83
CA VAL D 143 -13.88 -6.70 -41.51
C VAL D 143 -14.54 -5.44 -40.96
N SER D 144 -15.78 -5.56 -40.53
CA SER D 144 -16.53 -4.43 -39.99
C SER D 144 -16.44 -4.45 -38.47
N ILE D 145 -16.02 -3.32 -37.90
CA ILE D 145 -15.71 -3.21 -36.48
C ILE D 145 -16.80 -2.40 -35.79
N ASP D 146 -17.19 -2.84 -34.59
CA ASP D 146 -18.10 -2.07 -33.74
C ASP D 146 -17.63 -2.21 -32.31
N VAL D 147 -17.55 -1.08 -31.60
CA VAL D 147 -17.07 -1.04 -30.22
C VAL D 147 -18.11 -0.34 -29.37
N ILE D 148 -18.46 -0.96 -28.25
CA ILE D 148 -19.43 -0.41 -27.30
C ILE D 148 -18.75 -0.37 -25.94
N MET D 149 -18.53 0.84 -25.43
CA MET D 149 -17.85 0.98 -24.15
C MET D 149 -18.77 0.53 -23.03
N TYR D 150 -18.26 -0.31 -22.12
CA TYR D 150 -19.04 -0.80 -21.00
C TYR D 150 -18.65 -0.15 -19.67
N ALA D 151 -17.36 0.05 -19.43
CA ALA D 151 -16.92 0.64 -18.18
C ALA D 151 -15.51 1.18 -18.34
N ILE D 152 -15.22 2.26 -17.62
CA ILE D 152 -13.86 2.77 -17.49
C ILE D 152 -13.32 2.21 -16.18
N LEU D 153 -12.56 1.12 -16.27
CA LEU D 153 -12.14 0.43 -15.05
C LEU D 153 -11.11 1.23 -14.28
N ASN D 154 -10.15 1.85 -14.97
CA ASN D 154 -9.10 2.58 -14.27
C ASN D 154 -8.44 3.56 -15.22
N VAL D 155 -8.03 4.70 -14.67
CA VAL D 155 -7.20 5.68 -15.38
C VAL D 155 -6.02 5.99 -14.49
N ASP D 156 -4.86 5.44 -14.81
CA ASP D 156 -3.65 5.62 -14.02
C ASP D 156 -2.84 6.73 -14.65
N GLU D 157 -2.84 7.91 -14.01
CA GLU D 157 -2.12 9.05 -14.55
C GLU D 157 -0.62 8.93 -14.33
N LYS D 158 -0.21 8.25 -13.26
CA LYS D 158 1.21 8.06 -13.00
C LYS D 158 1.86 7.27 -14.13
N ASN D 159 1.30 6.12 -14.47
CA ASN D 159 1.80 5.31 -15.57
C ASN D 159 1.17 5.67 -16.91
N GLN D 160 0.15 6.53 -16.92
CA GLN D 160 -0.51 6.96 -18.15
C GLN D 160 -1.13 5.78 -18.90
N VAL D 161 -1.87 4.95 -18.18
CA VAL D 161 -2.51 3.78 -18.76
C VAL D 161 -4.01 3.81 -18.46
N LEU D 162 -4.81 3.39 -19.43
CA LEU D 162 -6.26 3.39 -19.31
C LEU D 162 -6.74 1.95 -19.45
N THR D 163 -7.44 1.46 -18.43
CA THR D 163 -8.03 0.13 -18.43
C THR D 163 -9.53 0.27 -18.59
N THR D 164 -10.06 -0.23 -19.71
CA THR D 164 -11.48 -0.16 -20.01
C THR D 164 -12.00 -1.57 -20.30
N TYR D 165 -13.32 -1.67 -20.40
CA TYR D 165 -13.99 -2.88 -20.83
C TYR D 165 -14.90 -2.52 -21.99
N ILE D 166 -14.83 -3.29 -23.08
CA ILE D 166 -15.69 -3.02 -24.22
C ILE D 166 -16.37 -4.30 -24.65
N TRP D 167 -17.53 -4.14 -25.28
CA TRP D 167 -18.17 -5.19 -26.05
C TRP D 167 -17.86 -4.90 -27.51
N TYR D 168 -17.12 -5.80 -28.15
CA TYR D 168 -16.62 -5.60 -29.49
C TYR D 168 -17.19 -6.68 -30.39
N ARG D 169 -17.85 -6.27 -31.46
CA ARG D 169 -18.42 -7.21 -32.42
C ARG D 169 -17.88 -6.88 -33.80
N GLN D 170 -17.53 -7.93 -34.53
CA GLN D 170 -16.96 -7.79 -35.85
C GLN D 170 -17.63 -8.78 -36.78
N TYR D 171 -17.60 -8.48 -38.09
CA TYR D 171 -18.14 -9.43 -39.03
C TYR D 171 -17.40 -9.30 -40.36
N TRP D 172 -17.15 -10.46 -40.97
CA TRP D 172 -16.45 -10.55 -42.24
C TRP D 172 -17.08 -11.66 -43.05
N THR D 173 -16.88 -11.60 -44.37
CA THR D 173 -17.46 -12.57 -45.28
C THR D 173 -16.46 -13.70 -45.50
N ASP D 174 -16.80 -14.89 -45.01
CA ASP D 174 -16.01 -16.09 -45.24
C ASP D 174 -16.57 -16.79 -46.47
N GLU D 175 -15.78 -16.82 -47.54
CA GLU D 175 -16.26 -17.35 -48.82
C GLU D 175 -16.29 -18.86 -48.86
N PHE D 176 -15.82 -19.54 -47.82
CA PHE D 176 -15.89 -20.99 -47.73
C PHE D 176 -17.05 -21.49 -46.89
N LEU D 177 -17.57 -20.66 -45.99
CA LEU D 177 -18.70 -21.04 -45.14
C LEU D 177 -20.01 -20.56 -45.77
N GLN D 178 -20.27 -21.03 -46.98
CA GLN D 178 -21.46 -20.67 -47.73
C GLN D 178 -22.23 -21.93 -48.10
N TRP D 179 -23.56 -21.83 -48.06
CA TRP D 179 -24.41 -22.96 -48.38
C TRP D 179 -25.76 -22.44 -48.86
N THR D 180 -26.52 -23.32 -49.51
CA THR D 180 -27.88 -23.01 -49.93
C THR D 180 -28.83 -23.51 -48.86
N PRO D 181 -29.58 -22.64 -48.19
CA PRO D 181 -30.45 -23.10 -47.08
C PRO D 181 -31.47 -24.13 -47.49
N GLU D 182 -31.99 -24.07 -48.72
CA GLU D 182 -33.03 -25.00 -49.14
C GLU D 182 -32.54 -26.44 -49.17
N ASP D 183 -31.23 -26.66 -49.20
CA ASP D 183 -30.67 -28.01 -49.16
C ASP D 183 -30.44 -28.50 -47.74
N PHE D 184 -30.58 -27.65 -46.74
CA PHE D 184 -30.35 -28.05 -45.35
C PHE D 184 -31.53 -27.70 -44.46
N ASP D 185 -32.74 -28.03 -44.92
CA ASP D 185 -33.96 -27.82 -44.14
C ASP D 185 -34.15 -26.34 -43.80
N ASN D 186 -33.86 -25.48 -44.75
CA ASN D 186 -34.10 -24.03 -44.63
C ASN D 186 -33.39 -23.42 -43.43
N VAL D 187 -32.20 -23.90 -43.07
CA VAL D 187 -31.43 -23.24 -42.03
C VAL D 187 -30.64 -22.10 -42.66
N THR D 188 -30.79 -20.90 -42.11
CA THR D 188 -30.17 -19.71 -42.66
C THR D 188 -28.92 -19.28 -41.93
N LYS D 189 -28.80 -19.58 -40.65
CA LYS D 189 -27.58 -19.27 -39.91
C LYS D 189 -27.36 -20.33 -38.86
N LEU D 190 -26.10 -20.51 -38.47
CA LEU D 190 -25.75 -21.48 -37.45
C LEU D 190 -24.52 -21.00 -36.71
N SER D 191 -24.39 -21.47 -35.47
CA SER D 191 -23.24 -21.12 -34.64
C SER D 191 -22.21 -22.23 -34.72
N ILE D 192 -20.97 -21.86 -34.98
CA ILE D 192 -19.88 -22.84 -35.02
C ILE D 192 -18.75 -22.35 -34.13
N PRO D 193 -17.91 -23.24 -33.60
CA PRO D 193 -16.88 -22.80 -32.65
C PRO D 193 -15.94 -21.79 -33.27
N THR D 194 -15.49 -20.84 -32.45
CA THR D 194 -14.58 -19.81 -32.92
C THR D 194 -13.27 -20.42 -33.38
N ASP D 195 -12.79 -21.43 -32.66
CA ASP D 195 -11.50 -22.04 -32.97
C ASP D 195 -11.55 -23.01 -34.12
N SER D 196 -12.68 -23.13 -34.80
CA SER D 196 -12.79 -24.00 -35.98
C SER D 196 -12.67 -23.25 -37.29
N ILE D 197 -12.70 -21.92 -37.28
CA ILE D 197 -12.73 -21.13 -38.50
C ILE D 197 -11.67 -20.03 -38.41
N TRP D 198 -11.35 -19.48 -39.57
CA TRP D 198 -10.37 -18.39 -39.65
C TRP D 198 -10.93 -17.13 -38.99
N VAL D 199 -10.12 -16.51 -38.14
CA VAL D 199 -10.50 -15.29 -37.44
C VAL D 199 -9.41 -14.25 -37.65
N PRO D 200 -9.75 -13.03 -38.09
CA PRO D 200 -8.71 -12.02 -38.32
C PRO D 200 -8.00 -11.62 -37.04
N ASP D 201 -6.73 -11.28 -37.19
CA ASP D 201 -5.89 -10.89 -36.05
C ASP D 201 -5.97 -9.40 -35.78
N ILE D 202 -7.18 -8.90 -35.57
CA ILE D 202 -7.40 -7.48 -35.33
C ILE D 202 -7.26 -7.21 -33.84
N LEU D 203 -6.33 -6.33 -33.47
CA LEU D 203 -6.14 -5.97 -32.08
C LEU D 203 -5.74 -4.50 -31.99
N ILE D 204 -5.56 -4.03 -30.76
CA ILE D 204 -5.36 -2.61 -30.49
C ILE D 204 -3.87 -2.32 -30.46
N ASN D 205 -3.46 -1.27 -31.16
CA ASN D 205 -2.05 -0.88 -31.18
C ASN D 205 -1.57 -0.44 -29.80
N GLU D 206 -2.41 0.28 -29.06
CA GLU D 206 -2.00 0.89 -27.81
C GLU D 206 -1.87 -0.08 -26.67
N PHE D 207 -1.90 -1.40 -26.88
CA PHE D 207 -1.76 -2.33 -25.78
C PHE D 207 -0.45 -2.11 -25.03
N VAL D 208 -0.54 -2.13 -23.71
CA VAL D 208 0.64 -2.26 -22.84
C VAL D 208 0.52 -3.46 -21.92
N ASP D 209 -0.49 -4.30 -22.11
CA ASP D 209 -0.73 -5.49 -21.31
C ASP D 209 -1.73 -6.34 -22.07
N VAL D 210 -2.13 -7.46 -21.48
CA VAL D 210 -3.24 -8.25 -21.98
C VAL D 210 -4.35 -8.21 -20.94
N GLY D 211 -5.59 -8.05 -21.39
CA GLY D 211 -6.72 -7.98 -20.50
C GLY D 211 -7.32 -9.36 -20.28
N LYS D 212 -7.72 -9.61 -19.04
CA LYS D 212 -8.40 -10.86 -18.71
C LYS D 212 -9.88 -10.71 -19.05
N SER D 213 -10.32 -11.43 -20.06
CA SER D 213 -11.68 -11.35 -20.55
C SER D 213 -12.19 -12.75 -20.87
N PRO D 214 -13.50 -12.97 -20.76
CA PRO D 214 -14.06 -14.29 -21.09
C PRO D 214 -13.76 -14.67 -22.53
N ASN D 215 -13.50 -15.96 -22.74
CA ASN D 215 -13.33 -16.48 -24.09
C ASN D 215 -14.68 -16.90 -24.64
N ILE D 216 -15.03 -16.37 -25.81
CA ILE D 216 -16.30 -16.66 -26.45
C ILE D 216 -16.11 -17.85 -27.38
N PRO D 217 -16.75 -18.99 -27.14
CA PRO D 217 -16.44 -20.19 -27.93
C PRO D 217 -17.11 -20.25 -29.29
N TYR D 218 -18.23 -19.57 -29.50
CA TYR D 218 -19.00 -19.72 -30.73
C TYR D 218 -19.08 -18.41 -31.50
N VAL D 219 -19.28 -18.53 -32.81
CA VAL D 219 -19.55 -17.41 -33.69
C VAL D 219 -20.70 -17.78 -34.61
N TYR D 220 -21.52 -16.79 -34.94
CA TYR D 220 -22.63 -17.00 -35.86
C TYR D 220 -22.16 -16.87 -37.30
N VAL D 221 -22.66 -17.74 -38.16
CA VAL D 221 -22.34 -17.73 -39.58
C VAL D 221 -23.65 -17.82 -40.36
N HIS D 222 -23.84 -16.88 -41.28
CA HIS D 222 -25.02 -16.86 -42.12
C HIS D 222 -24.74 -17.58 -43.43
N HIS D 223 -25.80 -17.88 -44.19
CA HIS D 223 -25.66 -18.70 -45.37
C HIS D 223 -24.85 -18.04 -46.48
N ARG D 224 -24.67 -16.72 -46.41
CA ARG D 224 -23.80 -16.02 -47.35
C ARG D 224 -22.35 -15.99 -46.88
N GLY D 225 -22.05 -16.59 -45.73
CA GLY D 225 -20.71 -16.58 -45.20
C GLY D 225 -20.44 -15.50 -44.18
N GLU D 226 -21.41 -14.67 -43.86
CA GLU D 226 -21.18 -13.53 -42.98
C GLU D 226 -20.97 -14.00 -41.54
N VAL D 227 -19.72 -14.18 -41.15
CA VAL D 227 -19.40 -14.61 -39.79
C VAL D 227 -19.53 -13.42 -38.85
N GLN D 228 -20.22 -13.61 -37.73
CA GLN D 228 -20.40 -12.58 -36.72
C GLN D 228 -19.73 -13.01 -35.44
N ASN D 229 -18.76 -12.22 -34.97
CA ASN D 229 -17.98 -12.53 -33.78
C ASN D 229 -18.26 -11.47 -32.74
N TYR D 230 -18.96 -11.83 -31.68
CA TYR D 230 -19.23 -10.96 -30.55
C TYR D 230 -18.32 -11.38 -29.41
N LYS D 231 -17.65 -10.41 -28.77
CA LYS D 231 -16.83 -10.79 -27.64
C LYS D 231 -16.59 -9.60 -26.73
N PRO D 232 -16.55 -9.80 -25.42
CA PRO D 232 -16.15 -8.73 -24.50
C PRO D 232 -14.65 -8.81 -24.25
N LEU D 233 -14.02 -7.64 -24.16
CA LEU D 233 -12.59 -7.65 -23.87
C LEU D 233 -12.18 -6.44 -23.05
N GLN D 234 -11.30 -6.70 -22.10
CA GLN D 234 -10.71 -5.68 -21.25
C GLN D 234 -9.41 -5.20 -21.89
N LEU D 235 -9.26 -3.90 -22.00
CA LEU D 235 -8.11 -3.31 -22.68
C LEU D 235 -7.32 -2.43 -21.73
N VAL D 236 -6.03 -2.74 -21.58
CA VAL D 236 -5.08 -1.86 -20.90
C VAL D 236 -4.26 -1.20 -22.00
N THR D 237 -4.46 0.10 -22.19
CA THR D 237 -3.88 0.80 -23.32
C THR D 237 -3.13 2.04 -22.86
N ALA D 238 -2.02 2.33 -23.51
CA ALA D 238 -1.28 3.55 -23.22
C ALA D 238 -2.01 4.75 -23.81
N CYS D 239 -2.21 5.78 -23.00
CA CYS D 239 -2.93 6.97 -23.43
C CYS D 239 -2.24 8.21 -22.87
N SER D 240 -2.47 9.33 -23.53
CA SER D 240 -1.92 10.61 -23.12
C SER D 240 -2.95 11.33 -22.25
N LEU D 241 -2.59 11.59 -21.00
CA LEU D 241 -3.49 12.20 -20.04
C LEU D 241 -3.03 13.61 -19.73
N ASP D 242 -3.89 14.59 -20.02
CA ASP D 242 -3.61 16.00 -19.76
C ASP D 242 -4.17 16.34 -18.39
N ILE D 243 -3.29 16.51 -17.42
CA ILE D 243 -3.66 16.71 -16.03
C ILE D 243 -3.59 18.20 -15.66
N TYR D 244 -3.63 19.08 -16.66
CA TYR D 244 -3.50 20.51 -16.40
C TYR D 244 -4.62 21.03 -15.51
N ASN D 245 -5.85 20.57 -15.74
CA ASN D 245 -7.00 20.98 -14.95
C ASN D 245 -7.62 19.78 -14.24
N PHE D 246 -6.79 19.04 -13.51
CA PHE D 246 -7.04 17.70 -12.96
C PHE D 246 -8.47 17.43 -12.51
N PRO D 247 -9.06 18.22 -11.61
CA PRO D 247 -10.43 17.86 -11.16
C PRO D 247 -11.47 17.98 -12.25
N PHE D 248 -11.20 18.74 -13.31
CA PHE D 248 -12.17 19.00 -14.36
C PHE D 248 -11.65 18.59 -15.74
N ASP D 249 -10.64 17.72 -15.79
CA ASP D 249 -9.98 17.40 -17.04
C ASP D 249 -10.87 16.53 -17.93
N VAL D 250 -10.71 16.70 -19.23
CA VAL D 250 -11.37 15.88 -20.24
C VAL D 250 -10.28 15.14 -21.00
N GLN D 251 -10.26 13.81 -20.86
CA GLN D 251 -9.21 12.98 -21.43
C GLN D 251 -9.69 12.42 -22.75
N ASN D 252 -8.78 12.35 -23.72
CA ASN D 252 -9.08 11.96 -25.09
C ASN D 252 -8.12 10.85 -25.48
N CYS D 253 -8.53 9.61 -25.29
CA CYS D 253 -7.65 8.45 -25.40
C CYS D 253 -8.01 7.65 -26.64
N SER D 254 -6.99 7.25 -27.40
CA SER D 254 -7.20 6.58 -28.67
C SER D 254 -7.07 5.07 -28.51
N LEU D 255 -8.06 4.34 -29.03
CA LEU D 255 -7.99 2.89 -29.17
C LEU D 255 -7.91 2.59 -30.65
N THR D 256 -6.81 1.99 -31.08
CA THR D 256 -6.53 1.83 -32.50
C THR D 256 -6.67 0.36 -32.88
N PHE D 257 -7.81 0.00 -33.45
CA PHE D 257 -8.02 -1.36 -33.92
C PHE D 257 -7.42 -1.52 -35.30
N THR D 258 -6.50 -2.47 -35.45
CA THR D 258 -5.89 -2.74 -36.74
C THR D 258 -5.47 -4.20 -36.79
N SER D 259 -5.33 -4.70 -38.01
CA SER D 259 -4.78 -6.03 -38.20
C SER D 259 -3.28 -5.99 -37.94
N TRP D 260 -2.81 -6.80 -37.00
CA TRP D 260 -1.42 -6.71 -36.59
C TRP D 260 -0.47 -7.08 -37.72
N LEU D 261 -0.83 -8.07 -38.53
CA LEU D 261 0.06 -8.56 -39.57
C LEU D 261 -0.41 -8.20 -40.97
N HIS D 262 -1.67 -8.45 -41.29
CA HIS D 262 -2.15 -8.32 -42.66
C HIS D 262 -2.22 -6.85 -43.08
N THR D 263 -1.83 -6.59 -44.32
CA THR D 263 -1.80 -5.24 -44.86
C THR D 263 -3.16 -4.87 -45.43
N ILE D 264 -3.25 -3.73 -46.10
CA ILE D 264 -4.49 -3.31 -46.75
C ILE D 264 -4.88 -4.28 -47.86
N GLN D 265 -3.90 -5.01 -48.39
CA GLN D 265 -4.16 -5.91 -49.51
C GLN D 265 -4.75 -7.25 -49.05
N ASP D 266 -4.78 -7.51 -47.75
CA ASP D 266 -5.34 -8.74 -47.23
C ASP D 266 -6.52 -8.50 -46.29
N ILE D 267 -6.40 -7.56 -45.35
CA ILE D 267 -7.47 -7.24 -44.42
C ILE D 267 -7.69 -5.74 -44.42
N ASN D 268 -8.88 -5.30 -44.80
CA ASN D 268 -9.30 -3.92 -44.66
C ASN D 268 -10.36 -3.83 -43.57
N ILE D 269 -10.42 -2.68 -42.90
CA ILE D 269 -11.32 -2.48 -41.77
C ILE D 269 -12.30 -1.39 -42.10
N THR D 270 -13.59 -1.69 -41.98
CA THR D 270 -14.66 -0.72 -42.06
C THR D 270 -15.40 -0.66 -40.74
N LEU D 271 -16.45 0.14 -40.69
CA LEU D 271 -17.24 0.34 -39.48
C LEU D 271 -18.60 -0.30 -39.68
N TRP D 272 -19.06 -1.03 -38.66
CA TRP D 272 -20.34 -1.72 -38.75
C TRP D 272 -21.49 -0.73 -38.83
N ARG D 273 -21.62 0.13 -37.83
CA ARG D 273 -22.66 1.13 -37.79
C ARG D 273 -22.13 2.45 -38.35
N SER D 274 -23.06 3.38 -38.60
CA SER D 274 -22.67 4.70 -39.02
C SER D 274 -21.91 5.41 -37.90
N PRO D 275 -20.97 6.29 -38.23
CA PRO D 275 -20.18 6.95 -37.17
C PRO D 275 -21.03 7.73 -36.19
N GLU D 276 -22.16 8.29 -36.63
CA GLU D 276 -23.03 9.01 -35.71
C GLU D 276 -23.67 8.09 -34.68
N GLU D 277 -23.97 6.84 -35.08
CA GLU D 277 -24.57 5.90 -34.13
C GLU D 277 -23.58 5.49 -33.06
N VAL D 278 -22.34 5.21 -33.45
CA VAL D 278 -21.35 4.80 -32.46
C VAL D 278 -20.88 5.98 -31.62
N ARG D 279 -20.95 7.20 -32.17
CA ARG D 279 -20.57 8.38 -31.41
C ARG D 279 -21.46 8.57 -30.19
N SER D 280 -22.76 8.37 -30.34
CA SER D 280 -23.74 8.64 -29.29
C SER D 280 -24.18 7.37 -28.55
N ASP D 281 -23.34 6.33 -28.56
CA ASP D 281 -23.73 5.06 -27.95
C ASP D 281 -23.36 5.04 -26.47
N LYS D 282 -24.38 5.00 -25.60
CA LYS D 282 -24.19 4.88 -24.17
C LYS D 282 -25.18 3.88 -23.57
N SER D 283 -25.54 2.85 -24.35
CA SER D 283 -26.62 1.97 -23.94
C SER D 283 -26.25 1.10 -22.75
N ILE D 284 -24.98 0.70 -22.64
CA ILE D 284 -24.54 -0.23 -21.60
C ILE D 284 -23.49 0.37 -20.69
N PHE D 285 -23.05 1.60 -20.93
CA PHE D 285 -21.97 2.17 -20.14
C PHE D 285 -22.36 2.28 -18.67
N ILE D 286 -21.46 1.86 -17.80
CA ILE D 286 -21.64 1.98 -16.35
C ILE D 286 -21.35 3.43 -15.98
N ASN D 287 -22.39 4.19 -15.68
CA ASN D 287 -22.25 5.64 -15.63
C ASN D 287 -21.81 6.16 -14.26
N GLN D 288 -22.12 5.44 -13.19
CA GLN D 288 -21.92 5.95 -11.84
C GLN D 288 -20.48 5.86 -11.36
N GLY D 289 -19.52 5.67 -12.26
CA GLY D 289 -18.12 5.68 -11.90
C GLY D 289 -17.57 7.09 -11.82
N GLU D 290 -16.25 7.17 -11.66
CA GLU D 290 -15.59 8.46 -11.59
C GLU D 290 -15.58 9.18 -12.94
N TRP D 291 -15.63 8.42 -14.03
CA TRP D 291 -15.49 8.97 -15.37
C TRP D 291 -16.81 8.90 -16.12
N GLU D 292 -17.15 9.98 -16.81
CA GLU D 292 -18.35 10.05 -17.63
C GLU D 292 -17.94 9.98 -19.10
N LEU D 293 -18.50 9.03 -19.84
CA LEU D 293 -18.19 8.87 -21.24
C LEU D 293 -18.93 9.94 -22.04
N LEU D 294 -18.18 10.83 -22.69
CA LEU D 294 -18.79 11.84 -23.53
C LEU D 294 -19.17 11.26 -24.89
N GLU D 295 -18.22 10.59 -25.54
CA GLU D 295 -18.45 9.98 -26.84
C GLU D 295 -17.25 9.10 -27.18
N VAL D 296 -17.44 8.24 -28.17
CA VAL D 296 -16.34 7.54 -28.83
C VAL D 296 -16.43 7.89 -30.32
N PHE D 297 -15.30 8.28 -30.89
CA PHE D 297 -15.30 8.83 -32.25
C PHE D 297 -14.47 7.95 -33.18
N PRO D 298 -15.08 7.30 -34.18
CA PRO D 298 -14.31 6.46 -35.09
C PRO D 298 -13.76 7.23 -36.29
N GLN D 299 -12.54 6.88 -36.68
CA GLN D 299 -11.92 7.49 -37.84
C GLN D 299 -11.00 6.48 -38.51
N PHE D 300 -11.11 6.37 -39.83
CA PHE D 300 -10.33 5.41 -40.61
C PHE D 300 -9.11 6.10 -41.22
N LYS D 301 -7.97 5.42 -41.16
CA LYS D 301 -6.75 5.89 -41.80
C LYS D 301 -5.88 4.69 -42.13
N GLU D 302 -4.86 4.93 -42.94
CA GLU D 302 -3.92 3.90 -43.34
C GLU D 302 -2.56 4.18 -42.72
N PHE D 303 -2.08 3.24 -41.91
CA PHE D 303 -0.70 3.27 -41.48
C PHE D 303 0.16 2.88 -42.68
N SER D 304 1.37 3.42 -42.76
CA SER D 304 2.25 3.11 -43.88
C SER D 304 3.68 2.99 -43.40
N ILE D 305 4.29 1.83 -43.64
CA ILE D 305 5.73 1.69 -43.47
C ILE D 305 6.46 2.13 -44.73
N ASP D 306 5.91 1.79 -45.89
CA ASP D 306 6.44 2.18 -47.18
C ASP D 306 5.26 2.33 -48.15
N ILE D 307 5.57 2.35 -49.44
CA ILE D 307 4.51 2.49 -50.44
C ILE D 307 3.63 1.24 -50.47
N SER D 308 4.24 0.07 -50.33
CA SER D 308 3.51 -1.18 -50.44
C SER D 308 2.92 -1.65 -49.11
N ASN D 309 3.63 -1.44 -48.01
CA ASN D 309 3.21 -1.94 -46.70
C ASN D 309 2.32 -0.91 -46.02
N SER D 310 1.06 -0.90 -46.42
CA SER D 310 0.04 -0.05 -45.82
C SER D 310 -0.97 -0.91 -45.09
N TYR D 311 -1.38 -0.46 -43.91
CA TYR D 311 -2.23 -1.22 -43.00
C TYR D 311 -3.53 -0.47 -42.72
N ALA D 312 -4.63 -1.21 -42.71
CA ALA D 312 -5.90 -0.65 -42.29
C ALA D 312 -5.84 -0.27 -40.82
N GLU D 313 -6.61 0.73 -40.44
CA GLU D 313 -6.55 1.27 -39.09
C GLU D 313 -7.87 1.94 -38.78
N MET D 314 -8.38 1.74 -37.57
CA MET D 314 -9.61 2.40 -37.15
C MET D 314 -9.40 2.91 -35.74
N LYS D 315 -9.37 4.23 -35.57
CA LYS D 315 -9.10 4.85 -34.29
C LYS D 315 -10.41 5.29 -33.66
N PHE D 316 -10.71 4.79 -32.48
CA PHE D 316 -11.84 5.23 -31.69
C PHE D 316 -11.30 6.17 -30.61
N TYR D 317 -11.77 7.41 -30.63
CA TYR D 317 -11.31 8.41 -29.68
C TYR D 317 -12.27 8.43 -28.50
N VAL D 318 -11.98 7.61 -27.50
CA VAL D 318 -12.79 7.57 -26.29
C VAL D 318 -12.53 8.85 -25.51
N ILE D 319 -13.59 9.62 -25.26
CA ILE D 319 -13.51 10.89 -24.58
C ILE D 319 -14.20 10.74 -23.23
N ILE D 320 -13.49 11.01 -22.15
CA ILE D 320 -14.00 10.78 -20.80
C ILE D 320 -13.75 12.02 -19.96
N ARG D 321 -14.79 12.47 -19.25
CA ARG D 321 -14.70 13.63 -18.38
C ARG D 321 -14.75 13.18 -16.94
N ARG D 322 -13.80 13.66 -16.13
CA ARG D 322 -13.78 13.31 -14.72
C ARG D 322 -14.88 14.05 -13.98
N ARG D 323 -15.53 13.36 -13.04
CA ARG D 323 -16.55 13.97 -12.21
C ARG D 323 -15.89 14.62 -11.00
N PRO D 324 -15.94 15.95 -10.87
CA PRO D 324 -15.22 16.60 -9.76
C PRO D 324 -15.85 16.39 -8.39
N LEU D 325 -17.09 15.90 -8.32
CA LEU D 325 -17.73 15.68 -7.03
C LEU D 325 -17.03 14.60 -6.22
N PHE D 326 -16.24 13.74 -6.87
CA PHE D 326 -15.39 12.81 -6.14
C PHE D 326 -14.36 13.54 -5.30
N TYR D 327 -13.85 14.66 -5.80
CA TYR D 327 -12.67 15.31 -5.23
C TYR D 327 -12.95 16.64 -4.54
N ALA D 328 -14.16 17.20 -4.69
CA ALA D 328 -14.45 18.47 -4.04
C ALA D 328 -14.20 18.39 -2.55
N VAL D 329 -14.78 17.39 -1.89
CA VAL D 329 -14.54 17.18 -0.46
C VAL D 329 -13.05 16.92 -0.21
N SER D 330 -12.41 16.17 -1.09
CA SER D 330 -11.05 15.70 -0.82
C SER D 330 -10.05 16.84 -0.80
N LEU D 331 -10.17 17.80 -1.71
CA LEU D 331 -9.25 18.93 -1.74
C LEU D 331 -9.82 20.18 -1.08
N LEU D 332 -10.98 20.66 -1.54
CA LEU D 332 -11.40 22.01 -1.19
C LEU D 332 -11.75 22.14 0.28
N LEU D 333 -12.45 21.15 0.84
CA LEU D 333 -12.97 21.29 2.20
C LEU D 333 -11.87 21.46 3.23
N PRO D 334 -10.83 20.62 3.29
CA PRO D 334 -9.81 20.82 4.34
C PRO D 334 -9.10 22.16 4.22
N SER D 335 -8.77 22.58 2.99
CA SER D 335 -8.10 23.86 2.81
C SER D 335 -8.97 25.00 3.31
N ILE D 336 -10.27 24.96 2.98
CA ILE D 336 -11.19 25.99 3.47
C ILE D 336 -11.21 26.00 4.99
N PHE D 337 -11.27 24.80 5.60
CA PHE D 337 -11.17 24.72 7.05
C PHE D 337 -9.91 25.41 7.57
N LEU D 338 -8.77 25.10 6.95
CA LEU D 338 -7.52 25.67 7.43
C LEU D 338 -7.54 27.19 7.34
N MET D 339 -8.07 27.72 6.24
CA MET D 339 -8.15 29.17 6.12
C MET D 339 -9.08 29.75 7.17
N VAL D 340 -10.19 29.07 7.45
CA VAL D 340 -11.11 29.56 8.46
C VAL D 340 -10.42 29.65 9.82
N VAL D 341 -9.68 28.59 10.18
CA VAL D 341 -9.01 28.61 11.47
C VAL D 341 -7.94 29.67 11.50
N ASP D 342 -7.25 29.88 10.37
CA ASP D 342 -6.26 30.93 10.30
C ASP D 342 -6.89 32.29 10.56
N ILE D 343 -8.07 32.52 9.97
CA ILE D 343 -8.77 33.77 10.17
C ILE D 343 -9.21 33.91 11.62
N VAL D 344 -9.56 32.79 12.24
CA VAL D 344 -9.92 32.81 13.66
C VAL D 344 -8.71 33.16 14.51
N GLY D 345 -7.52 32.74 14.10
CA GLY D 345 -6.33 32.91 14.90
C GLY D 345 -5.91 34.35 15.14
N PHE D 346 -6.33 35.26 14.27
CA PHE D 346 -5.98 36.67 14.45
C PHE D 346 -6.64 37.29 15.67
N CYS D 347 -7.73 36.70 16.16
CA CYS D 347 -8.43 37.27 17.31
C CYS D 347 -7.63 37.13 18.59
N LEU D 348 -6.63 36.25 18.62
CA LEU D 348 -5.76 36.17 19.78
C LEU D 348 -4.93 37.45 19.90
N PRO D 349 -4.71 37.95 21.11
CA PRO D 349 -3.92 39.17 21.28
C PRO D 349 -2.48 38.93 20.85
N PRO D 350 -1.83 39.92 20.25
CA PRO D 350 -0.45 39.74 19.81
C PRO D 350 0.53 39.47 20.94
N ASP D 351 0.27 40.01 22.12
CA ASP D 351 1.18 39.84 23.26
C ASP D 351 0.95 38.54 24.01
N SER D 352 0.00 37.71 23.59
CA SER D 352 -0.28 36.47 24.31
C SER D 352 0.89 35.51 24.24
N GLY D 353 1.64 35.52 23.14
CA GLY D 353 2.75 34.61 22.99
C GLY D 353 2.34 33.27 22.44
N GLU D 354 1.09 32.89 22.68
CA GLU D 354 0.56 31.65 22.12
C GLU D 354 0.13 31.81 20.67
N ARG D 355 -0.12 33.04 20.21
CA ARG D 355 -0.62 33.25 18.86
C ARG D 355 0.36 32.73 17.81
N VAL D 356 1.66 32.95 18.01
CA VAL D 356 2.65 32.47 17.07
C VAL D 356 2.72 30.95 17.10
N SER D 357 2.60 30.35 18.30
CA SER D 357 2.53 28.90 18.40
C SER D 357 1.30 28.36 17.70
N PHE D 358 0.17 29.05 17.86
CA PHE D 358 -1.06 28.70 17.14
C PHE D 358 -0.81 28.70 15.63
N LYS D 359 -0.19 29.76 15.12
CA LYS D 359 0.02 29.88 13.68
C LYS D 359 0.97 28.81 13.16
N ILE D 360 2.05 28.54 13.89
CA ILE D 360 3.00 27.53 13.41
C ILE D 360 2.39 26.13 13.49
N THR D 361 1.58 25.86 14.52
CA THR D 361 0.89 24.57 14.58
C THR D 361 -0.07 24.41 13.42
N LEU D 362 -0.80 25.49 13.10
CA LEU D 362 -1.71 25.44 11.96
C LEU D 362 -0.97 25.22 10.65
N LEU D 363 0.18 25.89 10.49
CA LEU D 363 0.98 25.71 9.28
C LEU D 363 1.49 24.28 9.17
N LEU D 364 1.93 23.70 10.29
CA LEU D 364 2.37 22.30 10.27
C LEU D 364 1.22 21.37 9.90
N GLY D 365 0.02 21.63 10.45
CA GLY D 365 -1.13 20.83 10.09
C GLY D 365 -1.47 20.91 8.61
N TYR D 366 -1.43 22.12 8.05
CA TYR D 366 -1.80 22.23 6.64
C TYR D 366 -0.71 21.64 5.76
N SER D 367 0.55 21.69 6.21
CA SER D 367 1.63 21.03 5.48
C SER D 367 1.45 19.52 5.49
N VAL D 368 1.04 18.95 6.62
CA VAL D 368 0.72 17.53 6.66
C VAL D 368 -0.43 17.22 5.71
N PHE D 369 -1.41 18.12 5.64
CA PHE D 369 -2.50 17.96 4.69
C PHE D 369 -1.98 17.93 3.24
N LEU D 370 -1.08 18.86 2.91
CA LEU D 370 -0.49 18.87 1.57
C LEU D 370 0.26 17.58 1.29
N ILE D 371 1.02 17.10 2.26
CA ILE D 371 1.82 15.90 2.07
C ILE D 371 0.92 14.70 1.83
N ILE D 372 -0.13 14.54 2.64
CA ILE D 372 -1.00 13.37 2.50
C ILE D 372 -1.84 13.46 1.23
N VAL D 373 -2.23 14.67 0.82
CA VAL D 373 -3.04 14.81 -0.39
C VAL D 373 -2.23 14.48 -1.63
N SER D 374 -0.91 14.74 -1.62
CA SER D 374 -0.08 14.56 -2.80
C SER D 374 -0.03 13.11 -3.28
N ASP D 375 -0.44 12.15 -2.44
CA ASP D 375 -0.53 10.77 -2.90
C ASP D 375 -1.68 10.55 -3.88
N THR D 376 -2.63 11.48 -3.96
CA THR D 376 -3.77 11.38 -4.85
C THR D 376 -3.65 12.34 -6.04
N LEU D 377 -3.28 13.59 -5.78
CA LEU D 377 -3.10 14.58 -6.83
C LEU D 377 -1.94 14.18 -7.72
N PRO D 378 -2.18 13.82 -8.98
CA PRO D 378 -1.11 13.30 -9.84
C PRO D 378 -0.29 14.43 -10.45
N ALA D 379 0.73 14.03 -11.22
CA ALA D 379 1.61 14.98 -11.87
C ALA D 379 2.07 14.40 -13.20
N THR D 380 2.58 15.27 -14.06
CA THR D 380 3.08 14.85 -15.37
C THR D 380 4.18 15.79 -15.81
N ALA D 381 4.91 15.38 -16.85
CA ALA D 381 6.04 16.15 -17.33
C ALA D 381 5.60 17.48 -17.94
N ILE D 382 4.39 17.54 -18.50
CA ILE D 382 3.92 18.77 -19.12
C ILE D 382 3.75 19.86 -18.06
N GLY D 383 3.31 19.49 -16.87
CA GLY D 383 3.14 20.44 -15.80
C GLY D 383 2.18 19.98 -14.72
N THR D 384 2.32 20.53 -13.52
CA THR D 384 1.42 20.19 -12.44
C THR D 384 0.05 20.81 -12.68
N PRO D 385 -1.00 20.20 -12.13
CA PRO D 385 -2.35 20.79 -12.27
C PRO D 385 -2.43 22.15 -11.57
N LEU D 386 -3.34 22.98 -12.05
CA LEU D 386 -3.55 24.30 -11.45
C LEU D 386 -4.00 24.20 -10.00
N ILE D 387 -4.51 23.05 -9.59
CA ILE D 387 -4.80 22.83 -8.17
C ILE D 387 -3.52 22.94 -7.36
N GLY D 388 -2.40 22.47 -7.92
CA GLY D 388 -1.12 22.66 -7.25
C GLY D 388 -0.77 24.13 -7.09
N VAL D 389 -1.04 24.94 -8.11
CA VAL D 389 -0.76 26.37 -8.03
C VAL D 389 -1.63 27.03 -6.97
N TYR D 390 -2.91 26.66 -6.91
CA TYR D 390 -3.77 27.25 -5.88
C TYR D 390 -3.39 26.78 -4.48
N PHE D 391 -2.92 25.54 -4.35
CA PHE D 391 -2.42 25.09 -3.06
C PHE D 391 -1.18 25.88 -2.67
N VAL D 392 -0.31 26.18 -3.63
CA VAL D 392 0.88 26.98 -3.35
C VAL D 392 0.49 28.39 -2.96
N VAL D 393 -0.57 28.93 -3.57
CA VAL D 393 -1.03 30.28 -3.19
C VAL D 393 -1.61 30.27 -1.79
N CYS D 394 -2.38 29.23 -1.45
CA CYS D 394 -2.82 29.07 -0.07
C CYS D 394 -1.64 28.98 0.89
N MET D 395 -0.57 28.30 0.47
CA MET D 395 0.63 28.20 1.28
C MET D 395 1.25 29.57 1.50
N ALA D 396 1.32 30.37 0.44
CA ALA D 396 1.85 31.72 0.58
C ALA D 396 0.98 32.56 1.49
N LEU D 397 -0.34 32.38 1.43
CA LEU D 397 -1.22 33.12 2.33
C LEU D 397 -0.98 32.74 3.79
N LEU D 398 -0.85 31.45 4.08
CA LEU D 398 -0.58 31.04 5.45
C LEU D 398 0.78 31.53 5.92
N VAL D 399 1.79 31.49 5.04
CA VAL D 399 3.11 31.98 5.43
C VAL D 399 3.08 33.47 5.67
N ILE D 400 2.29 34.21 4.88
CA ILE D 400 2.15 35.64 5.08
C ILE D 400 1.48 35.93 6.41
N SER D 401 0.44 35.17 6.75
CA SER D 401 -0.20 35.35 8.05
C SER D 401 0.77 35.06 9.20
N LEU D 402 1.55 34.00 9.06
CA LEU D 402 2.54 33.67 10.09
C LEU D 402 3.58 34.78 10.22
N ALA D 403 4.04 35.32 9.08
CA ALA D 403 5.03 36.39 9.12
C ALA D 403 4.45 37.66 9.74
N GLU D 404 3.18 37.95 9.46
CA GLU D 404 2.53 39.09 10.10
C GLU D 404 2.45 38.88 11.61
N THR D 405 2.09 37.68 12.03
CA THR D 405 2.04 37.38 13.46
C THR D 405 3.41 37.57 14.11
N ILE D 406 4.45 37.05 13.47
CA ILE D 406 5.79 37.15 14.03
C ILE D 406 6.26 38.61 14.06
N PHE D 407 5.95 39.37 13.02
CA PHE D 407 6.32 40.78 13.01
C PHE D 407 5.61 41.55 14.12
N ILE D 408 4.31 41.32 14.30
CA ILE D 408 3.58 42.04 15.33
C ILE D 408 4.08 41.62 16.71
N VAL D 409 4.43 40.34 16.89
CA VAL D 409 4.97 39.87 18.16
C VAL D 409 6.30 40.55 18.45
N ARG D 410 7.16 40.67 17.43
CA ARG D 410 8.39 41.42 17.56
C ARG D 410 8.13 42.88 17.89
N LEU D 411 7.00 43.43 17.43
CA LEU D 411 6.73 44.85 17.64
C LEU D 411 6.31 45.15 19.07
N VAL D 412 5.46 44.31 19.67
CA VAL D 412 4.82 44.65 20.93
C VAL D 412 5.48 44.00 22.13
N HIS D 413 6.64 43.37 21.95
CA HIS D 413 7.19 42.55 23.03
C HIS D 413 7.53 43.39 24.25
N LYS D 414 7.33 42.79 25.42
CA LYS D 414 7.69 43.39 26.71
C LYS D 414 9.18 43.15 27.01
N GLN D 415 10.02 43.65 26.10
CA GLN D 415 11.44 43.32 26.12
C GLN D 415 12.23 44.19 27.09
N ASP D 416 11.60 45.11 27.81
CA ASP D 416 12.26 45.93 28.84
C ASP D 416 13.47 46.67 28.28
N LEU D 417 13.50 46.91 26.98
CA LEU D 417 14.62 47.57 26.33
C LEU D 417 14.18 48.62 25.31
N GLN D 418 12.87 48.76 25.08
CA GLN D 418 12.39 49.57 23.98
C GLN D 418 12.66 51.05 24.21
N ARG D 419 13.25 51.70 23.21
CA ARG D 419 13.17 53.14 23.11
C ARG D 419 11.71 53.51 22.81
N PRO D 420 11.27 54.73 23.13
CA PRO D 420 9.86 55.03 22.96
C PRO D 420 9.46 55.27 21.50
N VAL D 421 8.16 55.19 21.27
CA VAL D 421 7.66 55.22 19.89
C VAL D 421 8.01 56.54 19.23
N PRO D 422 8.51 56.55 18.00
CA PRO D 422 8.84 57.82 17.35
C PRO D 422 7.60 58.65 17.08
N ASP D 423 7.81 59.96 16.99
CA ASP D 423 6.70 60.90 16.89
C ASP D 423 5.87 60.64 15.63
N TRP D 424 6.53 60.40 14.50
CA TRP D 424 5.81 60.12 13.27
C TRP D 424 4.97 58.85 13.39
N LEU D 425 5.55 57.79 13.96
CA LEU D 425 4.83 56.54 14.14
C LEU D 425 3.65 56.73 15.08
N ARG D 426 3.88 57.43 16.20
CA ARG D 426 2.82 57.68 17.16
C ARG D 426 1.64 58.40 16.53
N HIS D 427 1.93 59.51 15.83
CA HIS D 427 0.84 60.29 15.24
C HIS D 427 0.14 59.52 14.13
N LEU D 428 0.90 58.84 13.26
CA LEU D 428 0.30 58.10 12.15
C LEU D 428 -0.62 57.00 12.66
N VAL D 429 -0.20 56.29 13.71
CA VAL D 429 -1.04 55.23 14.26
C VAL D 429 -2.24 55.81 15.00
N LEU D 430 -2.03 56.81 15.86
CA LEU D 430 -3.11 57.32 16.69
C LEU D 430 -4.11 58.16 15.92
N ASP D 431 -3.79 58.58 14.68
CA ASP D 431 -4.79 59.25 13.87
C ASP D 431 -5.86 58.30 13.35
N ARG D 432 -5.59 56.99 13.36
CA ARG D 432 -6.53 55.99 12.85
C ARG D 432 -6.79 54.89 13.85
N ALA D 433 -6.64 55.19 15.14
CA ALA D 433 -6.88 54.20 16.19
C ALA D 433 -8.36 53.80 16.25
N VAL D 503 17.07 67.00 57.89
CA VAL D 503 16.03 66.24 57.20
C VAL D 503 16.40 66.09 55.72
N ARG D 504 17.52 66.68 55.32
CA ARG D 504 17.96 66.60 53.94
C ARG D 504 18.26 65.15 53.55
N GLY D 505 18.85 64.38 54.46
CA GLY D 505 19.09 62.98 54.19
C GLY D 505 17.80 62.21 53.97
N LEU D 506 16.76 62.53 54.75
CA LEU D 506 15.47 61.88 54.56
C LEU D 506 14.82 62.31 53.25
N LEU D 507 14.90 63.60 52.92
CA LEU D 507 14.28 64.09 51.70
C LEU D 507 14.94 63.50 50.45
N GLN D 508 16.26 63.45 50.43
CA GLN D 508 16.95 62.92 49.25
C GLN D 508 16.80 61.41 49.15
N GLU D 509 16.68 60.71 50.28
CA GLU D 509 16.57 59.26 50.25
C GLU D 509 15.18 58.80 49.82
N LEU D 510 14.14 59.53 50.24
CA LEU D 510 12.81 59.26 49.71
C LEU D 510 12.73 59.56 48.21
N SER D 511 13.55 60.51 47.74
CA SER D 511 13.57 60.84 46.32
C SER D 511 14.04 59.66 45.48
N SER D 512 14.98 58.87 46.00
CA SER D 512 15.43 57.68 45.29
C SER D 512 14.29 56.67 45.16
N ILE D 513 13.43 56.58 46.18
CA ILE D 513 12.32 55.64 46.14
C ILE D 513 11.33 56.02 45.05
N ARG D 514 10.98 57.31 44.96
CA ARG D 514 10.05 57.74 43.92
C ARG D 514 10.71 57.73 42.55
N HIS D 515 12.03 57.92 42.49
CA HIS D 515 12.73 57.86 41.20
C HIS D 515 12.71 56.45 40.64
N PHE D 516 12.92 55.45 41.49
CA PHE D 516 12.91 54.06 41.01
C PHE D 516 11.53 53.65 40.55
N LEU D 517 10.48 54.08 41.26
CA LEU D 517 9.12 53.84 40.81
C LEU D 517 8.84 54.59 39.52
N GLU D 518 9.32 55.83 39.40
CA GLU D 518 9.16 56.58 38.16
C GLU D 518 9.92 55.92 37.02
N LYS D 519 11.12 55.41 37.29
CA LYS D 519 11.89 54.72 36.26
C LYS D 519 11.14 53.49 35.77
N ARG D 520 10.54 52.74 36.68
CA ARG D 520 9.76 51.57 36.28
C ARG D 520 8.48 51.98 35.56
N ASP D 521 7.81 53.02 36.05
CA ASP D 521 6.57 53.46 35.42
C ASP D 521 6.80 53.99 34.02
N GLU D 522 7.84 54.81 33.82
CA GLU D 522 8.13 55.33 32.50
C GLU D 522 8.48 54.21 31.53
N MET D 523 9.25 53.22 31.99
CA MET D 523 9.53 52.05 31.16
C MET D 523 8.26 51.27 30.85
N ARG D 524 7.38 51.12 31.85
CA ARG D 524 6.13 50.41 31.65
C ARG D 524 5.21 51.15 30.68
N GLU D 525 5.17 52.47 30.79
CA GLU D 525 4.34 53.26 29.87
C GLU D 525 4.86 53.16 28.44
N VAL D 526 6.19 53.11 28.26
CA VAL D 526 6.75 52.98 26.93
C VAL D 526 6.33 51.65 26.31
N ALA D 527 6.34 50.57 27.09
CA ALA D 527 5.89 49.28 26.60
C ALA D 527 4.41 49.33 26.21
N ARG D 528 3.61 50.10 26.96
CA ARG D 528 2.21 50.25 26.61
C ARG D 528 2.04 50.99 25.29
N ASP D 529 2.85 52.02 25.05
CA ASP D 529 2.75 52.77 23.81
C ASP D 529 3.06 51.90 22.60
N TRP D 530 4.07 51.03 22.72
CA TRP D 530 4.34 50.07 21.66
C TRP D 530 3.19 49.10 21.50
N LEU D 531 2.59 48.68 22.62
CA LEU D 531 1.45 47.77 22.54
C LEU D 531 0.25 48.44 21.89
N ARG D 532 0.01 49.71 22.20
CA ARG D 532 -1.09 50.44 21.57
C ARG D 532 -0.89 50.52 20.06
N VAL D 533 0.34 50.76 19.62
CA VAL D 533 0.63 50.79 18.19
C VAL D 533 0.42 49.41 17.57
N GLY D 534 0.93 48.36 18.24
CA GLY D 534 0.85 47.04 17.66
C GLY D 534 -0.54 46.45 17.65
N TYR D 535 -1.41 46.88 18.58
CA TYR D 535 -2.77 46.38 18.59
C TYR D 535 -3.54 46.79 17.34
N VAL D 536 -3.56 48.10 17.05
CA VAL D 536 -4.36 48.57 15.92
C VAL D 536 -3.73 48.15 14.60
N LEU D 537 -2.39 48.10 14.55
CA LEU D 537 -1.73 47.60 13.34
C LEU D 537 -2.06 46.13 13.12
N ASP D 538 -2.23 45.36 14.19
CA ASP D 538 -2.73 44.00 14.06
C ASP D 538 -4.15 44.00 13.51
N ARG D 539 -5.00 44.94 13.98
CA ARG D 539 -6.34 45.06 13.43
C ARG D 539 -6.28 45.49 11.96
N LEU D 540 -5.43 46.47 11.65
CA LEU D 540 -5.35 46.99 10.29
C LEU D 540 -4.85 45.92 9.33
N LEU D 541 -3.81 45.18 9.72
CA LEU D 541 -3.32 44.11 8.88
C LEU D 541 -4.24 42.91 8.88
N PHE D 542 -5.16 42.83 9.84
CA PHE D 542 -6.19 41.79 9.80
C PHE D 542 -7.23 42.09 8.74
N ARG D 543 -7.62 43.37 8.60
CA ARG D 543 -8.60 43.73 7.59
C ARG D 543 -8.04 43.51 6.18
N ILE D 544 -6.78 43.87 5.97
CA ILE D 544 -6.18 43.69 4.64
C ILE D 544 -6.09 42.20 4.30
N TYR D 545 -5.67 41.40 5.27
CA TYR D 545 -5.62 39.95 5.05
C TYR D 545 -7.03 39.38 4.89
N LEU D 546 -8.00 39.93 5.62
CA LEU D 546 -9.39 39.51 5.44
C LEU D 546 -9.89 39.82 4.04
N LEU D 547 -9.53 40.99 3.51
CA LEU D 547 -9.92 41.33 2.16
C LEU D 547 -9.14 40.54 1.12
N ALA D 548 -7.86 40.26 1.39
CA ALA D 548 -7.05 39.50 0.44
C ALA D 548 -7.57 38.08 0.29
N VAL D 549 -7.94 37.43 1.39
CA VAL D 549 -8.51 36.10 1.29
C VAL D 549 -9.92 36.17 0.69
N LEU D 550 -10.64 37.26 0.93
CA LEU D 550 -11.96 37.41 0.33
C LEU D 550 -11.86 37.56 -1.18
N ALA D 551 -10.91 38.38 -1.65
CA ALA D 551 -10.70 38.51 -3.09
C ALA D 551 -10.24 37.19 -3.70
N TYR D 552 -9.36 36.48 -3.00
CA TYR D 552 -8.90 35.19 -3.49
C TYR D 552 -10.02 34.17 -3.55
N SER D 553 -10.89 34.14 -2.54
CA SER D 553 -12.00 33.19 -2.53
C SER D 553 -13.01 33.50 -3.63
N ILE D 554 -13.33 34.78 -3.82
CA ILE D 554 -14.26 35.15 -4.88
C ILE D 554 -13.67 34.87 -6.25
N THR D 555 -12.36 35.06 -6.41
CA THR D 555 -11.70 34.70 -7.67
C THR D 555 -11.82 33.20 -7.94
N LEU D 556 -11.67 32.38 -6.90
CA LEU D 556 -11.76 30.93 -7.08
C LEU D 556 -13.17 30.51 -7.47
N VAL D 557 -14.19 31.05 -6.79
CA VAL D 557 -15.56 30.66 -7.11
C VAL D 557 -15.97 31.15 -8.49
N THR D 558 -15.36 32.24 -8.97
CA THR D 558 -15.64 32.72 -10.32
C THR D 558 -15.07 31.77 -11.36
N LEU D 559 -13.80 31.37 -11.20
CA LEU D 559 -13.20 30.43 -12.13
C LEU D 559 -13.86 29.07 -12.07
N TRP D 560 -14.34 28.67 -10.89
CA TRP D 560 -15.04 27.40 -10.76
C TRP D 560 -16.32 27.37 -11.60
N SER D 561 -17.03 28.51 -11.65
CA SER D 561 -18.23 28.58 -12.46
C SER D 561 -17.92 28.39 -13.94
N ILE D 562 -16.76 28.86 -14.39
CA ILE D 562 -16.36 28.65 -15.78
C ILE D 562 -16.05 27.18 -16.04
N TRP D 563 -15.30 26.55 -15.13
CA TRP D 563 -15.01 25.12 -15.26
C TRP D 563 -16.27 24.28 -15.11
N HIS D 564 -17.24 24.74 -14.34
CA HIS D 564 -18.49 24.02 -14.15
C HIS D 564 -19.42 24.24 -15.34
N THR E 112 -18.77 -59.61 -22.87
CA THR E 112 -18.87 -58.32 -23.54
C THR E 112 -18.12 -57.24 -22.78
N GLN E 113 -18.01 -56.07 -23.39
CA GLN E 113 -17.30 -54.95 -22.77
C GLN E 113 -18.12 -54.38 -21.61
N PRO E 114 -17.47 -53.63 -20.72
CA PRO E 114 -18.22 -52.99 -19.62
C PRO E 114 -19.24 -52.00 -20.16
N ALA E 115 -20.30 -51.81 -19.37
CA ALA E 115 -21.41 -50.97 -19.81
C ALA E 115 -20.97 -49.54 -20.05
N LEU E 116 -20.15 -48.98 -19.16
CA LEU E 116 -19.73 -47.59 -19.31
C LEU E 116 -18.89 -47.40 -20.55
N LEU E 117 -18.01 -48.36 -20.85
CA LEU E 117 -17.21 -48.27 -22.07
C LEU E 117 -18.08 -48.34 -23.31
N ARG E 118 -19.00 -49.30 -23.35
CA ARG E 118 -19.90 -49.42 -24.49
C ARG E 118 -20.79 -48.20 -24.64
N LEU E 119 -21.34 -47.72 -23.53
CA LEU E 119 -22.23 -46.56 -23.59
C LEU E 119 -21.49 -45.31 -24.05
N SER E 120 -20.31 -45.05 -23.48
CA SER E 120 -19.56 -43.88 -23.87
C SER E 120 -19.10 -43.97 -25.33
N ASP E 121 -18.67 -45.16 -25.75
CA ASP E 121 -18.26 -45.34 -27.14
C ASP E 121 -19.44 -45.12 -28.09
N HIS E 122 -20.62 -45.60 -27.71
CA HIS E 122 -21.80 -45.41 -28.54
C HIS E 122 -22.21 -43.94 -28.61
N LEU E 123 -22.17 -43.24 -27.48
CA LEU E 123 -22.61 -41.85 -27.46
C LEU E 123 -21.63 -40.94 -28.19
N LEU E 124 -20.33 -41.06 -27.88
CA LEU E 124 -19.35 -40.11 -28.35
C LEU E 124 -18.79 -40.45 -29.72
N ALA E 125 -19.16 -41.59 -30.30
CA ALA E 125 -18.78 -41.87 -31.67
C ALA E 125 -19.52 -40.92 -32.61
N ASN E 126 -18.79 -40.35 -33.56
CA ASN E 126 -19.31 -39.36 -34.52
C ASN E 126 -20.19 -38.31 -33.84
N TYR E 127 -19.84 -37.94 -32.62
CA TYR E 127 -20.51 -36.85 -31.93
C TYR E 127 -19.76 -35.55 -32.21
N LYS E 128 -20.51 -34.50 -32.56
CA LYS E 128 -19.94 -33.20 -32.90
C LYS E 128 -20.24 -32.21 -31.78
N LYS E 129 -19.18 -31.57 -31.27
CA LYS E 129 -19.35 -30.59 -30.21
C LYS E 129 -19.88 -29.26 -30.74
N GLY E 130 -19.58 -28.93 -31.99
CA GLY E 130 -19.94 -27.62 -32.49
C GLY E 130 -21.41 -27.43 -32.74
N VAL E 131 -22.13 -28.52 -33.03
CA VAL E 131 -23.54 -28.42 -33.35
C VAL E 131 -24.35 -28.27 -32.08
N ARG E 132 -25.36 -27.42 -32.12
CA ARG E 132 -26.29 -27.32 -31.01
C ARG E 132 -27.15 -28.58 -30.99
N PRO E 133 -27.20 -29.31 -29.88
CA PRO E 133 -27.80 -30.65 -29.91
C PRO E 133 -29.31 -30.65 -29.98
N VAL E 134 -29.86 -30.39 -31.17
CA VAL E 134 -31.28 -30.51 -31.44
C VAL E 134 -31.47 -31.23 -32.76
N ARG E 135 -32.39 -32.20 -32.79
CA ARG E 135 -32.70 -32.86 -34.05
C ARG E 135 -33.48 -31.95 -34.98
N ASP E 136 -34.29 -31.04 -34.42
CA ASP E 136 -34.98 -30.01 -35.19
C ASP E 136 -34.39 -28.67 -34.80
N TRP E 137 -33.82 -27.96 -35.78
CA TRP E 137 -33.08 -26.75 -35.47
C TRP E 137 -33.98 -25.60 -35.02
N ARG E 138 -35.31 -25.72 -35.21
CA ARG E 138 -36.20 -24.68 -34.73
C ARG E 138 -36.39 -24.72 -33.21
N LYS E 139 -36.12 -25.85 -32.58
CA LYS E 139 -36.31 -25.97 -31.15
C LYS E 139 -35.12 -25.40 -30.40
N PRO E 140 -35.30 -24.37 -29.59
CA PRO E 140 -34.18 -23.88 -28.77
C PRO E 140 -33.84 -24.83 -27.65
N THR E 141 -32.57 -24.80 -27.24
CA THR E 141 -32.13 -25.59 -26.09
C THR E 141 -32.41 -24.79 -24.83
N THR E 142 -33.46 -25.16 -24.11
CA THR E 142 -33.82 -24.47 -22.88
C THR E 142 -32.85 -24.89 -21.78
N VAL E 143 -32.05 -23.95 -21.30
CA VAL E 143 -31.07 -24.20 -20.25
C VAL E 143 -31.63 -23.68 -18.93
N SER E 144 -31.62 -24.54 -17.91
CA SER E 144 -32.14 -24.17 -16.60
C SER E 144 -30.98 -23.75 -15.70
N ILE E 145 -31.09 -22.58 -15.12
CA ILE E 145 -30.01 -21.94 -14.38
C ILE E 145 -30.33 -21.99 -12.89
N ASP E 146 -29.31 -22.27 -12.08
CA ASP E 146 -29.43 -22.18 -10.63
C ASP E 146 -28.13 -21.61 -10.08
N VAL E 147 -28.26 -20.62 -9.18
CA VAL E 147 -27.11 -19.93 -8.62
C VAL E 147 -27.23 -19.98 -7.10
N ILE E 148 -26.15 -20.37 -6.44
CA ILE E 148 -26.09 -20.45 -4.98
C ILE E 148 -24.89 -19.62 -4.54
N MET E 149 -25.16 -18.53 -3.83
CA MET E 149 -24.07 -17.65 -3.39
C MET E 149 -23.27 -18.34 -2.30
N TYR E 150 -21.94 -18.32 -2.41
CA TYR E 150 -21.07 -18.93 -1.43
C TYR E 150 -20.35 -17.91 -0.56
N ALA E 151 -19.89 -16.81 -1.14
CA ALA E 151 -19.18 -15.80 -0.37
C ALA E 151 -19.17 -14.49 -1.13
N ILE E 152 -19.19 -13.39 -0.39
CA ILE E 152 -18.97 -12.06 -0.95
C ILE E 152 -17.49 -11.74 -0.72
N LEU E 153 -16.67 -11.96 -1.74
CA LEU E 153 -15.23 -11.84 -1.55
C LEU E 153 -14.80 -10.39 -1.37
N ASN E 154 -15.37 -9.47 -2.14
CA ASN E 154 -14.96 -8.08 -2.05
C ASN E 154 -16.04 -7.18 -2.63
N VAL E 155 -16.18 -5.99 -2.06
CA VAL E 155 -17.03 -4.94 -2.59
C VAL E 155 -16.18 -3.68 -2.64
N ASP E 156 -15.72 -3.31 -3.83
CA ASP E 156 -14.86 -2.16 -4.03
C ASP E 156 -15.74 -0.99 -4.46
N GLU E 157 -15.96 -0.05 -3.53
CA GLU E 157 -16.81 1.09 -3.82
C GLU E 157 -16.10 2.11 -4.69
N LYS E 158 -14.77 2.20 -4.58
CA LYS E 158 -14.03 3.14 -5.42
C LYS E 158 -14.18 2.80 -6.89
N ASN E 159 -13.93 1.53 -7.25
CA ASN E 159 -14.10 1.09 -8.62
C ASN E 159 -15.49 0.56 -8.90
N GLN E 160 -16.34 0.43 -7.89
CA GLN E 160 -17.72 -0.04 -8.05
C GLN E 160 -17.77 -1.44 -8.64
N VAL E 161 -16.97 -2.35 -8.07
CA VAL E 161 -16.91 -3.73 -8.55
C VAL E 161 -17.18 -4.68 -7.40
N LEU E 162 -17.89 -5.76 -7.68
CA LEU E 162 -18.26 -6.76 -6.68
C LEU E 162 -17.66 -8.09 -7.10
N THR E 163 -16.85 -8.66 -6.22
CA THR E 163 -16.25 -9.97 -6.44
C THR E 163 -16.92 -10.97 -5.51
N THR E 164 -17.62 -11.93 -6.10
CA THR E 164 -18.33 -12.97 -5.36
C THR E 164 -17.87 -14.34 -5.82
N TYR E 165 -18.30 -15.36 -5.10
CA TYR E 165 -18.11 -16.75 -5.47
C TYR E 165 -19.47 -17.43 -5.46
N ILE E 166 -19.79 -18.15 -6.53
CA ILE E 166 -21.07 -18.84 -6.57
C ILE E 166 -20.84 -20.29 -6.99
N TRP E 167 -21.77 -21.14 -6.57
CA TRP E 167 -21.92 -22.48 -7.11
C TRP E 167 -23.07 -22.43 -8.10
N TYR E 168 -22.77 -22.65 -9.37
CA TYR E 168 -23.73 -22.50 -10.44
C TYR E 168 -23.92 -23.83 -11.13
N ARG E 169 -25.16 -24.29 -11.20
CA ARG E 169 -25.49 -25.53 -11.85
C ARG E 169 -26.54 -25.28 -12.92
N GLN E 170 -26.34 -25.91 -14.08
CA GLN E 170 -27.22 -25.73 -15.21
C GLN E 170 -27.54 -27.10 -15.80
N TYR E 171 -28.66 -27.18 -16.50
CA TYR E 171 -28.97 -28.43 -17.18
C TYR E 171 -29.78 -28.14 -18.43
N TRP E 172 -29.48 -28.89 -19.49
CA TRP E 172 -30.14 -28.76 -20.77
C TRP E 172 -30.28 -30.14 -21.38
N THR E 173 -31.22 -30.28 -22.30
CA THR E 173 -31.49 -31.57 -22.93
C THR E 173 -30.67 -31.67 -24.21
N ASP E 174 -29.71 -32.60 -24.21
CA ASP E 174 -28.91 -32.90 -25.39
C ASP E 174 -29.60 -34.05 -26.12
N GLU E 175 -30.11 -33.78 -27.31
CA GLU E 175 -30.89 -34.77 -28.04
C GLU E 175 -30.03 -35.83 -28.71
N PHE E 176 -28.70 -35.69 -28.66
CA PHE E 176 -27.80 -36.69 -29.21
C PHE E 176 -27.25 -37.64 -28.15
N LEU E 177 -27.23 -37.23 -26.89
CA LEU E 177 -26.75 -38.08 -25.81
C LEU E 177 -27.92 -38.82 -25.14
N GLN E 178 -28.61 -39.61 -25.96
CA GLN E 178 -29.76 -40.38 -25.50
C GLN E 178 -29.52 -41.86 -25.79
N TRP E 179 -29.98 -42.72 -24.88
CA TRP E 179 -29.81 -44.15 -25.04
C TRP E 179 -30.90 -44.87 -24.24
N THR E 180 -31.10 -46.14 -24.57
CA THR E 180 -32.01 -46.98 -23.82
C THR E 180 -31.23 -47.74 -22.75
N PRO E 181 -31.50 -47.52 -21.47
CA PRO E 181 -30.68 -48.16 -20.43
C PRO E 181 -30.69 -49.68 -20.48
N GLU E 182 -31.81 -50.29 -20.90
CA GLU E 182 -31.89 -51.74 -20.91
C GLU E 182 -30.89 -52.37 -21.87
N ASP E 183 -30.38 -51.61 -22.83
CA ASP E 183 -29.37 -52.11 -23.75
C ASP E 183 -27.95 -51.95 -23.24
N PHE E 184 -27.77 -51.23 -22.12
CA PHE E 184 -26.42 -51.00 -21.59
C PHE E 184 -26.35 -51.39 -20.12
N ASP E 185 -26.87 -52.56 -19.78
CA ASP E 185 -26.80 -53.09 -18.41
C ASP E 185 -27.49 -52.15 -17.42
N ASN E 186 -28.63 -51.59 -17.82
CA ASN E 186 -29.46 -50.76 -16.96
C ASN E 186 -28.72 -49.57 -16.38
N VAL E 187 -27.80 -48.97 -17.13
CA VAL E 187 -27.17 -47.73 -16.69
C VAL E 187 -28.07 -46.56 -17.07
N THR E 188 -28.42 -45.73 -16.09
CA THR E 188 -29.35 -44.64 -16.32
C THR E 188 -28.67 -43.29 -16.47
N LYS E 189 -27.51 -43.10 -15.87
CA LYS E 189 -26.76 -41.86 -16.05
C LYS E 189 -25.27 -42.17 -15.98
N LEU E 190 -24.49 -41.30 -16.63
CA LEU E 190 -23.04 -41.48 -16.64
C LEU E 190 -22.38 -40.11 -16.74
N SER E 191 -21.15 -40.03 -16.26
CA SER E 191 -20.38 -38.80 -16.32
C SER E 191 -19.45 -38.85 -17.51
N ILE E 192 -19.47 -37.78 -18.32
CA ILE E 192 -18.58 -37.70 -19.46
C ILE E 192 -17.86 -36.36 -19.41
N PRO E 193 -16.67 -36.24 -20.00
CA PRO E 193 -15.90 -34.99 -19.87
C PRO E 193 -16.67 -33.79 -20.41
N THR E 194 -16.48 -32.64 -19.75
CA THR E 194 -17.15 -31.43 -20.19
C THR E 194 -16.71 -31.02 -21.58
N ASP E 195 -15.42 -31.20 -21.89
CA ASP E 195 -14.87 -30.77 -23.16
C ASP E 195 -15.17 -31.75 -24.30
N SER E 196 -15.96 -32.78 -24.06
CA SER E 196 -16.34 -33.72 -25.10
C SER E 196 -17.72 -33.46 -25.68
N ILE E 197 -18.51 -32.58 -25.06
CA ILE E 197 -19.89 -32.35 -25.46
C ILE E 197 -20.14 -30.86 -25.60
N TRP E 198 -21.24 -30.53 -26.29
CA TRP E 198 -21.63 -29.14 -26.48
C TRP E 198 -22.07 -28.53 -25.16
N VAL E 199 -21.56 -27.35 -24.87
CA VAL E 199 -21.89 -26.62 -23.65
C VAL E 199 -22.32 -25.21 -24.01
N PRO E 200 -23.47 -24.73 -23.53
CA PRO E 200 -23.91 -23.39 -23.90
C PRO E 200 -22.99 -22.31 -23.36
N ASP E 201 -22.89 -21.22 -24.12
CA ASP E 201 -22.01 -20.10 -23.78
C ASP E 201 -22.72 -19.09 -22.90
N ILE E 202 -23.25 -19.55 -21.77
CA ILE E 202 -23.98 -18.70 -20.84
C ILE E 202 -23.00 -18.06 -19.88
N LEU E 203 -22.96 -16.73 -19.85
CA LEU E 203 -22.09 -16.02 -18.94
C LEU E 203 -22.77 -14.74 -18.49
N ILE E 204 -22.10 -14.00 -17.61
CA ILE E 204 -22.67 -12.84 -16.95
C ILE E 204 -22.35 -11.59 -17.76
N ASN E 205 -23.36 -10.76 -18.00
CA ASN E 205 -23.15 -9.52 -18.73
C ASN E 205 -22.25 -8.56 -17.97
N GLU E 206 -22.40 -8.49 -16.66
CA GLU E 206 -21.70 -7.48 -15.87
C GLU E 206 -20.25 -7.78 -15.65
N PHE E 207 -19.63 -8.73 -16.35
CA PHE E 207 -18.21 -9.00 -16.16
C PHE E 207 -17.39 -7.75 -16.42
N VAL E 208 -16.41 -7.50 -15.55
CA VAL E 208 -15.33 -6.56 -15.80
C VAL E 208 -13.97 -7.22 -15.68
N ASP E 209 -13.92 -8.54 -15.53
CA ASP E 209 -12.71 -9.32 -15.39
C ASP E 209 -13.09 -10.78 -15.60
N VAL E 210 -12.10 -11.66 -15.48
CA VAL E 210 -12.36 -13.09 -15.43
C VAL E 210 -11.96 -13.59 -14.05
N GLY E 211 -12.79 -14.46 -13.48
CA GLY E 211 -12.52 -15.00 -12.16
C GLY E 211 -11.73 -16.30 -12.24
N LYS E 212 -10.79 -16.44 -11.32
CA LYS E 212 -10.02 -17.67 -11.22
C LYS E 212 -10.83 -18.68 -10.43
N SER E 213 -11.30 -19.73 -11.11
CA SER E 213 -12.14 -20.76 -10.51
C SER E 213 -11.69 -22.12 -10.99
N PRO E 214 -11.90 -23.17 -10.19
CA PRO E 214 -11.53 -24.52 -10.63
C PRO E 214 -12.28 -24.91 -11.89
N ASN E 215 -11.58 -25.64 -12.77
CA ASN E 215 -12.21 -26.20 -13.95
C ASN E 215 -12.80 -27.56 -13.62
N ILE E 216 -14.08 -27.73 -13.90
CA ILE E 216 -14.79 -28.97 -13.62
C ILE E 216 -14.71 -29.86 -14.86
N PRO E 217 -14.06 -31.01 -14.79
CA PRO E 217 -13.83 -31.79 -16.01
C PRO E 217 -15.00 -32.63 -16.47
N TYR E 218 -15.92 -33.01 -15.59
CA TYR E 218 -16.98 -33.95 -15.94
C TYR E 218 -18.35 -33.30 -15.80
N VAL E 219 -19.31 -33.84 -16.54
CA VAL E 219 -20.72 -33.48 -16.43
C VAL E 219 -21.54 -34.76 -16.45
N TYR E 220 -22.65 -34.76 -15.70
CA TYR E 220 -23.55 -35.89 -15.66
C TYR E 220 -24.53 -35.82 -16.81
N VAL E 221 -24.82 -36.97 -17.41
CA VAL E 221 -25.77 -37.08 -18.51
C VAL E 221 -26.70 -38.24 -18.21
N HIS E 222 -28.00 -37.97 -18.25
CA HIS E 222 -29.01 -38.99 -18.01
C HIS E 222 -29.45 -39.59 -19.34
N HIS E 223 -30.18 -40.70 -19.26
CA HIS E 223 -30.51 -41.45 -20.47
C HIS E 223 -31.47 -40.70 -21.38
N ARG E 224 -32.15 -39.67 -20.88
CA ARG E 224 -32.98 -38.82 -21.71
C ARG E 224 -32.20 -37.67 -22.33
N GLY E 225 -30.90 -37.58 -22.07
CA GLY E 225 -30.08 -36.51 -22.58
C GLY E 225 -29.88 -35.34 -21.64
N GLU E 226 -30.45 -35.39 -20.44
CA GLU E 226 -30.40 -34.26 -19.53
C GLU E 226 -29.00 -34.08 -18.97
N VAL E 227 -28.20 -33.23 -19.59
CA VAL E 227 -26.85 -32.96 -19.13
C VAL E 227 -26.90 -32.04 -17.94
N GLN E 228 -26.17 -32.38 -16.89
CA GLN E 228 -26.11 -31.56 -15.67
C GLN E 228 -24.68 -31.08 -15.48
N ASN E 229 -24.50 -29.76 -15.46
CA ASN E 229 -23.19 -29.14 -15.35
C ASN E 229 -23.15 -28.36 -14.04
N TYR E 230 -22.37 -28.85 -13.07
CA TYR E 230 -22.14 -28.18 -11.81
C TYR E 230 -20.76 -27.54 -11.86
N LYS E 231 -20.66 -26.27 -11.46
CA LYS E 231 -19.33 -25.68 -11.44
C LYS E 231 -19.29 -24.50 -10.49
N PRO E 232 -18.18 -24.29 -9.77
CA PRO E 232 -18.02 -23.07 -8.99
C PRO E 232 -17.32 -22.01 -9.82
N LEU E 233 -17.74 -20.77 -9.65
CA LEU E 233 -17.07 -19.70 -10.39
C LEU E 233 -17.06 -18.41 -9.59
N GLN E 234 -15.92 -17.73 -9.67
CA GLN E 234 -15.72 -16.42 -9.07
C GLN E 234 -16.05 -15.35 -10.08
N LEU E 235 -16.87 -14.39 -9.68
CA LEU E 235 -17.35 -13.35 -10.59
C LEU E 235 -16.91 -11.99 -10.10
N VAL E 236 -16.22 -11.26 -10.95
CA VAL E 236 -15.95 -9.83 -10.76
C VAL E 236 -16.88 -9.07 -11.67
N THR E 237 -17.87 -8.39 -11.10
CA THR E 237 -18.94 -7.78 -11.87
C THR E 237 -19.10 -6.32 -11.51
N ALA E 238 -19.39 -5.49 -12.50
CA ALA E 238 -19.67 -4.09 -12.25
C ALA E 238 -21.05 -3.95 -11.63
N CYS E 239 -21.13 -3.18 -10.55
CA CYS E 239 -22.38 -3.00 -9.83
C CYS E 239 -22.50 -1.56 -9.36
N SER E 240 -23.73 -1.12 -9.14
CA SER E 240 -24.00 0.23 -8.66
C SER E 240 -24.11 0.20 -7.15
N LEU E 241 -23.23 0.93 -6.47
CA LEU E 241 -23.17 0.92 -5.01
C LEU E 241 -23.64 2.28 -4.50
N ASP E 242 -24.70 2.26 -3.70
CA ASP E 242 -25.27 3.46 -3.09
C ASP E 242 -24.64 3.63 -1.72
N ILE E 243 -23.73 4.60 -1.60
CA ILE E 243 -22.95 4.79 -0.39
C ILE E 243 -23.54 5.94 0.45
N TYR E 244 -24.81 6.26 0.24
CA TYR E 244 -25.43 7.38 0.95
C TYR E 244 -25.44 7.15 2.45
N ASN E 245 -25.72 5.93 2.89
CA ASN E 245 -25.75 5.59 4.31
C ASN E 245 -24.71 4.52 4.62
N PHE E 246 -23.47 4.77 4.22
CA PHE E 246 -22.35 3.84 4.13
C PHE E 246 -22.30 2.76 5.21
N PRO E 247 -22.29 3.08 6.51
CA PRO E 247 -22.18 2.01 7.50
C PRO E 247 -23.39 1.09 7.54
N PHE E 248 -24.54 1.54 7.03
CA PHE E 248 -25.77 0.77 7.10
C PHE E 248 -26.38 0.53 5.72
N ASP E 249 -25.58 0.66 4.67
CA ASP E 249 -26.11 0.59 3.31
C ASP E 249 -26.53 -0.83 2.94
N VAL E 250 -27.55 -0.92 2.08
CA VAL E 250 -28.00 -2.17 1.51
C VAL E 250 -27.78 -2.09 0.01
N GLN E 251 -26.88 -2.92 -0.50
CA GLN E 251 -26.48 -2.89 -1.90
C GLN E 251 -27.27 -3.92 -2.67
N ASN E 252 -27.66 -3.56 -3.89
CA ASN E 252 -28.53 -4.37 -4.73
C ASN E 252 -27.85 -4.51 -6.08
N CYS E 253 -27.10 -5.61 -6.25
CA CYS E 253 -26.21 -5.79 -7.38
C CYS E 253 -26.77 -6.88 -8.30
N SER E 254 -26.76 -6.61 -9.61
CA SER E 254 -27.37 -7.51 -10.57
C SER E 254 -26.32 -8.40 -11.22
N LEU E 255 -26.58 -9.71 -11.24
CA LEU E 255 -25.80 -10.67 -12.00
C LEU E 255 -26.69 -11.16 -13.12
N THR E 256 -26.30 -10.90 -14.37
CA THR E 256 -27.16 -11.15 -15.51
C THR E 256 -26.61 -12.33 -16.31
N PHE E 257 -27.18 -13.51 -16.09
CA PHE E 257 -26.79 -14.69 -16.86
C PHE E 257 -27.53 -14.70 -18.18
N THR E 258 -26.78 -14.73 -19.28
CA THR E 258 -27.38 -14.80 -20.60
C THR E 258 -26.41 -15.49 -21.55
N SER E 259 -26.96 -16.03 -22.63
CA SER E 259 -26.14 -16.57 -23.69
C SER E 259 -25.51 -15.44 -24.46
N TRP E 260 -24.18 -15.42 -24.53
CA TRP E 260 -23.47 -14.29 -25.12
C TRP E 260 -23.80 -14.14 -26.60
N LEU E 261 -23.92 -15.26 -27.32
CA LEU E 261 -24.11 -15.22 -28.76
C LEU E 261 -25.51 -15.63 -29.19
N HIS E 262 -26.00 -16.76 -28.68
CA HIS E 262 -27.24 -17.34 -29.19
C HIS E 262 -28.44 -16.50 -28.76
N THR E 263 -29.40 -16.36 -29.68
CA THR E 263 -30.59 -15.55 -29.45
C THR E 263 -31.66 -16.40 -28.76
N ILE E 264 -32.86 -15.85 -28.63
CA ILE E 264 -33.98 -16.60 -28.05
C ILE E 264 -34.34 -17.79 -28.94
N GLN E 265 -34.01 -17.73 -30.23
CA GLN E 265 -34.36 -18.78 -31.15
C GLN E 265 -33.42 -19.97 -31.09
N ASP E 266 -32.31 -19.87 -30.36
CA ASP E 266 -31.36 -20.96 -30.22
C ASP E 266 -31.20 -21.40 -28.76
N ILE E 267 -31.02 -20.46 -27.84
CA ILE E 267 -30.87 -20.78 -26.42
C ILE E 267 -31.83 -19.91 -25.62
N ASN E 268 -32.74 -20.55 -24.90
CA ASN E 268 -33.59 -19.88 -23.94
C ASN E 268 -33.18 -20.29 -22.54
N ILE E 269 -33.39 -19.41 -21.57
CA ILE E 269 -32.96 -19.63 -20.19
C ILE E 269 -34.17 -19.67 -19.29
N THR E 270 -34.30 -20.75 -18.52
CA THR E 270 -35.29 -20.87 -17.47
C THR E 270 -34.57 -21.02 -16.14
N LEU E 271 -35.36 -21.21 -15.08
CA LEU E 271 -34.83 -21.35 -13.73
C LEU E 271 -35.02 -22.78 -13.25
N TRP E 272 -33.98 -23.35 -12.64
CA TRP E 272 -34.04 -24.73 -12.20
C TRP E 272 -35.06 -24.89 -11.07
N ARG E 273 -34.86 -24.15 -9.98
CA ARG E 273 -35.77 -24.20 -8.85
C ARG E 273 -36.80 -23.08 -8.95
N SER E 274 -37.83 -23.17 -8.11
CA SER E 274 -38.81 -22.10 -8.04
C SER E 274 -38.15 -20.84 -7.50
N PRO E 275 -38.63 -19.65 -7.92
CA PRO E 275 -37.99 -18.41 -7.46
C PRO E 275 -38.00 -18.24 -5.95
N GLU E 276 -39.02 -18.77 -5.27
CA GLU E 276 -39.05 -18.67 -3.81
C GLU E 276 -37.93 -19.50 -3.18
N GLU E 277 -37.58 -20.63 -3.77
CA GLU E 277 -36.52 -21.46 -3.21
C GLU E 277 -35.16 -20.78 -3.35
N VAL E 278 -34.89 -20.19 -4.52
CA VAL E 278 -33.59 -19.54 -4.71
C VAL E 278 -33.54 -18.22 -3.96
N ARG E 279 -34.69 -17.59 -3.72
CA ARG E 279 -34.71 -16.34 -2.96
C ARG E 279 -34.20 -16.54 -1.53
N SER E 280 -34.60 -17.63 -0.89
CA SER E 280 -34.29 -17.88 0.51
C SER E 280 -33.14 -18.86 0.69
N ASP E 281 -32.26 -18.98 -0.29
CA ASP E 281 -31.18 -19.96 -0.22
C ASP E 281 -29.96 -19.35 0.46
N LYS E 282 -29.62 -19.88 1.63
CA LYS E 282 -28.42 -19.49 2.37
C LYS E 282 -27.71 -20.71 2.94
N SER E 283 -27.78 -21.84 2.24
CA SER E 283 -27.29 -23.10 2.78
C SER E 283 -25.78 -23.12 2.91
N ILE E 284 -25.06 -22.48 1.99
CA ILE E 284 -23.61 -22.54 1.95
C ILE E 284 -22.95 -21.19 2.13
N PHE E 285 -23.71 -20.12 2.24
CA PHE E 285 -23.13 -18.79 2.29
C PHE E 285 -22.24 -18.63 3.52
N ILE E 286 -21.06 -18.06 3.31
CA ILE E 286 -20.12 -17.78 4.39
C ILE E 286 -20.61 -16.50 5.07
N ASN E 287 -21.17 -16.64 6.27
CA ASN E 287 -21.96 -15.56 6.85
C ASN E 287 -21.11 -14.58 7.65
N GLN E 288 -19.99 -15.03 8.22
CA GLN E 288 -19.24 -14.21 9.16
C GLN E 288 -18.37 -13.15 8.50
N GLY E 289 -18.62 -12.82 7.24
CA GLY E 289 -17.92 -11.75 6.58
C GLY E 289 -18.52 -10.40 6.91
N GLU E 290 -18.03 -9.38 6.19
CA GLU E 290 -18.54 -8.02 6.38
C GLU E 290 -19.96 -7.88 5.84
N TRP E 291 -20.34 -8.67 4.86
CA TRP E 291 -21.61 -8.53 4.16
C TRP E 291 -22.54 -9.69 4.50
N GLU E 292 -23.80 -9.37 4.77
CA GLU E 292 -24.82 -10.35 5.04
C GLU E 292 -25.73 -10.46 3.83
N LEU E 293 -25.89 -11.67 3.30
CA LEU E 293 -26.73 -11.89 2.14
C LEU E 293 -28.19 -11.90 2.58
N LEU E 294 -28.97 -10.92 2.09
CA LEU E 294 -30.38 -10.88 2.40
C LEU E 294 -31.16 -11.85 1.53
N GLU E 295 -30.95 -11.80 0.22
CA GLU E 295 -31.61 -12.68 -0.74
C GLU E 295 -30.96 -12.51 -2.09
N VAL E 296 -31.23 -13.46 -2.98
CA VAL E 296 -30.97 -13.31 -4.41
C VAL E 296 -32.29 -13.49 -5.14
N PHE E 297 -32.60 -12.59 -6.05
CA PHE E 297 -33.92 -12.54 -6.66
C PHE E 297 -33.82 -12.78 -8.16
N PRO E 298 -34.37 -13.87 -8.68
CA PRO E 298 -34.30 -14.12 -10.13
C PRO E 298 -35.46 -13.51 -10.89
N GLN E 299 -35.16 -12.98 -12.07
CA GLN E 299 -36.19 -12.42 -12.93
C GLN E 299 -35.79 -12.61 -14.39
N PHE E 300 -36.74 -13.08 -15.20
CA PHE E 300 -36.50 -13.35 -16.60
C PHE E 300 -36.96 -12.19 -17.47
N LYS E 301 -36.15 -11.84 -18.46
CA LYS E 301 -36.52 -10.82 -19.43
C LYS E 301 -35.77 -11.10 -20.73
N GLU E 302 -36.19 -10.42 -21.78
CA GLU E 302 -35.58 -10.54 -23.09
C GLU E 302 -34.85 -9.26 -23.44
N PHE E 303 -33.54 -9.34 -23.66
CA PHE E 303 -32.81 -8.25 -24.26
C PHE E 303 -33.19 -8.21 -25.73
N SER E 304 -33.19 -7.00 -26.31
CA SER E 304 -33.56 -6.87 -27.72
C SER E 304 -32.67 -5.84 -28.38
N ILE E 305 -31.96 -6.25 -29.43
CA ILE E 305 -31.31 -5.30 -30.31
C ILE E 305 -32.26 -4.79 -31.38
N ASP E 306 -33.08 -5.68 -31.91
CA ASP E 306 -34.11 -5.35 -32.88
C ASP E 306 -35.27 -6.31 -32.68
N ILE E 307 -36.15 -6.39 -33.68
CA ILE E 307 -37.31 -7.28 -33.57
C ILE E 307 -36.86 -8.74 -33.58
N SER E 308 -35.87 -9.08 -34.41
CA SER E 308 -35.44 -10.46 -34.56
C SER E 308 -34.38 -10.85 -33.54
N ASN E 309 -33.46 -9.95 -33.21
CA ASN E 309 -32.32 -10.28 -32.35
C ASN E 309 -32.71 -10.04 -30.88
N SER E 310 -33.41 -11.01 -30.33
CA SER E 310 -33.80 -11.01 -28.92
C SER E 310 -33.07 -12.13 -28.20
N TYR E 311 -32.59 -11.82 -27.00
CA TYR E 311 -31.74 -12.71 -26.21
C TYR E 311 -32.39 -13.04 -24.88
N ALA E 312 -32.29 -14.32 -24.50
CA ALA E 312 -32.72 -14.73 -23.17
C ALA E 312 -31.83 -14.08 -22.12
N GLU E 313 -32.40 -13.87 -20.94
CA GLU E 313 -31.71 -13.12 -19.90
C GLU E 313 -32.30 -13.53 -18.56
N MET E 314 -31.44 -13.73 -17.56
CA MET E 314 -31.91 -14.05 -16.21
C MET E 314 -31.11 -13.22 -15.23
N LYS E 315 -31.77 -12.27 -14.57
CA LYS E 315 -31.09 -11.36 -13.66
C LYS E 315 -31.32 -11.83 -12.23
N PHE E 316 -30.23 -12.09 -11.52
CA PHE E 316 -30.26 -12.40 -10.10
C PHE E 316 -29.86 -11.14 -9.35
N TYR E 317 -30.77 -10.63 -8.52
CA TYR E 317 -30.52 -9.41 -7.77
C TYR E 317 -29.96 -9.80 -6.40
N VAL E 318 -28.64 -9.90 -6.33
CA VAL E 318 -27.98 -10.19 -5.06
C VAL E 318 -28.09 -8.97 -4.17
N ILE E 319 -28.69 -9.14 -3.00
CA ILE E 319 -28.92 -8.05 -2.05
C ILE E 319 -28.06 -8.33 -0.84
N ILE E 320 -27.19 -7.38 -0.48
CA ILE E 320 -26.22 -7.57 0.58
C ILE E 320 -26.26 -6.37 1.51
N ARG E 321 -26.33 -6.62 2.81
CA ARG E 321 -26.36 -5.57 3.81
C ARG E 321 -25.03 -5.56 4.56
N ARG E 322 -24.43 -4.38 4.68
CA ARG E 322 -23.17 -4.26 5.40
C ARG E 322 -23.41 -4.37 6.89
N ARG E 323 -22.50 -5.05 7.60
CA ARG E 323 -22.58 -5.16 9.04
C ARG E 323 -21.87 -3.96 9.66
N PRO E 324 -22.58 -3.08 10.37
CA PRO E 324 -21.92 -1.87 10.90
C PRO E 324 -20.98 -2.13 12.06
N LEU E 325 -21.03 -3.31 12.69
CA LEU E 325 -20.14 -3.59 13.82
C LEU E 325 -18.68 -3.63 13.40
N PHE E 326 -18.40 -3.81 12.11
CA PHE E 326 -17.04 -3.67 11.60
C PHE E 326 -16.52 -2.25 11.81
N TYR E 327 -17.41 -1.26 11.66
CA TYR E 327 -17.00 0.13 11.55
C TYR E 327 -17.37 0.99 12.75
N ALA E 328 -18.18 0.49 13.68
CA ALA E 328 -18.57 1.29 14.83
C ALA E 328 -17.33 1.79 15.58
N VAL E 329 -16.43 0.86 15.91
CA VAL E 329 -15.18 1.24 16.56
C VAL E 329 -14.37 2.16 15.68
N SER E 330 -14.37 1.89 14.36
CA SER E 330 -13.46 2.59 13.46
C SER E 330 -13.80 4.08 13.34
N LEU E 331 -15.09 4.41 13.27
CA LEU E 331 -15.49 5.81 13.16
C LEU E 331 -15.93 6.40 14.49
N LEU E 332 -16.91 5.81 15.16
CA LEU E 332 -17.60 6.51 16.24
C LEU E 332 -16.70 6.70 17.46
N LEU E 333 -15.93 5.67 17.82
CA LEU E 333 -15.17 5.73 19.06
C LEU E 333 -14.15 6.87 19.09
N PRO E 334 -13.27 7.04 18.10
CA PRO E 334 -12.31 8.15 18.19
C PRO E 334 -12.96 9.51 18.24
N SER E 335 -14.02 9.73 17.45
CA SER E 335 -14.70 11.02 17.47
C SER E 335 -15.29 11.29 18.85
N ILE E 336 -15.91 10.28 19.46
CA ILE E 336 -16.45 10.43 20.80
C ILE E 336 -15.34 10.79 21.77
N PHE E 337 -14.20 10.10 21.67
CA PHE E 337 -13.04 10.46 22.49
C PHE E 337 -12.68 11.93 22.31
N LEU E 338 -12.59 12.38 21.06
CA LEU E 338 -12.17 13.75 20.81
C LEU E 338 -13.15 14.73 21.44
N MET E 339 -14.45 14.46 21.32
CA MET E 339 -15.43 15.35 21.93
C MET E 339 -15.30 15.34 23.45
N VAL E 340 -15.03 14.17 24.03
CA VAL E 340 -14.87 14.09 25.48
C VAL E 340 -13.70 14.96 25.93
N VAL E 341 -12.57 14.85 25.21
CA VAL E 341 -11.41 15.64 25.60
C VAL E 341 -11.69 17.13 25.40
N ASP E 342 -12.43 17.46 24.35
CA ASP E 342 -12.78 18.86 24.14
C ASP E 342 -13.61 19.37 25.31
N ILE E 343 -14.55 18.56 25.79
CA ILE E 343 -15.38 18.97 26.91
C ILE E 343 -14.52 19.11 28.16
N VAL E 344 -13.51 18.25 28.29
CA VAL E 344 -12.59 18.35 29.43
C VAL E 344 -11.78 19.64 29.35
N GLY E 345 -11.47 20.10 28.13
CA GLY E 345 -10.59 21.23 27.95
C GLY E 345 -11.14 22.55 28.48
N PHE E 346 -12.46 22.67 28.60
CA PHE E 346 -13.05 23.90 29.10
C PHE E 346 -12.72 24.14 30.57
N CYS E 347 -12.36 23.09 31.32
CA CYS E 347 -12.08 23.27 32.73
C CYS E 347 -10.79 24.05 32.98
N LEU E 348 -9.93 24.16 31.98
CA LEU E 348 -8.75 25.00 32.09
C LEU E 348 -9.16 26.46 32.21
N PRO E 349 -8.50 27.24 33.06
CA PRO E 349 -8.84 28.66 33.19
C PRO E 349 -8.55 29.40 31.90
N PRO E 350 -9.39 30.38 31.55
CA PRO E 350 -9.17 31.12 30.30
C PRO E 350 -7.87 31.90 30.27
N ASP E 351 -7.39 32.37 31.43
CA ASP E 351 -6.17 33.16 31.48
C ASP E 351 -4.91 32.31 31.53
N SER E 352 -5.03 30.98 31.51
CA SER E 352 -3.85 30.13 31.59
C SER E 352 -2.95 30.28 30.38
N GLY E 353 -3.53 30.56 29.21
CA GLY E 353 -2.75 30.70 27.99
C GLY E 353 -2.48 29.37 27.32
N GLU E 354 -2.49 28.29 28.10
CA GLU E 354 -2.33 26.95 27.55
C GLU E 354 -3.63 26.42 26.97
N ARG E 355 -4.78 26.95 27.39
CA ARG E 355 -6.06 26.43 26.94
C ARG E 355 -6.21 26.50 25.43
N VAL E 356 -5.78 27.62 24.84
CA VAL E 356 -5.89 27.76 23.39
C VAL E 356 -4.92 26.80 22.69
N SER E 357 -3.73 26.60 23.26
CA SER E 357 -2.81 25.60 22.72
C SER E 357 -3.40 24.20 22.84
N PHE E 358 -4.05 23.91 23.97
CA PHE E 358 -4.76 22.64 24.13
C PHE E 358 -5.80 22.45 23.03
N LYS E 359 -6.61 23.48 22.78
CA LYS E 359 -7.68 23.36 21.79
C LYS E 359 -7.13 23.18 20.39
N ILE E 360 -6.07 23.93 20.03
CA ILE E 360 -5.53 23.81 18.69
C ILE E 360 -4.84 22.46 18.50
N THR E 361 -4.17 21.96 19.54
CA THR E 361 -3.58 20.63 19.45
C THR E 361 -4.65 19.56 19.27
N LEU E 362 -5.76 19.69 20.01
CA LEU E 362 -6.85 18.74 19.86
C LEU E 362 -7.45 18.82 18.46
N LEU E 363 -7.60 20.02 17.92
CA LEU E 363 -8.13 20.17 16.57
C LEU E 363 -7.21 19.54 15.54
N LEU E 364 -5.89 19.73 15.70
CA LEU E 364 -4.94 19.10 14.81
C LEU E 364 -5.03 17.58 14.90
N GLY E 365 -5.16 17.05 16.11
CA GLY E 365 -5.31 15.61 16.26
C GLY E 365 -6.55 15.08 15.58
N TYR E 366 -7.67 15.78 15.74
CA TYR E 366 -8.89 15.26 15.14
C TYR E 366 -8.85 15.42 13.63
N SER E 367 -8.15 16.44 13.13
CA SER E 367 -7.95 16.58 11.69
C SER E 367 -7.11 15.44 11.14
N VAL E 368 -6.06 15.04 11.87
CA VAL E 368 -5.29 13.87 11.47
C VAL E 368 -6.17 12.63 11.46
N PHE E 369 -7.07 12.53 12.45
CA PHE E 369 -8.04 11.43 12.47
C PHE E 369 -8.91 11.43 11.22
N LEU E 370 -9.42 12.60 10.84
CA LEU E 370 -10.24 12.71 9.62
C LEU E 370 -9.44 12.30 8.39
N ILE E 371 -8.18 12.74 8.31
CA ILE E 371 -7.35 12.44 7.16
C ILE E 371 -7.11 10.94 7.05
N ILE E 372 -6.75 10.30 8.16
CA ILE E 372 -6.43 8.87 8.10
C ILE E 372 -7.69 8.05 7.87
N VAL E 373 -8.84 8.48 8.41
CA VAL E 373 -10.07 7.72 8.22
C VAL E 373 -10.53 7.77 6.77
N SER E 374 -10.26 8.87 6.06
CA SER E 374 -10.76 9.04 4.71
C SER E 374 -10.23 7.99 3.74
N ASP E 375 -9.17 7.26 4.10
CA ASP E 375 -8.72 6.16 3.26
C ASP E 375 -9.68 4.97 3.27
N THR E 376 -10.59 4.91 4.24
CA THR E 376 -11.56 3.83 4.37
C THR E 376 -12.96 4.27 3.97
N LEU E 377 -13.40 5.44 4.44
CA LEU E 377 -14.71 5.97 4.11
C LEU E 377 -14.76 6.30 2.62
N PRO E 378 -15.56 5.60 1.82
CA PRO E 378 -15.54 5.79 0.37
C PRO E 378 -16.40 6.98 -0.04
N ALA E 379 -16.40 7.25 -1.34
CA ALA E 379 -17.18 8.34 -1.91
C ALA E 379 -17.66 7.94 -3.29
N THR E 380 -18.65 8.69 -3.78
CA THR E 380 -19.22 8.44 -5.10
C THR E 380 -19.76 9.74 -5.67
N ALA E 381 -20.04 9.71 -6.97
CA ALA E 381 -20.50 10.92 -7.65
C ALA E 381 -21.88 11.36 -7.17
N ILE E 382 -22.72 10.42 -6.73
CA ILE E 382 -24.06 10.76 -6.27
C ILE E 382 -23.97 11.63 -5.02
N GLY E 383 -23.01 11.35 -4.14
CA GLY E 383 -22.84 12.13 -2.94
C GLY E 383 -22.08 11.40 -1.85
N THR E 384 -21.48 12.16 -0.94
CA THR E 384 -20.76 11.57 0.16
C THR E 384 -21.73 10.95 1.16
N PRO E 385 -21.30 9.94 1.91
CA PRO E 385 -22.18 9.37 2.94
C PRO E 385 -22.50 10.39 4.03
N LEU E 386 -23.64 10.19 4.68
CA LEU E 386 -24.05 11.08 5.77
C LEU E 386 -23.06 11.04 6.93
N ILE E 387 -22.23 10.00 7.01
CA ILE E 387 -21.15 10.00 7.99
C ILE E 387 -20.21 11.17 7.73
N GLY E 388 -19.98 11.50 6.47
CA GLY E 388 -19.20 12.69 6.14
C GLY E 388 -19.84 13.95 6.67
N VAL E 389 -21.17 14.06 6.56
CA VAL E 389 -21.87 15.24 7.06
C VAL E 389 -21.75 15.33 8.57
N TYR E 390 -21.90 14.20 9.27
CA TYR E 390 -21.76 14.24 10.73
C TYR E 390 -20.34 14.52 11.16
N PHE E 391 -19.35 14.05 10.39
CA PHE E 391 -17.96 14.41 10.69
C PHE E 391 -17.74 15.91 10.49
N VAL E 392 -18.36 16.48 9.46
CA VAL E 392 -18.26 17.92 9.23
C VAL E 392 -18.93 18.69 10.36
N VAL E 393 -20.04 18.17 10.88
CA VAL E 393 -20.70 18.84 12.00
C VAL E 393 -19.85 18.76 13.26
N CYS E 394 -19.22 17.61 13.50
CA CYS E 394 -18.25 17.52 14.59
C CYS E 394 -17.12 18.53 14.39
N MET E 395 -16.69 18.70 13.15
CA MET E 395 -15.64 19.68 12.85
C MET E 395 -16.09 21.09 13.19
N ALA E 396 -17.34 21.42 12.83
CA ALA E 396 -17.88 22.73 13.18
C ALA E 396 -17.97 22.91 14.68
N LEU E 397 -18.33 21.85 15.41
CA LEU E 397 -18.38 21.94 16.86
C LEU E 397 -17.01 22.20 17.47
N LEU E 398 -15.98 21.49 16.99
CA LEU E 398 -14.63 21.74 17.50
C LEU E 398 -14.15 23.13 17.15
N VAL E 399 -14.44 23.61 15.94
CA VAL E 399 -14.03 24.95 15.55
C VAL E 399 -14.76 25.99 16.37
N ILE E 400 -16.04 25.74 16.70
CA ILE E 400 -16.78 26.66 17.55
C ILE E 400 -16.19 26.70 18.95
N SER E 401 -15.81 25.54 19.49
CA SER E 401 -15.16 25.53 20.81
C SER E 401 -13.84 26.29 20.78
N LEU E 402 -13.05 26.09 19.72
CA LEU E 402 -11.79 26.81 19.59
C LEU E 402 -12.02 28.32 19.49
N ALA E 403 -13.03 28.73 18.73
CA ALA E 403 -13.34 30.14 18.59
C ALA E 403 -13.81 30.74 19.91
N GLU E 404 -14.60 29.98 20.68
CA GLU E 404 -15.01 30.45 22.00
C GLU E 404 -13.80 30.61 22.91
N THR E 405 -12.88 29.65 22.88
CA THR E 405 -11.66 29.76 23.67
C THR E 405 -10.86 30.99 23.29
N ILE E 406 -10.70 31.23 21.99
CA ILE E 406 -9.92 32.37 21.53
C ILE E 406 -10.60 33.69 21.90
N PHE E 407 -11.94 33.74 21.78
CA PHE E 407 -12.67 34.94 22.16
C PHE E 407 -12.53 35.22 23.65
N ILE E 408 -12.67 34.20 24.49
CA ILE E 408 -12.56 34.42 25.92
C ILE E 408 -11.13 34.81 26.29
N VAL E 409 -10.14 34.24 25.61
CA VAL E 409 -8.75 34.63 25.87
C VAL E 409 -8.52 36.08 25.49
N ARG E 410 -9.07 36.50 24.36
CA ARG E 410 -9.03 37.91 23.98
C ARG E 410 -9.73 38.78 25.01
N LEU E 411 -10.76 38.25 25.68
CA LEU E 411 -11.54 39.06 26.61
C LEU E 411 -10.78 39.32 27.91
N VAL E 412 -10.12 38.30 28.46
CA VAL E 412 -9.59 38.38 29.82
C VAL E 412 -8.11 38.70 29.87
N HIS E 413 -7.49 39.05 28.74
CA HIS E 413 -6.05 39.14 28.69
C HIS E 413 -5.53 40.24 29.61
N LYS E 414 -4.37 39.97 30.22
CA LYS E 414 -3.67 40.94 31.06
C LYS E 414 -2.84 41.89 30.20
N GLN E 415 -3.53 42.59 29.31
CA GLN E 415 -2.87 43.38 28.28
C GLN E 415 -2.42 44.75 28.76
N ASP E 416 -2.63 45.09 30.03
CA ASP E 416 -2.16 46.35 30.61
C ASP E 416 -2.63 47.57 29.81
N LEU E 417 -3.72 47.44 29.08
CA LEU E 417 -4.24 48.51 28.25
C LEU E 417 -5.75 48.66 28.35
N GLN E 418 -6.42 47.79 29.10
CA GLN E 418 -7.87 47.72 29.08
C GLN E 418 -8.50 48.96 29.70
N ARG E 419 -9.43 49.57 28.98
CA ARG E 419 -10.39 50.46 29.61
C ARG E 419 -11.30 49.62 30.50
N PRO E 420 -11.91 50.21 31.53
CA PRO E 420 -12.68 49.38 32.45
C PRO E 420 -14.02 48.90 31.90
N VAL E 421 -14.56 47.89 32.55
CA VAL E 421 -15.74 47.22 32.01
C VAL E 421 -16.90 48.20 31.95
N PRO E 422 -17.67 48.26 30.87
CA PRO E 422 -18.80 49.19 30.80
C PRO E 422 -19.88 48.81 31.80
N ASP E 423 -20.67 49.82 32.18
CA ASP E 423 -21.65 49.64 33.25
C ASP E 423 -22.68 48.58 32.87
N TRP E 424 -23.17 48.61 31.62
CA TRP E 424 -24.14 47.62 31.19
C TRP E 424 -23.55 46.21 31.24
N LEU E 425 -22.33 46.05 30.75
CA LEU E 425 -21.68 44.74 30.79
C LEU E 425 -21.47 44.27 32.22
N ARG E 426 -20.98 45.17 33.07
CA ARG E 426 -20.75 44.82 34.47
C ARG E 426 -22.04 44.34 35.14
N HIS E 427 -23.12 45.11 35.01
CA HIS E 427 -24.36 44.73 35.67
C HIS E 427 -24.94 43.45 35.09
N LEU E 428 -24.94 43.33 33.76
CA LEU E 428 -25.51 42.15 33.11
C LEU E 428 -24.78 40.89 33.54
N VAL E 429 -23.44 40.94 33.61
CA VAL E 429 -22.67 39.78 34.03
C VAL E 429 -22.84 39.50 35.51
N LEU E 430 -22.75 40.53 36.36
CA LEU E 430 -22.78 40.31 37.80
C LEU E 430 -24.17 40.00 38.33
N ASP E 431 -25.22 40.20 37.54
CA ASP E 431 -26.54 39.75 37.95
C ASP E 431 -26.70 38.24 37.88
N ARG E 432 -25.82 37.55 37.14
CA ARG E 432 -25.91 36.10 36.98
C ARG E 432 -24.59 35.42 37.29
N ALA E 433 -23.77 36.03 38.14
CA ALA E 433 -22.49 35.45 38.52
C ALA E 433 -22.67 34.17 39.33
N VAL E 503 8.28 70.85 55.15
CA VAL E 503 7.89 69.45 55.04
C VAL E 503 7.02 69.24 53.81
N ARG E 504 6.72 70.34 53.10
CA ARG E 504 5.89 70.25 51.90
C ARG E 504 6.55 69.41 50.83
N GLY E 505 7.88 69.53 50.69
CA GLY E 505 8.59 68.68 49.75
C GLY E 505 8.47 67.21 50.09
N LEU E 506 8.53 66.88 51.39
CA LEU E 506 8.36 65.50 51.81
C LEU E 506 6.94 65.02 51.59
N LEU E 507 5.95 65.86 51.89
CA LEU E 507 4.56 65.46 51.74
C LEU E 507 4.20 65.22 50.28
N GLN E 508 4.63 66.12 49.39
CA GLN E 508 4.31 65.96 47.98
C GLN E 508 5.07 64.82 47.34
N GLU E 509 6.28 64.53 47.82
CA GLU E 509 7.10 63.47 47.24
C GLU E 509 6.61 62.09 47.66
N LEU E 510 6.15 61.94 48.91
CA LEU E 510 5.50 60.70 49.30
C LEU E 510 4.19 60.50 48.53
N SER E 511 3.53 61.59 48.13
CA SER E 511 2.29 61.48 47.37
C SER E 511 2.53 60.82 46.02
N SER E 512 3.68 61.08 45.40
CA SER E 512 4.01 60.42 44.14
C SER E 512 4.15 58.91 44.34
N ILE E 513 4.68 58.49 45.48
CA ILE E 513 4.86 57.07 45.76
C ILE E 513 3.51 56.38 45.87
N ARG E 514 2.57 56.98 46.61
CA ARG E 514 1.26 56.36 46.73
C ARG E 514 0.46 56.49 45.45
N HIS E 515 0.72 57.53 44.65
CA HIS E 515 0.03 57.66 43.37
C HIS E 515 0.45 56.56 42.41
N PHE E 516 1.74 56.24 42.36
CA PHE E 516 2.21 55.20 41.45
C PHE E 516 1.67 53.84 41.87
N LEU E 517 1.60 53.57 43.17
CA LEU E 517 0.98 52.34 43.65
C LEU E 517 -0.51 52.34 43.34
N GLU E 518 -1.18 53.48 43.51
CA GLU E 518 -2.60 53.57 43.17
C GLU E 518 -2.80 53.40 41.67
N LYS E 519 -1.92 53.96 40.84
CA LYS E 519 -2.02 53.78 39.40
C LYS E 519 -1.89 52.31 39.02
N ARG E 520 -0.96 51.60 39.66
CA ARG E 520 -0.81 50.18 39.39
C ARG E 520 -1.99 49.39 39.93
N ASP E 521 -2.47 49.73 41.13
CA ASP E 521 -3.58 49.00 41.72
C ASP E 521 -4.86 49.18 40.92
N GLU E 522 -5.15 50.42 40.49
CA GLU E 522 -6.36 50.66 39.70
C GLU E 522 -6.30 49.91 38.38
N MET E 523 -5.12 49.89 37.74
CA MET E 523 -4.96 49.11 36.52
C MET E 523 -5.11 47.62 36.79
N ARG E 524 -4.57 47.15 37.92
CA ARG E 524 -4.69 45.74 38.27
C ARG E 524 -6.14 45.36 38.58
N GLU E 525 -6.86 46.25 39.26
CA GLU E 525 -8.27 45.98 39.56
C GLU E 525 -9.10 45.93 38.27
N VAL E 526 -8.78 46.78 37.30
CA VAL E 526 -9.50 46.77 36.03
C VAL E 526 -9.30 45.42 35.33
N ALA E 527 -8.08 44.91 35.34
CA ALA E 527 -7.83 43.60 34.75
C ALA E 527 -8.60 42.51 35.47
N ARG E 528 -8.76 42.65 36.79
CA ARG E 528 -9.56 41.68 37.53
C ARG E 528 -11.03 41.74 37.14
N ASP E 529 -11.56 42.95 36.92
CA ASP E 529 -12.96 43.08 36.53
C ASP E 529 -13.23 42.41 35.20
N TRP E 530 -12.31 42.58 34.24
CA TRP E 530 -12.43 41.86 32.97
C TRP E 530 -12.33 40.36 33.19
N LEU E 531 -11.45 39.93 34.08
CA LEU E 531 -11.33 38.50 34.37
C LEU E 531 -12.59 37.95 35.01
N ARG E 532 -13.19 38.72 35.92
CA ARG E 532 -14.44 38.28 36.54
C ARG E 532 -15.54 38.10 35.51
N VAL E 533 -15.62 39.03 34.55
CA VAL E 533 -16.59 38.91 33.47
C VAL E 533 -16.30 37.69 32.61
N GLY E 534 -15.03 37.51 32.24
CA GLY E 534 -14.67 36.42 31.34
C GLY E 534 -14.78 35.04 31.97
N TYR E 535 -14.64 34.95 33.30
CA TYR E 535 -14.75 33.66 33.95
C TYR E 535 -16.16 33.10 33.84
N VAL E 536 -17.16 33.89 34.24
CA VAL E 536 -18.54 33.37 34.25
C VAL E 536 -19.06 33.22 32.83
N LEU E 537 -18.65 34.11 31.92
CA LEU E 537 -19.03 33.95 30.53
C LEU E 537 -18.42 32.67 29.95
N ASP E 538 -17.22 32.30 30.39
CA ASP E 538 -16.68 31.00 30.03
C ASP E 538 -17.53 29.87 30.59
N ARG E 539 -18.00 30.03 31.83
CA ARG E 539 -18.92 29.03 32.39
C ARG E 539 -20.23 29.02 31.63
N LEU E 540 -20.78 30.19 31.32
CA LEU E 540 -22.07 30.27 30.64
C LEU E 540 -21.98 29.67 29.24
N LEU E 541 -20.92 30.00 28.50
CA LEU E 541 -20.75 29.42 27.17
C LEU E 541 -20.33 27.96 27.24
N PHE E 542 -19.86 27.50 28.39
CA PHE E 542 -19.60 26.08 28.57
C PHE E 542 -20.89 25.29 28.71
N ARG E 543 -21.87 25.85 29.43
CA ARG E 543 -23.16 25.16 29.58
C ARG E 543 -23.88 25.06 28.25
N ILE E 544 -23.86 26.13 27.46
CA ILE E 544 -24.53 26.12 26.15
C ILE E 544 -23.87 25.11 25.24
N TYR E 545 -22.54 25.09 25.21
CA TYR E 545 -21.83 24.10 24.40
C TYR E 545 -22.06 22.69 24.95
N LEU E 546 -22.16 22.55 26.27
CA LEU E 546 -22.47 21.26 26.87
C LEU E 546 -23.85 20.78 26.43
N LEU E 547 -24.83 21.69 26.38
CA LEU E 547 -26.16 21.32 25.93
C LEU E 547 -26.20 21.07 24.44
N ALA E 548 -25.43 21.86 23.67
CA ALA E 548 -25.42 21.69 22.22
C ALA E 548 -24.86 20.33 21.82
N VAL E 549 -23.76 19.90 22.47
CA VAL E 549 -23.23 18.57 22.18
C VAL E 549 -24.16 17.50 22.72
N LEU E 550 -24.87 17.78 23.83
CA LEU E 550 -25.82 16.82 24.36
C LEU E 550 -26.99 16.62 23.41
N ALA E 551 -27.53 17.72 22.87
CA ALA E 551 -28.60 17.61 21.89
C ALA E 551 -28.12 16.90 20.63
N TYR E 552 -26.89 17.20 20.19
CA TYR E 552 -26.35 16.55 19.01
C TYR E 552 -26.14 15.06 19.24
N SER E 553 -25.66 14.69 20.43
CA SER E 553 -25.43 13.26 20.72
C SER E 553 -26.74 12.50 20.82
N ILE E 554 -27.76 13.08 21.46
CA ILE E 554 -29.06 12.43 21.55
C ILE E 554 -29.70 12.33 20.17
N THR E 555 -29.52 13.34 19.32
CA THR E 555 -30.03 13.25 17.96
C THR E 555 -29.38 12.10 17.21
N LEU E 556 -28.08 11.90 17.40
CA LEU E 556 -27.38 10.82 16.70
C LEU E 556 -27.85 9.45 17.17
N VAL E 557 -28.00 9.27 18.49
CA VAL E 557 -28.43 7.97 18.99
C VAL E 557 -29.88 7.68 18.59
N THR E 558 -30.68 8.73 18.40
CA THR E 558 -32.06 8.53 17.93
C THR E 558 -32.07 8.03 16.49
N LEU E 559 -31.31 8.69 15.61
CA LEU E 559 -31.26 8.26 14.21
C LEU E 559 -30.60 6.90 14.08
N TRP E 560 -29.65 6.58 14.96
CA TRP E 560 -29.02 5.26 14.92
C TRP E 560 -30.03 4.16 15.20
N SER E 561 -30.97 4.40 16.11
CA SER E 561 -32.00 3.41 16.40
C SER E 561 -32.88 3.15 15.19
N ILE E 562 -33.12 4.17 14.37
CA ILE E 562 -33.89 3.97 13.15
C ILE E 562 -33.10 3.15 12.14
N TRP E 563 -31.82 3.47 11.96
CA TRP E 563 -30.99 2.67 11.05
C TRP E 563 -30.77 1.27 11.58
N HIS E 564 -30.79 1.09 12.90
CA HIS E 564 -30.61 -0.24 13.49
C HIS E 564 -31.92 -1.02 13.43
C1 NAG F . -17.68 -44.85 1.84
C2 NAG F . -18.61 -46.00 2.28
C3 NAG F . -18.78 -45.99 3.79
C4 NAG F . -17.44 -45.97 4.50
C5 NAG F . -16.62 -44.79 4.00
C6 NAG F . -15.24 -44.72 4.59
C7 NAG F . -20.19 -46.58 0.50
C8 NAG F . -21.56 -46.36 -0.05
N2 NAG F . -19.89 -45.90 1.61
O3 NAG F . -19.52 -47.14 4.19
O4 NAG F . -17.61 -45.87 5.91
O5 NAG F . -16.45 -44.91 2.58
O6 NAG F . -14.63 -46.00 4.61
O7 NAG F . -19.39 -47.33 -0.04
C1 NAG F . -17.07 -47.06 6.54
C2 NAG F . -16.83 -46.76 8.02
C3 NAG F . -16.30 -48.00 8.73
C4 NAG F . -17.21 -49.19 8.48
C5 NAG F . -17.44 -49.39 6.99
C6 NAG F . -18.42 -50.48 6.66
C7 NAG F . -16.29 -44.42 8.53
C8 NAG F . -15.21 -43.39 8.65
N2 NAG F . -15.91 -45.65 8.18
O3 NAG F . -16.21 -47.74 10.13
O4 NAG F . -16.61 -50.37 9.02
O5 NAG F . -17.95 -48.18 6.41
O6 NAG F . -19.70 -50.22 7.24
O7 NAG F . -17.47 -44.14 8.74
C1 BMA F . -17.43 -50.90 10.09
C2 BMA F . -16.81 -52.24 10.53
C3 BMA F . -16.88 -52.40 12.05
C4 BMA F . -18.17 -51.80 12.69
C5 BMA F . -18.47 -50.39 12.15
C6 BMA F . -18.50 -49.33 13.24
O2 BMA F . -15.44 -52.31 10.17
O3 BMA F . -15.72 -51.86 12.69
O4 BMA F . -19.27 -52.67 12.46
O5 BMA F . -17.48 -50.01 11.19
O6 BMA F . -17.23 -49.32 13.88
C1 NAG G . -12.85 -27.74 15.02
C2 NAG G . -12.83 -28.41 16.38
C3 NAG G . -13.45 -29.79 16.28
C4 NAG G . -14.86 -29.69 15.71
C5 NAG G . -14.85 -28.90 14.40
C6 NAG G . -16.24 -28.60 13.88
C7 NAG G . -11.15 -27.88 18.08
C8 NAG G . -9.73 -28.05 18.52
N2 NAG G . -11.48 -28.48 16.93
O3 NAG G . -13.48 -30.38 17.58
O4 NAG G . -15.37 -30.99 15.45
O5 NAG G . -14.19 -27.64 14.56
O6 NAG G . -16.54 -27.22 13.99
O7 NAG G . -11.96 -27.23 18.73
C1 NAG G . -16.23 -31.40 16.54
C2 NAG G . -17.46 -32.07 15.93
C3 NAG G . -17.93 -33.24 16.82
C4 NAG G . -17.72 -32.94 18.30
C5 NAG G . -16.28 -32.55 18.60
C6 NAG G . -15.52 -33.63 19.34
C7 NAG G . -19.13 -30.89 14.57
C8 NAG G . -20.22 -29.87 14.56
N2 NAG G . -18.53 -31.11 15.75
O3 NAG G . -17.20 -34.41 16.46
O4 NAG G . -18.58 -31.88 18.70
O5 NAG G . -15.55 -32.31 17.38
O6 NAG G . -14.24 -33.85 18.78
O7 NAG G . -18.79 -31.50 13.55
C1 NAG H . 22.45 -42.06 -7.37
C2 NAG H . 23.16 -43.37 -7.01
C3 NAG H . 24.23 -43.13 -5.94
C4 NAG H . 25.16 -42.01 -6.35
C5 NAG H . 24.34 -40.76 -6.67
C6 NAG H . 25.18 -39.60 -7.14
C7 NAG H . 21.70 -45.30 -7.38
C8 NAG H . 20.72 -46.26 -6.75
N2 NAG H . 22.21 -44.38 -6.57
O3 NAG H . 24.97 -44.32 -5.74
O4 NAG H . 26.09 -41.72 -5.32
O5 NAG H . 23.42 -41.06 -7.72
O6 NAG H . 26.15 -40.02 -8.09
O7 NAG H . 22.00 -45.37 -8.57
C1 NAG H . 27.43 -41.99 -5.78
C2 NAG H . 28.42 -41.26 -4.88
C3 NAG H . 29.85 -41.55 -5.31
C4 NAG H . 30.10 -43.05 -5.41
C5 NAG H . 29.02 -43.69 -6.29
C6 NAG H . 29.13 -45.20 -6.35
C7 NAG H . 27.57 -39.19 -3.86
C8 NAG H . 27.39 -37.71 -4.03
N2 NAG H . 28.17 -39.83 -4.87
O3 NAG H . 30.76 -40.98 -4.37
O4 NAG H . 31.37 -43.29 -5.97
O5 NAG H . 27.72 -43.39 -5.80
O6 NAG H . 29.00 -45.78 -5.06
O7 NAG H . 27.19 -39.78 -2.86
C1 BMA H . 32.22 -43.96 -5.02
C2 BMA H . 33.54 -44.33 -5.73
C3 BMA H . 34.74 -44.11 -4.79
C4 BMA H . 34.45 -44.46 -3.30
C5 BMA H . 33.10 -43.86 -2.82
C6 BMA H . 33.27 -42.91 -1.65
O2 BMA H . 33.76 -43.50 -6.85
O3 BMA H . 35.25 -42.78 -4.90
O4 BMA H . 34.44 -45.87 -3.12
O5 BMA H . 32.50 -43.14 -3.90
O6 BMA H . 34.15 -41.86 -2.06
C1 NAG I . 23.53 -24.01 5.40
C2 NAG I . 24.94 -24.12 5.95
C3 NAG I . 25.50 -25.51 5.67
C4 NAG I . 24.57 -26.57 6.26
C5 NAG I . 23.13 -26.35 5.77
C6 NAG I . 22.14 -27.24 6.47
C7 NAG I . 26.42 -22.19 6.19
C8 NAG I . 27.30 -21.20 5.48
N2 NAG I . 25.82 -23.10 5.42
O3 NAG I . 26.80 -25.62 6.25
O4 NAG I . 25.00 -27.86 5.85
O5 NAG I . 22.71 -25.00 6.02
O6 NAG I . 21.30 -26.50 7.34
O7 NAG I . 26.26 -22.16 7.40
C1 NAG I . 25.76 -28.48 6.90
C2 NAG I . 25.33 -29.94 7.01
C3 NAG I . 26.53 -30.83 7.34
C4 NAG I . 27.51 -30.13 8.28
C5 NAG I . 27.96 -28.79 7.72
C6 NAG I . 29.39 -28.81 7.23
C7 NAG I . 23.09 -30.66 7.73
C8 NAG I . 22.13 -30.73 8.88
N2 NAG I . 24.28 -30.10 8.00
O3 NAG I . 27.19 -31.21 6.14
O4 NAG I . 26.90 -29.94 9.56
O5 NAG I . 27.15 -28.43 6.60
O6 NAG I . 29.51 -28.20 5.96
O7 NAG I . 22.82 -31.07 6.62
C1 NAG J . 26.70 -14.27 -37.57
C2 NAG J . 27.97 -14.56 -38.38
C3 NAG J . 28.96 -13.40 -38.28
C4 NAG J . 28.27 -12.08 -38.63
C5 NAG J . 27.04 -11.89 -37.75
C6 NAG J . 26.26 -10.65 -38.08
C7 NAG J . 28.39 -16.97 -38.52
C8 NAG J . 29.10 -18.14 -37.93
N2 NAG J . 28.59 -15.79 -37.93
O3 NAG J . 30.06 -13.63 -39.14
O4 NAG J . 29.17 -10.99 -38.44
O5 NAG J . 26.15 -13.00 -37.97
O6 NAG J . 26.13 -10.48 -39.49
O7 NAG J . 27.65 -17.10 -39.50
C1 NAG J . 29.41 -10.34 -39.71
C2 NAG J . 29.95 -8.94 -39.45
C3 NAG J . 30.27 -8.24 -40.76
C4 NAG J . 31.16 -9.11 -41.65
C5 NAG J . 30.55 -10.49 -41.81
C6 NAG J . 31.43 -11.44 -42.58
C7 NAG J . 29.21 -7.90 -37.36
C8 NAG J . 28.15 -7.07 -36.69
N2 NAG J . 29.03 -8.15 -38.66
O3 NAG J . 30.90 -6.99 -40.49
O4 NAG J . 31.29 -8.50 -42.93
O5 NAG J . 30.33 -11.08 -40.52
O6 NAG J . 32.69 -11.62 -41.94
O7 NAG J . 30.18 -8.32 -36.74
C1 BMA J . 32.67 -8.12 -43.16
C2 BMA J . 32.78 -7.62 -44.61
C3 BMA J . 33.72 -6.40 -44.70
C4 BMA J . 34.93 -6.48 -43.73
C5 BMA J . 34.50 -6.90 -42.30
C6 BMA J . 34.86 -5.86 -41.25
O2 BMA J . 31.52 -7.18 -45.09
O3 BMA J . 33.02 -5.18 -44.50
O4 BMA J . 35.90 -7.39 -44.23
O5 BMA J . 33.09 -7.11 -42.27
O6 BMA J . 34.21 -4.64 -41.60
C1 NAG K . 25.74 1.67 -22.24
C2 NAG K . 26.65 2.72 -22.83
C3 NAG K . 27.45 2.11 -23.98
C4 NAG K . 28.21 0.89 -23.49
C5 NAG K . 27.28 -0.09 -22.78
C6 NAG K . 28.02 -1.22 -22.10
C7 NAG K . 26.14 5.11 -22.77
C8 NAG K . 25.32 6.22 -23.34
N2 NAG K . 25.93 3.90 -23.28
O3 NAG K . 28.35 3.08 -24.49
O4 NAG K . 28.82 0.22 -24.59
O5 NAG K . 26.52 0.58 -21.76
O6 NAG K . 27.94 -1.10 -20.69
O7 NAG K . 26.98 5.31 -21.89
C1 NAG K . 30.21 0.60 -24.69
C2 NAG K . 31.02 -0.66 -24.99
C3 NAG K . 32.18 -0.34 -25.94
C4 NAG K . 32.77 1.04 -25.66
C5 NAG K . 31.70 2.13 -25.72
C6 NAG K . 31.80 2.99 -26.95
C7 NAG K . 31.27 -2.53 -23.41
C8 NAG K . 31.86 -2.98 -22.12
N2 NAG K . 31.51 -1.26 -23.76
O3 NAG K . 31.72 -0.41 -27.28
O4 NAG K . 33.39 1.06 -24.38
O5 NAG K . 30.39 1.53 -25.73
O6 NAG K . 30.53 3.20 -27.55
O7 NAG K . 30.60 -3.28 -24.13
C1 NAG L . -10.80 0.13 -47.02
C2 NAG L . -10.82 0.64 -48.46
C3 NAG L . -11.12 2.14 -48.51
C4 NAG L . -12.38 2.45 -47.72
C5 NAG L . -12.24 1.92 -46.30
C6 NAG L . -13.46 2.13 -45.46
C7 NAG L . -9.36 -0.73 -49.89
C8 NAG L . -7.99 -0.86 -50.49
N2 NAG L . -9.55 0.35 -49.13
O3 NAG L . -11.28 2.54 -49.87
O4 NAG L . -12.61 3.86 -47.70
O5 NAG L . -12.01 0.50 -46.36
O6 NAG L . -14.65 1.82 -46.18
O7 NAG L . -10.24 -1.56 -50.08
C1 NAG L . -13.86 4.15 -48.36
C2 NAG L . -14.32 5.54 -47.93
C3 NAG L . -15.62 5.91 -48.64
C4 NAG L . -15.48 5.75 -50.14
C5 NAG L . -14.96 4.35 -50.48
C6 NAG L . -14.68 4.15 -51.95
C7 NAG L . -13.63 6.21 -45.67
C8 NAG L . -13.97 6.19 -44.21
N2 NAG L . -14.50 5.61 -46.49
O3 NAG L . -15.96 7.26 -48.33
O4 NAG L . -16.74 5.94 -50.78
O5 NAG L . -13.73 4.11 -49.79
O6 NAG L . -13.70 5.08 -52.42
O7 NAG L . -12.62 6.76 -46.09
C1 BMA L . -16.70 7.10 -51.64
C2 BMA L . -18.04 7.17 -52.40
C3 BMA L . -18.52 8.62 -52.52
C4 BMA L . -17.38 9.65 -52.72
C5 BMA L . -16.21 9.41 -51.72
C6 BMA L . -15.94 10.61 -50.83
O2 BMA L . -19.05 6.46 -51.70
O3 BMA L . -19.33 9.00 -51.40
O4 BMA L . -16.90 9.60 -54.06
O5 BMA L . -16.51 8.29 -50.89
O6 BMA L . -17.13 10.89 -50.10
C1 NAG M . -9.27 13.84 -29.70
C2 NAG M . -10.04 15.04 -30.20
C3 NAG M . -10.28 14.92 -31.70
C4 NAG M . -8.94 14.75 -32.42
C5 NAG M . -8.14 13.60 -31.80
C6 NAG M . -6.73 13.53 -32.34
C7 NAG M . -11.59 16.30 -28.77
C8 NAG M . -12.93 16.33 -28.11
N2 NAG M . -11.30 15.21 -29.49
O3 NAG M . -10.95 16.08 -32.17
O4 NAG M . -9.16 14.46 -33.79
O5 NAG M . -8.02 13.77 -30.37
O6 NAG M . -5.78 13.90 -31.35
O7 NAG M . -10.79 17.23 -28.66
C1 NAG M . -9.03 15.66 -34.58
C2 NAG M . -8.24 15.32 -35.83
C3 NAG M . -8.76 16.12 -37.03
C4 NAG M . -9.19 17.52 -36.62
C5 NAG M . -10.22 17.48 -35.49
C6 NAG M . -11.61 17.85 -35.94
C7 NAG M . -5.89 14.61 -35.83
C8 NAG M . -4.48 15.03 -35.59
N2 NAG M . -6.82 15.55 -35.64
O3 NAG M . -9.86 15.43 -37.62
O4 NAG M . -8.07 18.28 -36.21
O5 NAG M . -10.30 16.17 -34.93
O6 NAG M . -12.59 16.95 -35.43
O7 NAG M . -6.18 13.48 -36.18
C1 NAG N . -38.22 -18.78 -22.68
C2 NAG N . -39.60 -18.80 -23.35
C3 NAG N . -40.63 -18.01 -22.53
C4 NAG N . -40.63 -18.50 -21.08
C5 NAG N . -39.22 -18.41 -20.52
C6 NAG N . -39.11 -18.93 -19.11
C7 NAG N . -39.38 -19.03 -25.79
C8 NAG N . -39.31 -18.31 -27.10
N2 NAG N . -39.52 -18.27 -24.70
O3 NAG N . -41.91 -18.18 -23.10
O4 NAG N . -41.52 -17.71 -20.30
O5 NAG N . -38.34 -19.22 -21.31
O6 NAG N . -39.83 -20.15 -18.95
O7 NAG N . -39.30 -20.26 -25.71
C1 NAG N . -42.58 -18.55 -19.79
C2 NAG N . -43.24 -17.84 -18.61
C3 NAG N . -44.40 -18.66 -18.07
C4 NAG N . -45.37 -19.03 -19.18
C5 NAG N . -44.61 -19.69 -20.33
C6 NAG N . -45.49 -19.98 -21.53
C7 NAG N . -41.75 -16.36 -17.34
C8 NAG N . -40.76 -16.27 -16.21
N2 NAG N . -42.27 -17.57 -17.55
O3 NAG N . -45.08 -17.93 -17.06
O4 NAG N . -46.34 -19.94 -18.68
O5 NAG N . -43.56 -18.83 -20.79
O6 NAG N . -46.08 -18.79 -22.04
O7 NAG N . -42.07 -15.38 -18.00
C1 BMA N . -47.66 -19.34 -18.74
C2 BMA N . -48.68 -20.42 -18.34
C3 BMA N . -49.78 -19.80 -17.45
C4 BMA N . -50.19 -18.36 -17.85
C5 BMA N . -48.94 -17.47 -18.09
C6 BMA N . -48.91 -16.26 -17.17
O2 BMA N . -48.06 -21.44 -17.56
O3 BMA N . -49.44 -19.85 -16.08
O4 BMA N . -50.99 -18.38 -19.03
O5 BMA N . -47.76 -18.23 -17.87
O6 BMA N . -48.91 -16.73 -15.83
C1 NAG O . -33.11 -4.35 -6.69
C2 NAG O . -34.44 -4.20 -5.98
C3 NAG O . -35.54 -4.81 -6.83
C4 NAG O . -35.56 -4.15 -8.20
C5 NAG O . -34.16 -4.21 -8.84
C6 NAG O . -34.07 -3.40 -10.11
C7 NAG O . -34.63 -4.09 -3.54
C8 NAG O . -34.57 -4.85 -2.25
N2 NAG O . -34.42 -4.80 -4.65
O3 NAG O . -36.80 -4.61 -6.18
O4 NAG O . -36.47 -4.84 -9.06
O5 NAG O . -33.16 -3.68 -7.95
O6 NAG O . -33.25 -2.25 -9.93
O7 NAG O . -34.85 -2.88 -3.57
C1 NAG O . -37.72 -4.12 -9.11
C2 NAG O . -38.19 -4.10 -10.56
C3 NAG O . -39.72 -4.21 -10.63
C4 NAG O . -40.39 -3.48 -9.47
C5 NAG O . -39.86 -3.94 -8.12
C6 NAG O . -40.86 -4.79 -7.35
C7 NAG O . -37.03 -2.92 -12.37
C8 NAG O . -36.65 -1.59 -12.94
N2 NAG O . -37.75 -2.90 -11.24
O3 NAG O . -40.09 -5.59 -10.60
O4 NAG O . -40.18 -2.08 -9.59
O5 NAG O . -38.69 -4.76 -8.30
O6 NAG O . -40.24 -5.96 -6.81
O7 NAG O . -36.70 -3.97 -12.91
C1 NAG P . 10.33 -63.18 -13.11
C2 NAG P . 11.48 -63.83 -13.86
C3 NAG P . 11.43 -65.35 -13.69
C4 NAG P . 11.41 -65.71 -12.21
C5 NAG P . 10.25 -64.99 -11.53
C6 NAG P . 10.21 -65.21 -10.03
C7 NAG P . 12.42 -62.76 -15.86
C8 NAG P . 12.23 -62.49 -17.33
N2 NAG P . 11.45 -63.48 -15.27
O3 NAG P . 12.58 -65.93 -14.31
O4 NAG P . 11.25 -67.12 -12.05
O5 NAG P . 10.37 -63.57 -11.73
O6 NAG P . 9.39 -64.25 -9.38
O7 NAG P . 13.39 -62.34 -15.24
CL CL Q . -13.52 -59.58 -6.16
C01 VTX R . -30.38 -26.38 -3.01
C02 VTX R . -29.02 -26.99 -3.34
C03 VTX R . -28.91 -27.90 -4.34
C04 VTX R . -27.65 -28.46 -4.63
C05 VTX R . -26.52 -28.08 -3.90
C07 VTX R . -24.10 -27.91 -5.63
C08 VTX R . -24.79 -26.90 -6.26
C09 VTX R . -24.22 -26.23 -7.31
C10 VTX R . -22.98 -26.55 -7.74
C11 VTX R . -22.26 -27.56 -7.12
C12 VTX R . -22.81 -28.27 -6.04
C14 VTX R . -22.39 -30.68 -5.63
C15 VTX R . -21.55 -31.76 -4.95
C17 VTX R . -19.89 -30.17 -4.40
C18 VTX R . -20.74 -29.01 -4.91
C19 VTX R . -26.70 -27.13 -2.87
C20 VTX R . -25.49 -26.69 -2.04
C21 VTX R . -27.93 -26.62 -2.62
N13 VTX R . -22.05 -29.32 -5.39
N16 VTX R . -20.77 -31.20 -3.84
S06 VTX R . -24.88 -28.78 -4.24
C1 NAG S . 31.17 -38.32 -42.78
C2 NAG S . 31.37 -38.12 -44.28
C3 NAG S . 32.39 -39.14 -44.82
C4 NAG S . 33.69 -39.04 -44.02
C5 NAG S . 33.40 -39.20 -42.54
C6 NAG S . 34.62 -39.01 -41.67
C7 NAG S . 29.55 -37.23 -45.67
C8 NAG S . 28.25 -37.53 -46.35
N2 NAG S . 30.11 -38.24 -45.00
O3 NAG S . 32.64 -38.87 -46.19
O4 NAG S . 34.59 -40.06 -44.44
O5 NAG S . 32.44 -38.22 -42.11
O6 NAG S . 34.27 -38.79 -40.31
O7 NAG S . 30.07 -36.11 -45.71
CL CL T . 26.63 -50.95 -21.58
C01 VTX U . 3.85 -39.74 5.85
C02 VTX U . 4.41 -39.26 4.51
C03 VTX U . 4.25 -40.04 3.40
C04 VTX U . 4.75 -39.61 2.17
C05 VTX U . 5.43 -38.37 2.07
C07 VTX U . 4.82 -36.98 -0.48
C08 VTX U . 3.54 -36.95 0.00
C09 VTX U . 2.54 -36.35 -0.73
C10 VTX U . 2.81 -35.79 -1.93
C11 VTX U . 4.10 -35.82 -2.45
C12 VTX U . 5.14 -36.42 -1.73
C14 VTX U . 7.02 -37.64 -2.81
C15 VTX U . 8.42 -37.62 -3.39
C17 VTX U . 8.41 -35.26 -3.40
C18 VTX U . 7.07 -35.20 -2.67
C19 VTX U . 5.58 -37.63 3.25
C20 VTX U . 6.30 -36.28 3.21
C21 VTX U . 5.06 -38.08 4.43
N13 VTX U . 6.49 -36.43 -2.27
N16 VTX U . 9.15 -36.43 -2.94
S06 VTX U . 6.12 -37.78 0.50
C1 NAG V . 1.08 -14.13 -63.80
C2 NAG V . -0.08 -14.21 -64.79
C3 NAG V . 0.45 -14.30 -66.21
C4 NAG V . 1.39 -13.15 -66.50
C5 NAG V . 2.51 -13.10 -65.45
C6 NAG V . 3.42 -11.91 -65.61
C7 NAG V . -2.20 -15.22 -64.10
C8 NAG V . -2.94 -16.50 -63.82
N2 NAG V . -0.93 -15.35 -64.49
O3 NAG V . -0.63 -14.28 -67.12
O4 NAG V . 1.97 -13.29 -67.79
O5 NAG V . 1.93 -13.02 -64.14
O6 NAG V . 4.17 -11.68 -64.43
O7 NAG V . -2.74 -14.13 -63.97
CL CL W . 22.82 -20.71 -53.11
C01 VTX X . 29.19 -22.58 -16.34
C02 VTX X . 28.09 -22.19 -17.33
C03 VTX X . 27.68 -23.09 -18.27
C04 VTX X . 26.68 -22.74 -19.17
C05 VTX X . 26.09 -21.46 -19.12
C07 VTX X . 23.17 -21.56 -19.73
C08 VTX X . 23.10 -22.33 -18.58
C09 VTX X . 21.90 -22.81 -18.14
C10 VTX X . 20.75 -22.52 -18.83
C11 VTX X . 20.81 -21.76 -19.98
C12 VTX X . 22.01 -21.26 -20.46
C14 VTX X . 22.55 -21.03 -22.89
C15 VTX X . 22.54 -20.17 -24.14
C17 VTX X . 21.12 -18.60 -23.09
C18 VTX X . 21.21 -19.32 -21.75
C19 VTX X . 26.55 -20.58 -18.14
C20 VTX X . 25.95 -19.18 -18.04
C21 VTX X . 27.54 -20.96 -17.27
N13 VTX X . 22.06 -20.46 -21.67
N16 VTX X . 22.41 -18.75 -23.80
S06 VTX X . 24.79 -20.96 -20.29
C1 NAG Y . -38.36 -24.05 -47.12
C2 NAG Y . -39.39 -25.16 -47.04
C3 NAG Y . -40.23 -25.19 -48.32
C4 NAG Y . -40.83 -23.82 -48.59
C5 NAG Y . -39.74 -22.77 -48.62
C6 NAG Y . -40.27 -21.36 -48.77
C7 NAG Y . -38.95 -27.17 -45.70
C8 NAG Y . -38.23 -28.48 -45.62
N2 NAG Y . -38.77 -26.45 -46.81
O3 NAG Y . -41.26 -26.17 -48.19
O4 NAG Y . -41.51 -23.83 -49.84
O5 NAG Y . -39.00 -22.79 -47.39
O6 NAG Y . -39.30 -20.39 -48.41
O7 NAG Y . -39.69 -26.77 -44.78
CL CL Z . -19.67 -10.65 -57.19
C01 VTX AA . 10.62 1.41 -38.90
C02 VTX AA . 9.31 0.66 -38.66
C03 VTX AA . 9.02 -0.46 -39.38
C04 VTX AA . 7.83 -1.14 -39.16
C05 VTX AA . 6.92 -0.68 -38.18
C07 VTX AA . 5.60 -2.95 -36.76
C08 VTX AA . 6.89 -3.23 -36.32
C09 VTX AA . 7.11 -4.29 -35.49
C10 VTX AA . 6.07 -5.07 -35.07
C11 VTX AA . 4.78 -4.81 -35.48
C12 VTX AA . 4.52 -3.73 -36.35
C14 VTX AA . 2.76 -3.79 -38.11
C15 VTX AA . 1.32 -3.51 -38.52
C17 VTX AA . 0.71 -3.19 -36.25
C18 VTX AA . 2.15 -3.30 -35.78
C19 VTX AA . 7.26 0.47 -37.47
C20 VTX AA . 6.32 1.02 -36.40
C21 VTX AA . 8.44 1.11 -37.72
N13 VTX AA . 3.16 -3.45 -36.78
N16 VTX AA . 0.68 -2.57 -37.58
S06 VTX AA . 5.34 -1.54 -37.87
C1 NAG BA . -32.65 -54.35 -15.82
C2 NAG BA . -32.26 -55.81 -15.59
C3 NAG BA . -33.45 -56.73 -15.88
C4 NAG BA . -34.66 -56.29 -15.06
C5 NAG BA . -34.96 -54.82 -15.31
C6 NAG BA . -36.08 -54.29 -14.44
C7 NAG BA . -29.93 -56.53 -15.91
C8 NAG BA . -28.87 -56.88 -16.91
N2 NAG BA . -31.12 -56.18 -16.41
O3 NAG BA . -33.10 -58.07 -15.57
O4 NAG BA . -35.79 -57.08 -15.41
O5 NAG BA . -33.79 -54.03 -15.01
O6 NAG BA . -36.07 -52.87 -14.41
O7 NAG BA . -29.72 -56.55 -14.70
CL CL CA . -42.13 -34.68 -28.17
C01 VTX DA . -26.20 -0.96 -30.68
C02 VTX DA . -26.00 -2.32 -30.02
C03 VTX DA . -25.95 -3.44 -30.79
C04 VTX DA . -25.77 -4.69 -30.19
C05 VTX DA . -25.61 -4.78 -28.79
C07 VTX DA . -23.62 -6.88 -28.05
C08 VTX DA . -22.72 -6.07 -28.73
C09 VTX DA . -21.41 -6.41 -28.80
C10 VTX DA . -20.96 -7.56 -28.22
C11 VTX DA . -21.83 -8.39 -27.54
C12 VTX DA . -23.20 -8.07 -27.44
C14 VTX DA . -25.02 -9.77 -27.45
C15 VTX DA . -25.94 -10.69 -26.67
C17 VTX DA . -24.65 -10.36 -24.72
C18 VTX DA . -23.79 -9.30 -25.38
C19 VTX DA . -25.65 -3.59 -28.05
C20 VTX DA . -25.49 -3.64 -26.53
C21 VTX DA . -25.85 -2.40 -28.68
N13 VTX DA . -24.11 -8.94 -26.73
N16 VTX DA . -26.01 -10.28 -25.26
S06 VTX DA . -25.36 -6.38 -27.96
#